data_3H31
# 
_entry.id   3H31 
# 
_audit_conform.dict_name       mmcif_pdbx.dic 
_audit_conform.dict_version    5.398 
_audit_conform.dict_location   http://mmcif.pdb.org/dictionaries/ascii/mmcif_pdbx.dic 
# 
loop_
_database_2.database_id 
_database_2.database_code 
_database_2.pdbx_database_accession 
_database_2.pdbx_DOI 
PDB   3H31         pdb_00003h31 10.2210/pdb3h31/pdb 
RCSB  RCSB052628   ?            ?                   
WWPDB D_1000052628 ?            ?                   
# 
loop_
_pdbx_audit_revision_history.ordinal 
_pdbx_audit_revision_history.data_content_type 
_pdbx_audit_revision_history.major_revision 
_pdbx_audit_revision_history.minor_revision 
_pdbx_audit_revision_history.revision_date 
1 'Structure model' 1 0 2009-12-15 
2 'Structure model' 1 1 2011-07-13 
3 'Structure model' 1 2 2011-08-24 
4 'Structure model' 1 3 2018-01-24 
5 'Structure model' 1 4 2024-11-13 
# 
_pdbx_audit_revision_details.ordinal             1 
_pdbx_audit_revision_details.revision_ordinal    1 
_pdbx_audit_revision_details.data_content_type   'Structure model' 
_pdbx_audit_revision_details.provider            repository 
_pdbx_audit_revision_details.type                'Initial release' 
_pdbx_audit_revision_details.description         ? 
_pdbx_audit_revision_details.details             ? 
# 
loop_
_pdbx_audit_revision_group.ordinal 
_pdbx_audit_revision_group.revision_ordinal 
_pdbx_audit_revision_group.data_content_type 
_pdbx_audit_revision_group.group 
1 2 'Structure model' 'Version format compliance' 
2 3 'Structure model' 'Database references'       
3 4 'Structure model' 'Experimental preparation'  
4 5 'Structure model' 'Data collection'           
5 5 'Structure model' 'Database references'       
6 5 'Structure model' 'Derived calculations'      
7 5 'Structure model' 'Structure summary'         
# 
loop_
_pdbx_audit_revision_category.ordinal 
_pdbx_audit_revision_category.revision_ordinal 
_pdbx_audit_revision_category.data_content_type 
_pdbx_audit_revision_category.category 
1 4 'Structure model' exptl_crystal_grow        
2 5 'Structure model' chem_comp_atom            
3 5 'Structure model' chem_comp_bond            
4 5 'Structure model' database_2                
5 5 'Structure model' pdbx_entry_details        
6 5 'Structure model' pdbx_modification_feature 
7 5 'Structure model' struct_site               
# 
loop_
_pdbx_audit_revision_item.ordinal 
_pdbx_audit_revision_item.revision_ordinal 
_pdbx_audit_revision_item.data_content_type 
_pdbx_audit_revision_item.item 
1 4 'Structure model' '_exptl_crystal_grow.pdbx_details'             
2 4 'Structure model' '_exptl_crystal_grow.temp'                     
3 5 'Structure model' '_database_2.pdbx_DOI'                         
4 5 'Structure model' '_database_2.pdbx_database_accession'          
5 5 'Structure model' '_pdbx_entry_details.has_protein_modification' 
6 5 'Structure model' '_struct_site.pdbx_auth_asym_id'               
7 5 'Structure model' '_struct_site.pdbx_auth_comp_id'               
8 5 'Structure model' '_struct_site.pdbx_auth_seq_id'                
# 
_pdbx_database_status.status_code                     REL 
_pdbx_database_status.entry_id                        3H31 
_pdbx_database_status.recvd_initial_deposition_date   2009-04-15 
_pdbx_database_status.deposit_site                    RCSB 
_pdbx_database_status.process_site                    PDBJ 
_pdbx_database_status.status_code_sf                  REL 
_pdbx_database_status.status_code_mr                  ? 
_pdbx_database_status.SG_entry                        ? 
_pdbx_database_status.status_code_cs                  ? 
_pdbx_database_status.pdb_format_compatible           Y 
_pdbx_database_status.methods_development_category    ? 
_pdbx_database_status.status_code_nmr_data            ? 
# 
loop_
_audit_author.name 
_audit_author.pdbx_ordinal 
'Stelter, M.'  1 
'Melo, A.M.P.' 2 
'Saraiva, L.'  3 
'Teixeira, M.' 4 
'Archer, M.'   5 
# 
_citation.id                        primary 
_citation.title                     
;Structure at 1.0 A resolution of a high-potential iron-sulfur protein involved in the aerobic respiratory chain of Rhodothermus marinus
;
_citation.journal_abbrev            J.Biol.Inorg.Chem. 
_citation.journal_volume            15 
_citation.page_first                303 
_citation.page_last                 313 
_citation.year                      2010 
_citation.journal_id_ASTM           JJBCFA 
_citation.country                   GW 
_citation.journal_id_ISSN           0949-8257 
_citation.journal_id_CSD            2154 
_citation.book_publisher            ? 
_citation.pdbx_database_id_PubMed   20225399 
_citation.pdbx_database_id_DOI      10.1007/s00775-009-0603-8 
# 
loop_
_citation_author.citation_id 
_citation_author.name 
_citation_author.ordinal 
_citation_author.identifier_ORCID 
primary 'Stelter, M.'         1 ? 
primary 'Melo, A.M.P.'        2 ? 
primary 'Hreggvidsson, G.O.'  3 ? 
primary 'Hjorleifsdottir, S.' 4 ? 
primary 'Saraiva, L.M.'       5 ? 
primary 'Teixeira, M.'        6 ? 
primary 'Archer, M.'          7 ? 
# 
loop_
_entity.id 
_entity.type 
_entity.src_method 
_entity.pdbx_description 
_entity.formula_weight 
_entity.pdbx_number_of_molecules 
_entity.pdbx_ec 
_entity.pdbx_mutation 
_entity.pdbx_fragment 
_entity.details 
1 polymer     man 'High potential iron-sulfur protein' 8100.005 1   ? ? 'UNP residues 54-127' ? 
2 non-polymer syn 'IRON/SULFUR CLUSTER'                351.640  1   ? ? ?                     ? 
3 water       nat water                                18.015   140 ? ? ?                     ? 
# 
_entity_poly.entity_id                      1 
_entity_poly.type                           'polypeptide(L)' 
_entity_poly.nstd_linkage                   no 
_entity_poly.nstd_monomer                   no 
_entity_poly.pdbx_seq_one_letter_code       AELTCTDVSGLTAEEIQMRESLQYTDHSPYPDKTCANCQLYVPAESPDQCGGCQLIKGPIHPNGYCTSWVQKAT 
_entity_poly.pdbx_seq_one_letter_code_can   AELTCTDVSGLTAEEIQMRESLQYTDHSPYPDKTCANCQLYVPAESPDQCGGCQLIKGPIHPNGYCTSWVQKAT 
_entity_poly.pdbx_strand_id                 A 
_entity_poly.pdbx_target_identifier         ? 
# 
loop_
_pdbx_entity_nonpoly.entity_id 
_pdbx_entity_nonpoly.name 
_pdbx_entity_nonpoly.comp_id 
2 'IRON/SULFUR CLUSTER' SF4 
3 water                 HOH 
# 
loop_
_entity_poly_seq.entity_id 
_entity_poly_seq.num 
_entity_poly_seq.mon_id 
_entity_poly_seq.hetero 
1 1  ALA n 
1 2  GLU n 
1 3  LEU n 
1 4  THR n 
1 5  CYS n 
1 6  THR n 
1 7  ASP n 
1 8  VAL n 
1 9  SER n 
1 10 GLY n 
1 11 LEU n 
1 12 THR n 
1 13 ALA n 
1 14 GLU n 
1 15 GLU n 
1 16 ILE n 
1 17 GLN n 
1 18 MET n 
1 19 ARG n 
1 20 GLU n 
1 21 SER n 
1 22 LEU n 
1 23 GLN n 
1 24 TYR n 
1 25 THR n 
1 26 ASP n 
1 27 HIS n 
1 28 SER n 
1 29 PRO n 
1 30 TYR n 
1 31 PRO n 
1 32 ASP n 
1 33 LYS n 
1 34 THR n 
1 35 CYS n 
1 36 ALA n 
1 37 ASN n 
1 38 CYS n 
1 39 GLN n 
1 40 LEU n 
1 41 TYR n 
1 42 VAL n 
1 43 PRO n 
1 44 ALA n 
1 45 GLU n 
1 46 SER n 
1 47 PRO n 
1 48 ASP n 
1 49 GLN n 
1 50 CYS n 
1 51 GLY n 
1 52 GLY n 
1 53 CYS n 
1 54 GLN n 
1 55 LEU n 
1 56 ILE n 
1 57 LYS n 
1 58 GLY n 
1 59 PRO n 
1 60 ILE n 
1 61 HIS n 
1 62 PRO n 
1 63 ASN n 
1 64 GLY n 
1 65 TYR n 
1 66 CYS n 
1 67 THR n 
1 68 SER n 
1 69 TRP n 
1 70 VAL n 
1 71 GLN n 
1 72 LYS n 
1 73 ALA n 
1 74 THR n 
# 
_entity_src_gen.entity_id                          1 
_entity_src_gen.pdbx_src_id                        1 
_entity_src_gen.pdbx_alt_source_flag               sample 
_entity_src_gen.pdbx_seq_type                      ? 
_entity_src_gen.pdbx_beg_seq_num                   ? 
_entity_src_gen.pdbx_end_seq_num                   ? 
_entity_src_gen.gene_src_common_name               ? 
_entity_src_gen.gene_src_genus                     ? 
_entity_src_gen.pdbx_gene_src_gene                 hip 
_entity_src_gen.gene_src_species                   ? 
_entity_src_gen.gene_src_strain                    ITI-378 
_entity_src_gen.gene_src_tissue                    ? 
_entity_src_gen.gene_src_tissue_fraction           ? 
_entity_src_gen.gene_src_details                   ? 
_entity_src_gen.pdbx_gene_src_fragment             ? 
_entity_src_gen.pdbx_gene_src_scientific_name      'Rhodothermus marinus' 
_entity_src_gen.pdbx_gene_src_ncbi_taxonomy_id     29549 
_entity_src_gen.pdbx_gene_src_variant              ? 
_entity_src_gen.pdbx_gene_src_cell_line            ? 
_entity_src_gen.pdbx_gene_src_atcc                 ? 
_entity_src_gen.pdbx_gene_src_organ                ? 
_entity_src_gen.pdbx_gene_src_organelle            ? 
_entity_src_gen.pdbx_gene_src_cell                 ? 
_entity_src_gen.pdbx_gene_src_cellular_location    ? 
_entity_src_gen.host_org_common_name               ? 
_entity_src_gen.pdbx_host_org_scientific_name      'Escherichia coli' 
_entity_src_gen.pdbx_host_org_ncbi_taxonomy_id     562 
_entity_src_gen.host_org_genus                     ? 
_entity_src_gen.pdbx_host_org_gene                 ? 
_entity_src_gen.pdbx_host_org_organ                ? 
_entity_src_gen.host_org_species                   ? 
_entity_src_gen.pdbx_host_org_tissue               ? 
_entity_src_gen.pdbx_host_org_tissue_fraction      ? 
_entity_src_gen.pdbx_host_org_strain               'BL21-GOLD(DE3)' 
_entity_src_gen.pdbx_host_org_variant              ? 
_entity_src_gen.pdbx_host_org_cell_line            ? 
_entity_src_gen.pdbx_host_org_atcc                 ? 
_entity_src_gen.pdbx_host_org_culture_collection   ? 
_entity_src_gen.pdbx_host_org_cell                 ? 
_entity_src_gen.pdbx_host_org_organelle            ? 
_entity_src_gen.pdbx_host_org_cellular_location    ? 
_entity_src_gen.pdbx_host_org_vector_type          plasmid 
_entity_src_gen.pdbx_host_org_vector               ? 
_entity_src_gen.host_org_details                   ? 
_entity_src_gen.expression_system_id               ? 
_entity_src_gen.plasmid_name                       pET12a 
_entity_src_gen.plasmid_details                    ? 
_entity_src_gen.pdbx_description                   ? 
# 
loop_
_chem_comp.id 
_chem_comp.type 
_chem_comp.mon_nstd_flag 
_chem_comp.name 
_chem_comp.pdbx_synonyms 
_chem_comp.formula 
_chem_comp.formula_weight 
ALA 'L-peptide linking' y ALANINE               ? 'C3 H7 N O2'     89.093  
ARG 'L-peptide linking' y ARGININE              ? 'C6 H15 N4 O2 1' 175.209 
ASN 'L-peptide linking' y ASPARAGINE            ? 'C4 H8 N2 O3'    132.118 
ASP 'L-peptide linking' y 'ASPARTIC ACID'       ? 'C4 H7 N O4'     133.103 
CYS 'L-peptide linking' y CYSTEINE              ? 'C3 H7 N O2 S'   121.158 
GLN 'L-peptide linking' y GLUTAMINE             ? 'C5 H10 N2 O3'   146.144 
GLU 'L-peptide linking' y 'GLUTAMIC ACID'       ? 'C5 H9 N O4'     147.129 
GLY 'peptide linking'   y GLYCINE               ? 'C2 H5 N O2'     75.067  
HIS 'L-peptide linking' y HISTIDINE             ? 'C6 H10 N3 O2 1' 156.162 
HOH non-polymer         . WATER                 ? 'H2 O'           18.015  
ILE 'L-peptide linking' y ISOLEUCINE            ? 'C6 H13 N O2'    131.173 
LEU 'L-peptide linking' y LEUCINE               ? 'C6 H13 N O2'    131.173 
LYS 'L-peptide linking' y LYSINE                ? 'C6 H15 N2 O2 1' 147.195 
MET 'L-peptide linking' y METHIONINE            ? 'C5 H11 N O2 S'  149.211 
PRO 'L-peptide linking' y PROLINE               ? 'C5 H9 N O2'     115.130 
SER 'L-peptide linking' y SERINE                ? 'C3 H7 N O3'     105.093 
SF4 non-polymer         . 'IRON/SULFUR CLUSTER' ? 'Fe4 S4'         351.640 
THR 'L-peptide linking' y THREONINE             ? 'C4 H9 N O3'     119.119 
TRP 'L-peptide linking' y TRYPTOPHAN            ? 'C11 H12 N2 O2'  204.225 
TYR 'L-peptide linking' y TYROSINE              ? 'C9 H11 N O3'    181.189 
VAL 'L-peptide linking' y VALINE                ? 'C5 H11 N O2'    117.146 
# 
loop_
_pdbx_poly_seq_scheme.asym_id 
_pdbx_poly_seq_scheme.entity_id 
_pdbx_poly_seq_scheme.seq_id 
_pdbx_poly_seq_scheme.mon_id 
_pdbx_poly_seq_scheme.ndb_seq_num 
_pdbx_poly_seq_scheme.pdb_seq_num 
_pdbx_poly_seq_scheme.auth_seq_num 
_pdbx_poly_seq_scheme.pdb_mon_id 
_pdbx_poly_seq_scheme.auth_mon_id 
_pdbx_poly_seq_scheme.pdb_strand_id 
_pdbx_poly_seq_scheme.pdb_ins_code 
_pdbx_poly_seq_scheme.hetero 
A 1 1  ALA 1  1  1  ALA ALA A . n 
A 1 2  GLU 2  2  2  GLU GLU A . n 
A 1 3  LEU 3  3  3  LEU LEU A . n 
A 1 4  THR 4  4  4  THR THR A . n 
A 1 5  CYS 5  5  5  CYS CYS A . n 
A 1 6  THR 6  6  6  THR THR A . n 
A 1 7  ASP 7  7  7  ASP ASP A . n 
A 1 8  VAL 8  8  8  VAL VAL A . n 
A 1 9  SER 9  9  9  SER SER A . n 
A 1 10 GLY 10 10 10 GLY GLY A . n 
A 1 11 LEU 11 11 11 LEU LEU A . n 
A 1 12 THR 12 12 12 THR THR A . n 
A 1 13 ALA 13 13 13 ALA ALA A . n 
A 1 14 GLU 14 14 14 GLU GLU A . n 
A 1 15 GLU 15 15 15 GLU GLU A . n 
A 1 16 ILE 16 16 16 ILE ILE A . n 
A 1 17 GLN 17 17 17 GLN GLN A . n 
A 1 18 MET 18 18 18 MET MET A . n 
A 1 19 ARG 19 19 19 ARG ARG A . n 
A 1 20 GLU 20 20 20 GLU GLU A . n 
A 1 21 SER 21 21 21 SER SER A . n 
A 1 22 LEU 22 22 22 LEU LEU A . n 
A 1 23 GLN 23 23 23 GLN GLN A . n 
A 1 24 TYR 24 24 24 TYR TYR A . n 
A 1 25 THR 25 25 25 THR THR A . n 
A 1 26 ASP 26 26 26 ASP ASP A . n 
A 1 27 HIS 27 27 27 HIS HIS A . n 
A 1 28 SER 28 28 28 SER SER A . n 
A 1 29 PRO 29 29 29 PRO PRO A . n 
A 1 30 TYR 30 30 30 TYR TYR A . n 
A 1 31 PRO 31 31 31 PRO PRO A . n 
A 1 32 ASP 32 32 32 ASP ASP A . n 
A 1 33 LYS 33 33 33 LYS LYS A . n 
A 1 34 THR 34 34 34 THR THR A . n 
A 1 35 CYS 35 35 35 CYS CYS A . n 
A 1 36 ALA 36 36 36 ALA ALA A . n 
A 1 37 ASN 37 37 37 ASN ASN A . n 
A 1 38 CYS 38 38 38 CYS CYS A . n 
A 1 39 GLN 39 39 39 GLN GLN A . n 
A 1 40 LEU 40 40 40 LEU LEU A . n 
A 1 41 TYR 41 41 41 TYR TYR A . n 
A 1 42 VAL 42 42 42 VAL VAL A . n 
A 1 43 PRO 43 43 43 PRO PRO A . n 
A 1 44 ALA 44 44 44 ALA ALA A . n 
A 1 45 GLU 45 45 45 GLU GLU A . n 
A 1 46 SER 46 46 46 SER SER A . n 
A 1 47 PRO 47 47 47 PRO PRO A . n 
A 1 48 ASP 48 48 48 ASP ASP A . n 
A 1 49 GLN 49 49 49 GLN GLN A . n 
A 1 50 CYS 50 50 50 CYS CYS A . n 
A 1 51 GLY 51 51 51 GLY GLY A . n 
A 1 52 GLY 52 52 52 GLY GLY A . n 
A 1 53 CYS 53 53 53 CYS CYS A . n 
A 1 54 GLN 54 54 54 GLN GLN A . n 
A 1 55 LEU 55 55 55 LEU LEU A . n 
A 1 56 ILE 56 56 56 ILE ILE A . n 
A 1 57 LYS 57 57 57 LYS LYS A . n 
A 1 58 GLY 58 58 58 GLY GLY A . n 
A 1 59 PRO 59 59 59 PRO PRO A . n 
A 1 60 ILE 60 60 60 ILE ILE A . n 
A 1 61 HIS 61 61 61 HIS HIS A . n 
A 1 62 PRO 62 62 62 PRO PRO A . n 
A 1 63 ASN 63 63 63 ASN ASN A . n 
A 1 64 GLY 64 64 64 GLY GLY A . n 
A 1 65 TYR 65 65 65 TYR TYR A . n 
A 1 66 CYS 66 66 66 CYS CYS A . n 
A 1 67 THR 67 67 67 THR THR A . n 
A 1 68 SER 68 68 68 SER SER A . n 
A 1 69 TRP 69 69 69 TRP TRP A . n 
A 1 70 VAL 70 70 70 VAL VAL A . n 
A 1 71 GLN 71 71 71 GLN GLN A . n 
A 1 72 LYS 72 72 72 LYS LYS A . n 
A 1 73 ALA 73 73 73 ALA ALA A . n 
A 1 74 THR 74 74 74 THR THR A . n 
# 
loop_
_pdbx_nonpoly_scheme.asym_id 
_pdbx_nonpoly_scheme.entity_id 
_pdbx_nonpoly_scheme.mon_id 
_pdbx_nonpoly_scheme.ndb_seq_num 
_pdbx_nonpoly_scheme.pdb_seq_num 
_pdbx_nonpoly_scheme.auth_seq_num 
_pdbx_nonpoly_scheme.pdb_mon_id 
_pdbx_nonpoly_scheme.auth_mon_id 
_pdbx_nonpoly_scheme.pdb_strand_id 
_pdbx_nonpoly_scheme.pdb_ins_code 
B 2 SF4 1   75  1   SF4 SF4 A . 
C 3 HOH 1   76  76  HOH HOH A . 
C 3 HOH 2   77  77  HOH HOH A . 
C 3 HOH 3   78  78  HOH HOH A . 
C 3 HOH 4   79  79  HOH HOH A . 
C 3 HOH 5   80  80  HOH HOH A . 
C 3 HOH 6   81  81  HOH HOH A . 
C 3 HOH 7   82  82  HOH HOH A . 
C 3 HOH 8   83  83  HOH HOH A . 
C 3 HOH 9   84  84  HOH HOH A . 
C 3 HOH 10  85  85  HOH HOH A . 
C 3 HOH 11  86  86  HOH HOH A . 
C 3 HOH 12  87  87  HOH HOH A . 
C 3 HOH 13  88  88  HOH HOH A . 
C 3 HOH 14  89  89  HOH HOH A . 
C 3 HOH 15  90  90  HOH HOH A . 
C 3 HOH 16  91  91  HOH HOH A . 
C 3 HOH 17  92  92  HOH HOH A . 
C 3 HOH 18  93  93  HOH HOH A . 
C 3 HOH 19  94  94  HOH HOH A . 
C 3 HOH 20  95  95  HOH HOH A . 
C 3 HOH 21  96  96  HOH HOH A . 
C 3 HOH 22  97  97  HOH HOH A . 
C 3 HOH 23  98  98  HOH HOH A . 
C 3 HOH 24  99  99  HOH HOH A . 
C 3 HOH 25  100 100 HOH HOH A . 
C 3 HOH 26  101 101 HOH HOH A . 
C 3 HOH 27  102 102 HOH HOH A . 
C 3 HOH 28  103 103 HOH HOH A . 
C 3 HOH 29  104 104 HOH HOH A . 
C 3 HOH 30  105 105 HOH HOH A . 
C 3 HOH 31  106 106 HOH HOH A . 
C 3 HOH 32  107 107 HOH HOH A . 
C 3 HOH 33  108 108 HOH HOH A . 
C 3 HOH 34  109 109 HOH HOH A . 
C 3 HOH 35  110 110 HOH HOH A . 
C 3 HOH 36  111 111 HOH HOH A . 
C 3 HOH 37  112 112 HOH HOH A . 
C 3 HOH 38  113 113 HOH HOH A . 
C 3 HOH 39  114 114 HOH HOH A . 
C 3 HOH 40  115 115 HOH HOH A . 
C 3 HOH 41  116 116 HOH HOH A . 
C 3 HOH 42  117 117 HOH HOH A . 
C 3 HOH 43  118 118 HOH HOH A . 
C 3 HOH 44  119 119 HOH HOH A . 
C 3 HOH 45  120 120 HOH HOH A . 
C 3 HOH 46  121 121 HOH HOH A . 
C 3 HOH 47  122 122 HOH HOH A . 
C 3 HOH 48  123 123 HOH HOH A . 
C 3 HOH 49  124 124 HOH HOH A . 
C 3 HOH 50  125 125 HOH HOH A . 
C 3 HOH 51  126 126 HOH HOH A . 
C 3 HOH 52  127 127 HOH HOH A . 
C 3 HOH 53  128 128 HOH HOH A . 
C 3 HOH 54  129 129 HOH HOH A . 
C 3 HOH 55  130 130 HOH HOH A . 
C 3 HOH 56  131 131 HOH HOH A . 
C 3 HOH 57  132 132 HOH HOH A . 
C 3 HOH 58  133 133 HOH HOH A . 
C 3 HOH 59  134 134 HOH HOH A . 
C 3 HOH 60  135 135 HOH HOH A . 
C 3 HOH 61  136 136 HOH HOH A . 
C 3 HOH 62  137 137 HOH HOH A . 
C 3 HOH 63  138 138 HOH HOH A . 
C 3 HOH 64  139 139 HOH HOH A . 
C 3 HOH 65  140 140 HOH HOH A . 
C 3 HOH 66  141 1   HOH HOH A . 
C 3 HOH 67  142 2   HOH HOH A . 
C 3 HOH 68  143 3   HOH HOH A . 
C 3 HOH 69  144 4   HOH HOH A . 
C 3 HOH 70  145 5   HOH HOH A . 
C 3 HOH 71  146 6   HOH HOH A . 
C 3 HOH 72  147 7   HOH HOH A . 
C 3 HOH 73  148 8   HOH HOH A . 
C 3 HOH 74  149 9   HOH HOH A . 
C 3 HOH 75  150 10  HOH HOH A . 
C 3 HOH 76  151 11  HOH HOH A . 
C 3 HOH 77  152 12  HOH HOH A . 
C 3 HOH 78  153 13  HOH HOH A . 
C 3 HOH 79  154 14  HOH HOH A . 
C 3 HOH 80  155 15  HOH HOH A . 
C 3 HOH 81  156 16  HOH HOH A . 
C 3 HOH 82  157 17  HOH HOH A . 
C 3 HOH 83  158 18  HOH HOH A . 
C 3 HOH 84  159 19  HOH HOH A . 
C 3 HOH 85  160 20  HOH HOH A . 
C 3 HOH 86  161 21  HOH HOH A . 
C 3 HOH 87  162 22  HOH HOH A . 
C 3 HOH 88  163 23  HOH HOH A . 
C 3 HOH 89  164 24  HOH HOH A . 
C 3 HOH 90  165 25  HOH HOH A . 
C 3 HOH 91  166 26  HOH HOH A . 
C 3 HOH 92  167 27  HOH HOH A . 
C 3 HOH 93  168 28  HOH HOH A . 
C 3 HOH 94  169 29  HOH HOH A . 
C 3 HOH 95  170 30  HOH HOH A . 
C 3 HOH 96  171 31  HOH HOH A . 
C 3 HOH 97  172 32  HOH HOH A . 
C 3 HOH 98  173 33  HOH HOH A . 
C 3 HOH 99  174 34  HOH HOH A . 
C 3 HOH 100 175 35  HOH HOH A . 
C 3 HOH 101 176 36  HOH HOH A . 
C 3 HOH 102 177 37  HOH HOH A . 
C 3 HOH 103 178 38  HOH HOH A . 
C 3 HOH 104 179 39  HOH HOH A . 
C 3 HOH 105 180 40  HOH HOH A . 
C 3 HOH 106 181 41  HOH HOH A . 
C 3 HOH 107 182 42  HOH HOH A . 
C 3 HOH 108 183 43  HOH HOH A . 
C 3 HOH 109 184 44  HOH HOH A . 
C 3 HOH 110 185 45  HOH HOH A . 
C 3 HOH 111 186 46  HOH HOH A . 
C 3 HOH 112 187 47  HOH HOH A . 
C 3 HOH 113 188 48  HOH HOH A . 
C 3 HOH 114 189 49  HOH HOH A . 
C 3 HOH 115 190 50  HOH HOH A . 
C 3 HOH 116 191 51  HOH HOH A . 
C 3 HOH 117 192 52  HOH HOH A . 
C 3 HOH 118 193 53  HOH HOH A . 
C 3 HOH 119 194 54  HOH HOH A . 
C 3 HOH 120 195 55  HOH HOH A . 
C 3 HOH 121 196 56  HOH HOH A . 
C 3 HOH 122 197 57  HOH HOH A . 
C 3 HOH 123 198 58  HOH HOH A . 
C 3 HOH 124 199 59  HOH HOH A . 
C 3 HOH 125 200 60  HOH HOH A . 
C 3 HOH 126 201 61  HOH HOH A . 
C 3 HOH 127 202 62  HOH HOH A . 
C 3 HOH 128 203 63  HOH HOH A . 
C 3 HOH 129 204 64  HOH HOH A . 
C 3 HOH 130 205 65  HOH HOH A . 
C 3 HOH 131 206 66  HOH HOH A . 
C 3 HOH 132 207 67  HOH HOH A . 
C 3 HOH 133 208 68  HOH HOH A . 
C 3 HOH 134 209 69  HOH HOH A . 
C 3 HOH 135 210 70  HOH HOH A . 
C 3 HOH 136 211 71  HOH HOH A . 
C 3 HOH 137 212 72  HOH HOH A . 
C 3 HOH 138 213 73  HOH HOH A . 
C 3 HOH 139 214 74  HOH HOH A . 
C 3 HOH 140 215 75  HOH HOH A . 
# 
loop_
_software.name 
_software.classification 
_software.version 
_software.citation_id 
_software.pdbx_ordinal 
_software.date 
_software.type 
_software.location 
_software.language 
MAR345dtb 'data collection' . ? 1 ? ? ? ? 
SHELX     'model building'  . ? 2 ? ? ? ? 
SHELXL-97 refinement        . ? 3 ? ? ? ? 
MOSFLM    'data reduction'  . ? 4 ? ? ? ? 
SCALA     'data scaling'    . ? 5 ? ? ? ? 
SHELX     phasing           . ? 6 ? ? ? ? 
# 
_cell.entry_id           3H31 
_cell.length_a           27.267 
_cell.length_b           43.343 
_cell.length_c           46.787 
_cell.angle_alpha        90.00 
_cell.angle_beta         90.00 
_cell.angle_gamma        90.00 
_cell.Z_PDB              4 
_cell.pdbx_unique_axis   ? 
_cell.length_a_esd       ? 
_cell.length_b_esd       ? 
_cell.length_c_esd       ? 
_cell.angle_alpha_esd    ? 
_cell.angle_beta_esd     ? 
_cell.angle_gamma_esd    ? 
# 
_symmetry.entry_id                         3H31 
_symmetry.space_group_name_H-M             'P 21 21 21' 
_symmetry.pdbx_full_space_group_name_H-M   ? 
_symmetry.cell_setting                     ? 
_symmetry.Int_Tables_number                19 
_symmetry.space_group_name_Hall            ? 
# 
_exptl.entry_id          3H31 
_exptl.method            'X-RAY DIFFRACTION' 
_exptl.crystals_number   2 
# 
_exptl_crystal.id                    1 
_exptl_crystal.density_meas          ? 
_exptl_crystal.density_Matthews      1.71 
_exptl_crystal.density_percent_sol   27.93 
_exptl_crystal.description           ? 
_exptl_crystal.F_000                 ? 
_exptl_crystal.preparation           ? 
# 
_exptl_crystal_grow.crystal_id      1 
_exptl_crystal_grow.method          'VAPOR DIFFUSION, HANGING DROP' 
_exptl_crystal_grow.temp            293 
_exptl_crystal_grow.temp_details    ? 
_exptl_crystal_grow.pH              4 
_exptl_crystal_grow.pdbx_details    
'ammonium sulfate, dioxane, sodium citrate, pH 4, VAPOR DIFFUSION, HANGING DROP, temperature 293K' 
_exptl_crystal_grow.pdbx_pH_range   ? 
# 
loop_
_diffrn.id 
_diffrn.ambient_temp 
_diffrn.ambient_temp_details 
_diffrn.crystal_id 
1 100 ? 1 
2 100 ? 1 
# 
loop_
_diffrn_detector.diffrn_id 
_diffrn_detector.detector 
_diffrn_detector.type 
_diffrn_detector.pdbx_collection_date 
_diffrn_detector.details 
1 CCD           'MARMOSAIC 225 mm CCD' 2007-01-16 ? 
2 'IMAGE PLATE' MARRESEARCH            2006-08-06 ? 
# 
loop_
_diffrn_radiation.diffrn_id 
_diffrn_radiation.wavelength_id 
_diffrn_radiation.pdbx_monochromatic_or_laue_m_l 
_diffrn_radiation.monochromator 
_diffrn_radiation.pdbx_diffrn_protocol 
_diffrn_radiation.pdbx_scattering_type 
1 1 M 'si 111' 'SINGLE WAVELENGTH' x-ray 
2 1 M Mirrors  'SINGLE WAVELENGTH' x-ray 
# 
loop_
_diffrn_radiation_wavelength.id 
_diffrn_radiation_wavelength.wavelength 
_diffrn_radiation_wavelength.wt 
1 0.918 1.0 
2 1.541 1.0 
# 
loop_
_diffrn_source.diffrn_id 
_diffrn_source.source 
_diffrn_source.type 
_diffrn_source.pdbx_synchrotron_site 
_diffrn_source.pdbx_synchrotron_beamline 
_diffrn_source.pdbx_wavelength 
_diffrn_source.pdbx_wavelength_list 
1 SYNCHROTRON      'SLS BEAMLINE X06SA' SLS X06SA ? 0.918 
2 'ROTATING ANODE' 'ENRAF-NONIUS FR571' ?   ?     ? 1.541 
# 
_reflns.entry_id                     3H31 
_reflns.observed_criterion_sigma_I   1 
_reflns.observed_criterion_sigma_F   1 
_reflns.d_resolution_low             46.8 
_reflns.d_resolution_high            1.0 
_reflns.number_obs                   30715 
_reflns.number_all                   ? 
_reflns.percent_possible_obs         100 
_reflns.pdbx_Rmerge_I_obs            0.128 
_reflns.pdbx_Rsym_value              0.128 
_reflns.pdbx_netI_over_sigmaI        9.2 
_reflns.B_iso_Wilson_estimate        5.05 
_reflns.pdbx_redundancy              4.6 
_reflns.R_free_details               ? 
_reflns.limit_h_max                  ? 
_reflns.limit_h_min                  ? 
_reflns.limit_k_max                  ? 
_reflns.limit_k_min                  ? 
_reflns.limit_l_max                  ? 
_reflns.limit_l_min                  ? 
_reflns.observed_criterion_F_max     ? 
_reflns.observed_criterion_F_min     ? 
_reflns.pdbx_chi_squared             ? 
_reflns.pdbx_scaling_rejects         ? 
_reflns.pdbx_ordinal                 1 
_reflns.pdbx_diffrn_id               1,2 
# 
_reflns_shell.d_res_high             1.0 
_reflns_shell.d_res_low              1.05 
_reflns_shell.percent_possible_all   100 
_reflns_shell.Rmerge_I_obs           0.396 
_reflns_shell.pdbx_Rsym_value        0.396 
_reflns_shell.meanI_over_sigI_obs    2.9 
_reflns_shell.pdbx_redundancy        3.9 
_reflns_shell.percent_possible_obs   ? 
_reflns_shell.number_unique_all      4410 
_reflns_shell.number_measured_all    ? 
_reflns_shell.number_measured_obs    ? 
_reflns_shell.number_unique_obs      ? 
_reflns_shell.pdbx_chi_squared       ? 
_reflns_shell.pdbx_ordinal           1 
_reflns_shell.pdbx_diffrn_id         1,2 
# 
_refine.entry_id                                 3H31 
_refine.ls_number_reflns_obs                     30715 
_refine.ls_number_reflns_all                     55765 
_refine.pdbx_ls_sigma_I                          ? 
_refine.pdbx_ls_sigma_F                          0.0 
_refine.pdbx_data_cutoff_high_absF               ? 
_refine.pdbx_data_cutoff_low_absF                ? 
_refine.pdbx_data_cutoff_high_rms_absF           ? 
_refine.ls_d_res_low                             10.00 
_refine.ls_d_res_high                            1.00 
_refine.ls_percent_reflns_obs                    100.0 
_refine.ls_R_factor_obs                          0.1044 
_refine.ls_R_factor_all                          ? 
_refine.ls_R_factor_R_work                       0.1044 
_refine.ls_R_factor_R_free                       0.144 
_refine.ls_R_factor_R_free_error                 ? 
_refine.ls_R_factor_R_free_error_details         ? 
_refine.ls_percent_reflns_R_free                 ? 
_refine.ls_number_reflns_R_free                  521 
_refine.ls_number_parameters                     7289 
_refine.ls_number_restraints                     9514 
_refine.occupancy_min                            ? 
_refine.occupancy_max                            ? 
_refine.correlation_coeff_Fo_to_Fc               ? 
_refine.correlation_coeff_Fo_to_Fc_free          ? 
_refine.B_iso_mean                               10.0 
_refine.aniso_B[1][1]                            ? 
_refine.aniso_B[2][2]                            ? 
_refine.aniso_B[3][3]                            ? 
_refine.aniso_B[1][2]                            ? 
_refine.aniso_B[1][3]                            ? 
_refine.aniso_B[2][3]                            ? 
_refine.solvent_model_details                    ? 
_refine.solvent_model_param_ksol                 ? 
_refine.solvent_model_param_bsol                 ? 
_refine.pdbx_solvent_vdw_probe_radii             ? 
_refine.pdbx_solvent_ion_probe_radii             ? 
_refine.pdbx_solvent_shrinkage_radii             ? 
_refine.pdbx_ls_cross_valid_method               THROUGHOUT 
_refine.details                                  ? 
_refine.pdbx_starting_model                      ? 
_refine.pdbx_method_to_determine_struct          SAD 
_refine.pdbx_isotropic_thermal_model             Anisotropic 
_refine.pdbx_stereochemistry_target_values       'Engh & Huber' 
_refine.pdbx_stereochem_target_val_spec_case     ? 
_refine.pdbx_R_Free_selection_details            RANDOM 
_refine.pdbx_overall_ESU_R                       ? 
_refine.pdbx_overall_ESU_R_Free                  ? 
_refine.overall_SU_ML                            ? 
_refine.overall_SU_B                             ? 
_refine.ls_redundancy_reflns_obs                 ? 
_refine.B_iso_min                                ? 
_refine.B_iso_max                                ? 
_refine.overall_SU_R_Cruickshank_DPI             ? 
_refine.overall_SU_R_free                        ? 
_refine.ls_wR_factor_R_free                      ? 
_refine.ls_wR_factor_R_work                      ? 
_refine.overall_FOM_free_R_set                   ? 
_refine.overall_FOM_work_R_set                   ? 
_refine.pdbx_overall_phase_error                 ? 
_refine.pdbx_refine_id                           'X-RAY DIFFRACTION' 
_refine.pdbx_diffrn_id                           1,2 
_refine.pdbx_TLS_residual_ADP_flag               ? 
_refine.pdbx_overall_SU_R_free_Cruickshank_DPI   ? 
_refine.pdbx_overall_SU_R_Blow_DPI               ? 
_refine.pdbx_overall_SU_R_free_Blow_DPI          ? 
# 
_refine_analyze.entry_id                        3H31 
_refine_analyze.Luzzati_coordinate_error_obs    ? 
_refine_analyze.Luzzati_sigma_a_obs             ? 
_refine_analyze.Luzzati_d_res_low_obs           ? 
_refine_analyze.Luzzati_coordinate_error_free   ? 
_refine_analyze.Luzzati_sigma_a_free            ? 
_refine_analyze.Luzzati_d_res_low_free          ? 
_refine_analyze.number_disordered_residues      18 
_refine_analyze.occupancy_sum_hydrogen          482.00 
_refine_analyze.occupancy_sum_non_hydrogen      690.59 
_refine_analyze.pdbx_Luzzati_d_res_high_obs     ? 
_refine_analyze.pdbx_refine_id                  'X-RAY DIFFRACTION' 
# 
_refine_hist.pdbx_refine_id                   'X-RAY DIFFRACTION' 
_refine_hist.cycle_id                         LAST 
_refine_hist.pdbx_number_atoms_protein        563 
_refine_hist.pdbx_number_atoms_nucleic_acid   0 
_refine_hist.pdbx_number_atoms_ligand         8 
_refine_hist.number_atoms_solvent             140 
_refine_hist.number_atoms_total               711 
_refine_hist.d_res_high                       1.00 
_refine_hist.d_res_low                        10.00 
# 
loop_
_refine_ls_restr.type 
_refine_ls_restr.dev_ideal 
_refine_ls_restr.dev_ideal_target 
_refine_ls_restr.weight 
_refine_ls_restr.number 
_refine_ls_restr.pdbx_refine_id 
_refine_ls_restr.pdbx_restraint_function 
s_bond_d               0.017  ? ? ? 'X-RAY DIFFRACTION' ? 
s_angle_d              0.042  ? ? ? 'X-RAY DIFFRACTION' ? 
s_similar_dist         0.000  ? ? ? 'X-RAY DIFFRACTION' ? 
s_from_restr_planes    0.0328 ? ? ? 'X-RAY DIFFRACTION' ? 
s_zero_chiral_vol      0.120  ? ? ? 'X-RAY DIFFRACTION' ? 
s_non_zero_chiral_vol  0.111  ? ? ? 'X-RAY DIFFRACTION' ? 
s_anti_bump_dis_restr  0.053  ? ? ? 'X-RAY DIFFRACTION' ? 
s_rigid_bond_adp_cmpnt 0.007  ? ? ? 'X-RAY DIFFRACTION' ? 
s_similar_adp_cmpnt    0.051  ? ? ? 'X-RAY DIFFRACTION' ? 
s_approx_iso_adps      0.095  ? ? ? 'X-RAY DIFFRACTION' ? 
# 
_pdbx_refine.entry_id                                    3H31 
_pdbx_refine.R_factor_all_no_cutoff                      0.1044 
_pdbx_refine.R_factor_obs_no_cutoff                      ? 
_pdbx_refine.free_R_factor_no_cutoff                     ? 
_pdbx_refine.free_R_error_no_cutoff                      ? 
_pdbx_refine.free_R_val_test_set_size_perc_no_cutoff     ? 
_pdbx_refine.free_R_val_test_set_ct_no_cutoff            ? 
_pdbx_refine.R_factor_all_4sig_cutoff                    0.0851 
_pdbx_refine.R_factor_obs_4sig_cutoff                    ? 
_pdbx_refine.free_R_factor_4sig_cutoff                   ? 
_pdbx_refine.free_R_val_test_set_size_perc_4sig_cutoff   ? 
_pdbx_refine.free_R_val_test_set_ct_4sig_cutoff          ? 
_pdbx_refine.number_reflns_obs_4sig_cutoff               42735 
_pdbx_refine.pdbx_refine_id                              'X-RAY DIFFRACTION' 
# 
_struct.entry_id                  3H31 
_struct.title                     'Structure of Rhodothermus marinus HiPIP at 1.0 A resolution' 
_struct.pdbx_model_details        ? 
_struct.pdbx_CASP_flag            ? 
_struct.pdbx_model_type_details   ? 
# 
_struct_keywords.entry_id        3H31 
_struct_keywords.pdbx_keywords   'ELECTRON TRANSPORT' 
_struct_keywords.text            'Iron-sulfur protein, ELECTRON TRANSPORT, Iron, Metal-binding, Transport' 
# 
loop_
_struct_asym.id 
_struct_asym.pdbx_blank_PDB_chainid_flag 
_struct_asym.pdbx_modified 
_struct_asym.entity_id 
_struct_asym.details 
A N N 1 ? 
B N N 2 ? 
C N N 3 ? 
# 
_struct_ref.id                         1 
_struct_ref.db_name                    UNP 
_struct_ref.db_code                    C4P582_RHOMR 
_struct_ref.pdbx_db_accession          C4P582 
_struct_ref.entity_id                  1 
_struct_ref.pdbx_align_begin           54 
_struct_ref.pdbx_seq_one_letter_code   AELTCTDVSGLTAEEIQMRESLQYTDHSPYPDKTCANCQLYVPAESPDQCGGCQLIKGPIHPNGYCTSWVQKAT 
_struct_ref.pdbx_db_isoform            ? 
# 
_struct_ref_seq.align_id                      1 
_struct_ref_seq.ref_id                        1 
_struct_ref_seq.pdbx_PDB_id_code              3H31 
_struct_ref_seq.pdbx_strand_id                A 
_struct_ref_seq.seq_align_beg                 1 
_struct_ref_seq.pdbx_seq_align_beg_ins_code   ? 
_struct_ref_seq.seq_align_end                 74 
_struct_ref_seq.pdbx_seq_align_end_ins_code   ? 
_struct_ref_seq.pdbx_db_accession             C4P582 
_struct_ref_seq.db_align_beg                  54 
_struct_ref_seq.pdbx_db_align_beg_ins_code    ? 
_struct_ref_seq.db_align_end                  127 
_struct_ref_seq.pdbx_db_align_end_ins_code    ? 
_struct_ref_seq.pdbx_auth_seq_align_beg       1 
_struct_ref_seq.pdbx_auth_seq_align_end       74 
# 
_pdbx_struct_assembly.id                   1 
_pdbx_struct_assembly.details              author_defined_assembly 
_pdbx_struct_assembly.method_details       ? 
_pdbx_struct_assembly.oligomeric_details   monomeric 
_pdbx_struct_assembly.oligomeric_count     1 
# 
_pdbx_struct_assembly_gen.assembly_id       1 
_pdbx_struct_assembly_gen.oper_expression   1 
_pdbx_struct_assembly_gen.asym_id_list      A,B,C 
# 
_pdbx_struct_oper_list.id                   1 
_pdbx_struct_oper_list.type                 'identity operation' 
_pdbx_struct_oper_list.name                 1_555 
_pdbx_struct_oper_list.symmetry_operation   x,y,z 
_pdbx_struct_oper_list.matrix[1][1]         1.0000000000 
_pdbx_struct_oper_list.matrix[1][2]         0.0000000000 
_pdbx_struct_oper_list.matrix[1][3]         0.0000000000 
_pdbx_struct_oper_list.vector[1]            0.0000000000 
_pdbx_struct_oper_list.matrix[2][1]         0.0000000000 
_pdbx_struct_oper_list.matrix[2][2]         1.0000000000 
_pdbx_struct_oper_list.matrix[2][3]         0.0000000000 
_pdbx_struct_oper_list.vector[2]            0.0000000000 
_pdbx_struct_oper_list.matrix[3][1]         0.0000000000 
_pdbx_struct_oper_list.matrix[3][2]         0.0000000000 
_pdbx_struct_oper_list.matrix[3][3]         1.0000000000 
_pdbx_struct_oper_list.vector[3]            0.0000000000 
# 
loop_
_struct_conf.conf_type_id 
_struct_conf.id 
_struct_conf.pdbx_PDB_helix_id 
_struct_conf.beg_label_comp_id 
_struct_conf.beg_label_asym_id 
_struct_conf.beg_label_seq_id 
_struct_conf.pdbx_beg_PDB_ins_code 
_struct_conf.end_label_comp_id 
_struct_conf.end_label_asym_id 
_struct_conf.end_label_seq_id 
_struct_conf.pdbx_end_PDB_ins_code 
_struct_conf.beg_auth_comp_id 
_struct_conf.beg_auth_asym_id 
_struct_conf.beg_auth_seq_id 
_struct_conf.end_auth_comp_id 
_struct_conf.end_auth_asym_id 
_struct_conf.end_auth_seq_id 
_struct_conf.pdbx_PDB_helix_class 
_struct_conf.details 
_struct_conf.pdbx_PDB_helix_length 
HELX_P HELX_P1 1 THR A 12 ? LEU A 22 ? THR A 12 LEU A 22 1 ? 11 
HELX_P HELX_P2 2 THR A 34 ? CYS A 38 ? THR A 34 CYS A 38 5 ? 5  
# 
_struct_conf_type.id          HELX_P 
_struct_conf_type.criteria    ? 
_struct_conf_type.reference   ? 
# 
loop_
_struct_conn.id 
_struct_conn.conn_type_id 
_struct_conn.pdbx_leaving_atom_flag 
_struct_conn.pdbx_PDB_id 
_struct_conn.ptnr1_label_asym_id 
_struct_conn.ptnr1_label_comp_id 
_struct_conn.ptnr1_label_seq_id 
_struct_conn.ptnr1_label_atom_id 
_struct_conn.pdbx_ptnr1_label_alt_id 
_struct_conn.pdbx_ptnr1_PDB_ins_code 
_struct_conn.pdbx_ptnr1_standard_comp_id 
_struct_conn.ptnr1_symmetry 
_struct_conn.ptnr2_label_asym_id 
_struct_conn.ptnr2_label_comp_id 
_struct_conn.ptnr2_label_seq_id 
_struct_conn.ptnr2_label_atom_id 
_struct_conn.pdbx_ptnr2_label_alt_id 
_struct_conn.pdbx_ptnr2_PDB_ins_code 
_struct_conn.ptnr1_auth_asym_id 
_struct_conn.ptnr1_auth_comp_id 
_struct_conn.ptnr1_auth_seq_id 
_struct_conn.ptnr2_auth_asym_id 
_struct_conn.ptnr2_auth_comp_id 
_struct_conn.ptnr2_auth_seq_id 
_struct_conn.ptnr2_symmetry 
_struct_conn.pdbx_ptnr3_label_atom_id 
_struct_conn.pdbx_ptnr3_label_seq_id 
_struct_conn.pdbx_ptnr3_label_comp_id 
_struct_conn.pdbx_ptnr3_label_asym_id 
_struct_conn.pdbx_ptnr3_label_alt_id 
_struct_conn.pdbx_ptnr3_PDB_ins_code 
_struct_conn.details 
_struct_conn.pdbx_dist_value 
_struct_conn.pdbx_value_order 
_struct_conn.pdbx_role 
disulf1 disulf ? ? A CYS 5  SG ? ? ? 1_555 A CYS 50 SG  ? ? A CYS 5  A CYS 50 1_555 ? ? ? ? ? ? ? 2.033 ? ? 
metalc1 metalc ? ? A CYS 35 SG ? ? ? 1_555 B SF4 .  FE2 ? ? A CYS 35 A SF4 75 1_555 ? ? ? ? ? ? ? 2.260 ? ? 
metalc2 metalc ? ? A CYS 38 SG ? ? ? 1_555 B SF4 .  FE4 ? ? A CYS 38 A SF4 75 1_555 ? ? ? ? ? ? ? 2.269 ? ? 
metalc3 metalc ? ? A CYS 53 SG ? ? ? 1_555 B SF4 .  FE1 ? ? A CYS 53 A SF4 75 1_555 ? ? ? ? ? ? ? 2.258 ? ? 
metalc4 metalc ? ? A CYS 66 SG ? ? ? 1_555 B SF4 .  FE3 ? ? A CYS 66 A SF4 75 1_555 ? ? ? ? ? ? ? 2.270 ? ? 
# 
loop_
_struct_conn_type.id 
_struct_conn_type.criteria 
_struct_conn_type.reference 
disulf ? ? 
metalc ? ? 
# 
loop_
_pdbx_struct_conn_angle.id 
_pdbx_struct_conn_angle.ptnr1_label_atom_id 
_pdbx_struct_conn_angle.ptnr1_label_alt_id 
_pdbx_struct_conn_angle.ptnr1_label_asym_id 
_pdbx_struct_conn_angle.ptnr1_label_comp_id 
_pdbx_struct_conn_angle.ptnr1_label_seq_id 
_pdbx_struct_conn_angle.ptnr1_auth_atom_id 
_pdbx_struct_conn_angle.ptnr1_auth_asym_id 
_pdbx_struct_conn_angle.ptnr1_auth_comp_id 
_pdbx_struct_conn_angle.ptnr1_auth_seq_id 
_pdbx_struct_conn_angle.ptnr1_PDB_ins_code 
_pdbx_struct_conn_angle.ptnr1_symmetry 
_pdbx_struct_conn_angle.ptnr2_label_atom_id 
_pdbx_struct_conn_angle.ptnr2_label_alt_id 
_pdbx_struct_conn_angle.ptnr2_label_asym_id 
_pdbx_struct_conn_angle.ptnr2_label_comp_id 
_pdbx_struct_conn_angle.ptnr2_label_seq_id 
_pdbx_struct_conn_angle.ptnr2_auth_atom_id 
_pdbx_struct_conn_angle.ptnr2_auth_asym_id 
_pdbx_struct_conn_angle.ptnr2_auth_comp_id 
_pdbx_struct_conn_angle.ptnr2_auth_seq_id 
_pdbx_struct_conn_angle.ptnr2_PDB_ins_code 
_pdbx_struct_conn_angle.ptnr2_symmetry 
_pdbx_struct_conn_angle.ptnr3_label_atom_id 
_pdbx_struct_conn_angle.ptnr3_label_alt_id 
_pdbx_struct_conn_angle.ptnr3_label_asym_id 
_pdbx_struct_conn_angle.ptnr3_label_comp_id 
_pdbx_struct_conn_angle.ptnr3_label_seq_id 
_pdbx_struct_conn_angle.ptnr3_auth_atom_id 
_pdbx_struct_conn_angle.ptnr3_auth_asym_id 
_pdbx_struct_conn_angle.ptnr3_auth_comp_id 
_pdbx_struct_conn_angle.ptnr3_auth_seq_id 
_pdbx_struct_conn_angle.ptnr3_PDB_ins_code 
_pdbx_struct_conn_angle.ptnr3_symmetry 
_pdbx_struct_conn_angle.value 
_pdbx_struct_conn_angle.value_esd 
1  SG ? A CYS 35 ? A CYS 35 ? 1_555 FE2 ? B SF4 . ? A SF4 75 ? 1_555 S1 ? B SF4 . ? A SF4 75 ? 1_555 116.2 ? 
2  SG ? A CYS 35 ? A CYS 35 ? 1_555 FE2 ? B SF4 . ? A SF4 75 ? 1_555 S3 ? B SF4 . ? A SF4 75 ? 1_555 111.9 ? 
3  S1 ? B SF4 .  ? A SF4 75 ? 1_555 FE2 ? B SF4 . ? A SF4 75 ? 1_555 S3 ? B SF4 . ? A SF4 75 ? 1_555 104.9 ? 
4  SG ? A CYS 35 ? A CYS 35 ? 1_555 FE2 ? B SF4 . ? A SF4 75 ? 1_555 S4 ? B SF4 . ? A SF4 75 ? 1_555 113.8 ? 
5  S1 ? B SF4 .  ? A SF4 75 ? 1_555 FE2 ? B SF4 . ? A SF4 75 ? 1_555 S4 ? B SF4 . ? A SF4 75 ? 1_555 105.4 ? 
6  S3 ? B SF4 .  ? A SF4 75 ? 1_555 FE2 ? B SF4 . ? A SF4 75 ? 1_555 S4 ? B SF4 . ? A SF4 75 ? 1_555 103.4 ? 
7  SG ? A CYS 38 ? A CYS 38 ? 1_555 FE4 ? B SF4 . ? A SF4 75 ? 1_555 S1 ? B SF4 . ? A SF4 75 ? 1_555 115.3 ? 
8  SG ? A CYS 38 ? A CYS 38 ? 1_555 FE4 ? B SF4 . ? A SF4 75 ? 1_555 S2 ? B SF4 . ? A SF4 75 ? 1_555 115.6 ? 
9  S1 ? B SF4 .  ? A SF4 75 ? 1_555 FE4 ? B SF4 . ? A SF4 75 ? 1_555 S2 ? B SF4 . ? A SF4 75 ? 1_555 104.4 ? 
10 SG ? A CYS 38 ? A CYS 38 ? 1_555 FE4 ? B SF4 . ? A SF4 75 ? 1_555 S3 ? B SF4 . ? A SF4 75 ? 1_555 110.4 ? 
11 S1 ? B SF4 .  ? A SF4 75 ? 1_555 FE4 ? B SF4 . ? A SF4 75 ? 1_555 S3 ? B SF4 . ? A SF4 75 ? 1_555 104.4 ? 
12 S2 ? B SF4 .  ? A SF4 75 ? 1_555 FE4 ? B SF4 . ? A SF4 75 ? 1_555 S3 ? B SF4 . ? A SF4 75 ? 1_555 105.8 ? 
13 SG ? A CYS 53 ? A CYS 53 ? 1_555 FE1 ? B SF4 . ? A SF4 75 ? 1_555 S2 ? B SF4 . ? A SF4 75 ? 1_555 103.7 ? 
14 SG ? A CYS 53 ? A CYS 53 ? 1_555 FE1 ? B SF4 . ? A SF4 75 ? 1_555 S3 ? B SF4 . ? A SF4 75 ? 1_555 116.6 ? 
15 S2 ? B SF4 .  ? A SF4 75 ? 1_555 FE1 ? B SF4 . ? A SF4 75 ? 1_555 S3 ? B SF4 . ? A SF4 75 ? 1_555 105.3 ? 
16 SG ? A CYS 53 ? A CYS 53 ? 1_555 FE1 ? B SF4 . ? A SF4 75 ? 1_555 S4 ? B SF4 . ? A SF4 75 ? 1_555 120.2 ? 
17 S2 ? B SF4 .  ? A SF4 75 ? 1_555 FE1 ? B SF4 . ? A SF4 75 ? 1_555 S4 ? B SF4 . ? A SF4 75 ? 1_555 106.9 ? 
18 S3 ? B SF4 .  ? A SF4 75 ? 1_555 FE1 ? B SF4 . ? A SF4 75 ? 1_555 S4 ? B SF4 . ? A SF4 75 ? 1_555 103.1 ? 
19 SG ? A CYS 66 ? A CYS 66 ? 1_555 FE3 ? B SF4 . ? A SF4 75 ? 1_555 S1 ? B SF4 . ? A SF4 75 ? 1_555 125.9 ? 
20 SG ? A CYS 66 ? A CYS 66 ? 1_555 FE3 ? B SF4 . ? A SF4 75 ? 1_555 S2 ? B SF4 . ? A SF4 75 ? 1_555 106.1 ? 
21 S1 ? B SF4 .  ? A SF4 75 ? 1_555 FE3 ? B SF4 . ? A SF4 75 ? 1_555 S2 ? B SF4 . ? A SF4 75 ? 1_555 103.6 ? 
22 SG ? A CYS 66 ? A CYS 66 ? 1_555 FE3 ? B SF4 . ? A SF4 75 ? 1_555 S4 ? B SF4 . ? A SF4 75 ? 1_555 108.6 ? 
23 S1 ? B SF4 .  ? A SF4 75 ? 1_555 FE3 ? B SF4 . ? A SF4 75 ? 1_555 S4 ? B SF4 . ? A SF4 75 ? 1_555 104.1 ? 
24 S2 ? B SF4 .  ? A SF4 75 ? 1_555 FE3 ? B SF4 . ? A SF4 75 ? 1_555 S4 ? B SF4 . ? A SF4 75 ? 1_555 107.2 ? 
# 
_pdbx_modification_feature.ordinal                            1 
_pdbx_modification_feature.label_comp_id                      CYS 
_pdbx_modification_feature.label_asym_id                      A 
_pdbx_modification_feature.label_seq_id                       5 
_pdbx_modification_feature.label_alt_id                       ? 
_pdbx_modification_feature.modified_residue_label_comp_id     CYS 
_pdbx_modification_feature.modified_residue_label_asym_id     A 
_pdbx_modification_feature.modified_residue_label_seq_id      50 
_pdbx_modification_feature.modified_residue_label_alt_id      ? 
_pdbx_modification_feature.auth_comp_id                       CYS 
_pdbx_modification_feature.auth_asym_id                       A 
_pdbx_modification_feature.auth_seq_id                        5 
_pdbx_modification_feature.PDB_ins_code                       ? 
_pdbx_modification_feature.symmetry                           1_555 
_pdbx_modification_feature.modified_residue_auth_comp_id      CYS 
_pdbx_modification_feature.modified_residue_auth_asym_id      A 
_pdbx_modification_feature.modified_residue_auth_seq_id       50 
_pdbx_modification_feature.modified_residue_PDB_ins_code      ? 
_pdbx_modification_feature.modified_residue_symmetry          1_555 
_pdbx_modification_feature.comp_id_linking_atom               SG 
_pdbx_modification_feature.modified_residue_id_linking_atom   SG 
_pdbx_modification_feature.modified_residue_id                . 
_pdbx_modification_feature.ref_pcm_id                         . 
_pdbx_modification_feature.ref_comp_id                        . 
_pdbx_modification_feature.type                               None 
_pdbx_modification_feature.category                           'Disulfide bridge' 
# 
_struct_sheet.id               A 
_struct_sheet.type             ? 
_struct_sheet.number_strands   2 
_struct_sheet.details          ? 
# 
_struct_sheet_order.sheet_id     A 
_struct_sheet_order.range_id_1   1 
_struct_sheet_order.range_id_2   2 
_struct_sheet_order.offset       ? 
_struct_sheet_order.sense        anti-parallel 
# 
loop_
_struct_sheet_range.sheet_id 
_struct_sheet_range.id 
_struct_sheet_range.beg_label_comp_id 
_struct_sheet_range.beg_label_asym_id 
_struct_sheet_range.beg_label_seq_id 
_struct_sheet_range.pdbx_beg_PDB_ins_code 
_struct_sheet_range.end_label_comp_id 
_struct_sheet_range.end_label_asym_id 
_struct_sheet_range.end_label_seq_id 
_struct_sheet_range.pdbx_end_PDB_ins_code 
_struct_sheet_range.beg_auth_comp_id 
_struct_sheet_range.beg_auth_asym_id 
_struct_sheet_range.beg_auth_seq_id 
_struct_sheet_range.end_auth_comp_id 
_struct_sheet_range.end_auth_asym_id 
_struct_sheet_range.end_auth_seq_id 
A 1 TYR A 41 ? VAL A 42 ? TYR A 41 VAL A 42 
A 2 GLY A 52 ? CYS A 53 ? GLY A 52 CYS A 53 
# 
_pdbx_struct_sheet_hbond.sheet_id                A 
_pdbx_struct_sheet_hbond.range_id_1              1 
_pdbx_struct_sheet_hbond.range_id_2              2 
_pdbx_struct_sheet_hbond.range_1_label_atom_id   N 
_pdbx_struct_sheet_hbond.range_1_label_comp_id   VAL 
_pdbx_struct_sheet_hbond.range_1_label_asym_id   A 
_pdbx_struct_sheet_hbond.range_1_label_seq_id    42 
_pdbx_struct_sheet_hbond.range_1_PDB_ins_code    ? 
_pdbx_struct_sheet_hbond.range_1_auth_atom_id    N 
_pdbx_struct_sheet_hbond.range_1_auth_comp_id    VAL 
_pdbx_struct_sheet_hbond.range_1_auth_asym_id    A 
_pdbx_struct_sheet_hbond.range_1_auth_seq_id     42 
_pdbx_struct_sheet_hbond.range_2_label_atom_id   O 
_pdbx_struct_sheet_hbond.range_2_label_comp_id   GLY 
_pdbx_struct_sheet_hbond.range_2_label_asym_id   A 
_pdbx_struct_sheet_hbond.range_2_label_seq_id    52 
_pdbx_struct_sheet_hbond.range_2_PDB_ins_code    ? 
_pdbx_struct_sheet_hbond.range_2_auth_atom_id    O 
_pdbx_struct_sheet_hbond.range_2_auth_comp_id    GLY 
_pdbx_struct_sheet_hbond.range_2_auth_asym_id    A 
_pdbx_struct_sheet_hbond.range_2_auth_seq_id     52 
# 
_struct_site.id                   AC1 
_struct_site.pdbx_evidence_code   Software 
_struct_site.pdbx_auth_asym_id    A 
_struct_site.pdbx_auth_comp_id    SF4 
_struct_site.pdbx_auth_seq_id     75 
_struct_site.pdbx_auth_ins_code   ? 
_struct_site.pdbx_num_residues    6 
_struct_site.details              'BINDING SITE FOR RESIDUE SF4 A 75' 
# 
loop_
_struct_site_gen.id 
_struct_site_gen.site_id 
_struct_site_gen.pdbx_num_res 
_struct_site_gen.label_comp_id 
_struct_site_gen.label_asym_id 
_struct_site_gen.label_seq_id 
_struct_site_gen.pdbx_auth_ins_code 
_struct_site_gen.auth_comp_id 
_struct_site_gen.auth_asym_id 
_struct_site_gen.auth_seq_id 
_struct_site_gen.label_atom_id 
_struct_site_gen.label_alt_id 
_struct_site_gen.symmetry 
_struct_site_gen.details 
1 AC1 6 CYS A 35 ? CYS A 35 . ? 1_555 ? 
2 AC1 6 CYS A 38 ? CYS A 38 . ? 1_555 ? 
3 AC1 6 TYR A 41 ? TYR A 41 . ? 1_555 ? 
4 AC1 6 CYS A 53 ? CYS A 53 . ? 1_555 ? 
5 AC1 6 ILE A 56 ? ILE A 56 . ? 1_555 ? 
6 AC1 6 CYS A 66 ? CYS A 66 . ? 1_555 ? 
# 
_pdbx_entry_details.sequence_details           'A SEQUENCE DATABASE REFERENCE FOR THIS PROTEIN DOES NOT CURRENTLY EXIST.' 
_pdbx_entry_details.entry_id                   3H31 
_pdbx_entry_details.nonpolymer_details         ? 
_pdbx_entry_details.compound_details           ? 
_pdbx_entry_details.source_details             ? 
_pdbx_entry_details.has_ligand_of_interest     ? 
_pdbx_entry_details.has_protein_modification   Y 
# 
_pdbx_validate_rmsd_bond.id                        1 
_pdbx_validate_rmsd_bond.PDB_model_num             1 
_pdbx_validate_rmsd_bond.auth_atom_id_1            C 
_pdbx_validate_rmsd_bond.auth_asym_id_1            A 
_pdbx_validate_rmsd_bond.auth_comp_id_1            THR 
_pdbx_validate_rmsd_bond.auth_seq_id_1             74 
_pdbx_validate_rmsd_bond.PDB_ins_code_1            ? 
_pdbx_validate_rmsd_bond.label_alt_id_1            B 
_pdbx_validate_rmsd_bond.auth_atom_id_2            O 
_pdbx_validate_rmsd_bond.auth_asym_id_2            A 
_pdbx_validate_rmsd_bond.auth_comp_id_2            THR 
_pdbx_validate_rmsd_bond.auth_seq_id_2             74 
_pdbx_validate_rmsd_bond.PDB_ins_code_2            ? 
_pdbx_validate_rmsd_bond.label_alt_id_2            B 
_pdbx_validate_rmsd_bond.bond_value                1.007 
_pdbx_validate_rmsd_bond.bond_target_value         1.229 
_pdbx_validate_rmsd_bond.bond_deviation            -0.222 
_pdbx_validate_rmsd_bond.bond_standard_deviation   0.019 
_pdbx_validate_rmsd_bond.linker_flag               N 
# 
loop_
_pdbx_validate_rmsd_angle.id 
_pdbx_validate_rmsd_angle.PDB_model_num 
_pdbx_validate_rmsd_angle.auth_atom_id_1 
_pdbx_validate_rmsd_angle.auth_asym_id_1 
_pdbx_validate_rmsd_angle.auth_comp_id_1 
_pdbx_validate_rmsd_angle.auth_seq_id_1 
_pdbx_validate_rmsd_angle.PDB_ins_code_1 
_pdbx_validate_rmsd_angle.label_alt_id_1 
_pdbx_validate_rmsd_angle.auth_atom_id_2 
_pdbx_validate_rmsd_angle.auth_asym_id_2 
_pdbx_validate_rmsd_angle.auth_comp_id_2 
_pdbx_validate_rmsd_angle.auth_seq_id_2 
_pdbx_validate_rmsd_angle.PDB_ins_code_2 
_pdbx_validate_rmsd_angle.label_alt_id_2 
_pdbx_validate_rmsd_angle.auth_atom_id_3 
_pdbx_validate_rmsd_angle.auth_asym_id_3 
_pdbx_validate_rmsd_angle.auth_comp_id_3 
_pdbx_validate_rmsd_angle.auth_seq_id_3 
_pdbx_validate_rmsd_angle.PDB_ins_code_3 
_pdbx_validate_rmsd_angle.label_alt_id_3 
_pdbx_validate_rmsd_angle.angle_value 
_pdbx_validate_rmsd_angle.angle_target_value 
_pdbx_validate_rmsd_angle.angle_deviation 
_pdbx_validate_rmsd_angle.angle_standard_deviation 
_pdbx_validate_rmsd_angle.linker_flag 
1 1 CB  A ALA 1  ? A CA A ALA 1  ? A C   A ALA 1  ? A 126.41 110.10 16.31  1.50 N 
2 1 OE1 A GLU 2  ? B CD A GLU 2  ? B OE2 A GLU 2  ? B 136.36 123.30 13.06  1.20 N 
3 1 N   A ARG 19 ? ? CA A ARG 19 ? B CB  A ARG 19 ? B 91.83  110.60 -18.77 1.80 N 
4 1 NE  A ARG 19 ? B CZ A ARG 19 ? B NH2 A ARG 19 ? B 124.35 120.30 4.05   0.50 N 
5 1 CB  A TYR 30 ? B CG A TYR 30 ? B CD1 A TYR 30 ? B 124.99 121.00 3.99   0.60 N 
6 1 CB  A ASP 32 ? B CG A ASP 32 ? B OD1 A ASP 32 ? B 126.38 118.30 8.08   0.90 N 
7 1 CB  A ASP 32 ? B CG A ASP 32 ? B OD2 A ASP 32 ? B 112.83 118.30 -5.47  0.90 N 
8 1 O   A ALA 73 ? B C  A ALA 73 ? B N   A THR 74 ? B 112.70 122.70 -10.00 1.60 Y 
9 1 N   A THR 74 ? B CA A THR 74 ? B CB  A THR 74 ? B 123.38 110.30 13.08  1.90 N 
# 
_pdbx_validate_torsion.id              1 
_pdbx_validate_torsion.PDB_model_num   1 
_pdbx_validate_torsion.auth_comp_id    TRP 
_pdbx_validate_torsion.auth_asym_id    A 
_pdbx_validate_torsion.auth_seq_id     69 
_pdbx_validate_torsion.PDB_ins_code    ? 
_pdbx_validate_torsion.label_alt_id    ? 
_pdbx_validate_torsion.phi             -38.49 
_pdbx_validate_torsion.psi             127.62 
# 
_pdbx_validate_main_chain_plane.id                       1 
_pdbx_validate_main_chain_plane.PDB_model_num            1 
_pdbx_validate_main_chain_plane.auth_comp_id             ALA 
_pdbx_validate_main_chain_plane.auth_asym_id             A 
_pdbx_validate_main_chain_plane.auth_seq_id              1 
_pdbx_validate_main_chain_plane.PDB_ins_code             ? 
_pdbx_validate_main_chain_plane.label_alt_id             B 
_pdbx_validate_main_chain_plane.improper_torsion_angle   -13.77 
# 
loop_
_chem_comp_atom.comp_id 
_chem_comp_atom.atom_id 
_chem_comp_atom.type_symbol 
_chem_comp_atom.pdbx_aromatic_flag 
_chem_comp_atom.pdbx_stereo_config 
_chem_comp_atom.pdbx_ordinal 
ALA N    N  N N 1   
ALA CA   C  N S 2   
ALA C    C  N N 3   
ALA O    O  N N 4   
ALA CB   C  N N 5   
ALA OXT  O  N N 6   
ALA H    H  N N 7   
ALA H2   H  N N 8   
ALA HA   H  N N 9   
ALA HB1  H  N N 10  
ALA HB2  H  N N 11  
ALA HB3  H  N N 12  
ALA HXT  H  N N 13  
ARG N    N  N N 14  
ARG CA   C  N S 15  
ARG C    C  N N 16  
ARG O    O  N N 17  
ARG CB   C  N N 18  
ARG CG   C  N N 19  
ARG CD   C  N N 20  
ARG NE   N  N N 21  
ARG CZ   C  N N 22  
ARG NH1  N  N N 23  
ARG NH2  N  N N 24  
ARG OXT  O  N N 25  
ARG H    H  N N 26  
ARG H2   H  N N 27  
ARG HA   H  N N 28  
ARG HB2  H  N N 29  
ARG HB3  H  N N 30  
ARG HG2  H  N N 31  
ARG HG3  H  N N 32  
ARG HD2  H  N N 33  
ARG HD3  H  N N 34  
ARG HE   H  N N 35  
ARG HH11 H  N N 36  
ARG HH12 H  N N 37  
ARG HH21 H  N N 38  
ARG HH22 H  N N 39  
ARG HXT  H  N N 40  
ASN N    N  N N 41  
ASN CA   C  N S 42  
ASN C    C  N N 43  
ASN O    O  N N 44  
ASN CB   C  N N 45  
ASN CG   C  N N 46  
ASN OD1  O  N N 47  
ASN ND2  N  N N 48  
ASN OXT  O  N N 49  
ASN H    H  N N 50  
ASN H2   H  N N 51  
ASN HA   H  N N 52  
ASN HB2  H  N N 53  
ASN HB3  H  N N 54  
ASN HD21 H  N N 55  
ASN HD22 H  N N 56  
ASN HXT  H  N N 57  
ASP N    N  N N 58  
ASP CA   C  N S 59  
ASP C    C  N N 60  
ASP O    O  N N 61  
ASP CB   C  N N 62  
ASP CG   C  N N 63  
ASP OD1  O  N N 64  
ASP OD2  O  N N 65  
ASP OXT  O  N N 66  
ASP H    H  N N 67  
ASP H2   H  N N 68  
ASP HA   H  N N 69  
ASP HB2  H  N N 70  
ASP HB3  H  N N 71  
ASP HD2  H  N N 72  
ASP HXT  H  N N 73  
CYS N    N  N N 74  
CYS CA   C  N R 75  
CYS C    C  N N 76  
CYS O    O  N N 77  
CYS CB   C  N N 78  
CYS SG   S  N N 79  
CYS OXT  O  N N 80  
CYS H    H  N N 81  
CYS H2   H  N N 82  
CYS HA   H  N N 83  
CYS HB2  H  N N 84  
CYS HB3  H  N N 85  
CYS HG   H  N N 86  
CYS HXT  H  N N 87  
GLN N    N  N N 88  
GLN CA   C  N S 89  
GLN C    C  N N 90  
GLN O    O  N N 91  
GLN CB   C  N N 92  
GLN CG   C  N N 93  
GLN CD   C  N N 94  
GLN OE1  O  N N 95  
GLN NE2  N  N N 96  
GLN OXT  O  N N 97  
GLN H    H  N N 98  
GLN H2   H  N N 99  
GLN HA   H  N N 100 
GLN HB2  H  N N 101 
GLN HB3  H  N N 102 
GLN HG2  H  N N 103 
GLN HG3  H  N N 104 
GLN HE21 H  N N 105 
GLN HE22 H  N N 106 
GLN HXT  H  N N 107 
GLU N    N  N N 108 
GLU CA   C  N S 109 
GLU C    C  N N 110 
GLU O    O  N N 111 
GLU CB   C  N N 112 
GLU CG   C  N N 113 
GLU CD   C  N N 114 
GLU OE1  O  N N 115 
GLU OE2  O  N N 116 
GLU OXT  O  N N 117 
GLU H    H  N N 118 
GLU H2   H  N N 119 
GLU HA   H  N N 120 
GLU HB2  H  N N 121 
GLU HB3  H  N N 122 
GLU HG2  H  N N 123 
GLU HG3  H  N N 124 
GLU HE2  H  N N 125 
GLU HXT  H  N N 126 
GLY N    N  N N 127 
GLY CA   C  N N 128 
GLY C    C  N N 129 
GLY O    O  N N 130 
GLY OXT  O  N N 131 
GLY H    H  N N 132 
GLY H2   H  N N 133 
GLY HA2  H  N N 134 
GLY HA3  H  N N 135 
GLY HXT  H  N N 136 
HIS N    N  N N 137 
HIS CA   C  N S 138 
HIS C    C  N N 139 
HIS O    O  N N 140 
HIS CB   C  N N 141 
HIS CG   C  Y N 142 
HIS ND1  N  Y N 143 
HIS CD2  C  Y N 144 
HIS CE1  C  Y N 145 
HIS NE2  N  Y N 146 
HIS OXT  O  N N 147 
HIS H    H  N N 148 
HIS H2   H  N N 149 
HIS HA   H  N N 150 
HIS HB2  H  N N 151 
HIS HB3  H  N N 152 
HIS HD1  H  N N 153 
HIS HD2  H  N N 154 
HIS HE1  H  N N 155 
HIS HE2  H  N N 156 
HIS HXT  H  N N 157 
HOH O    O  N N 158 
HOH H1   H  N N 159 
HOH H2   H  N N 160 
ILE N    N  N N 161 
ILE CA   C  N S 162 
ILE C    C  N N 163 
ILE O    O  N N 164 
ILE CB   C  N S 165 
ILE CG1  C  N N 166 
ILE CG2  C  N N 167 
ILE CD1  C  N N 168 
ILE OXT  O  N N 169 
ILE H    H  N N 170 
ILE H2   H  N N 171 
ILE HA   H  N N 172 
ILE HB   H  N N 173 
ILE HG12 H  N N 174 
ILE HG13 H  N N 175 
ILE HG21 H  N N 176 
ILE HG22 H  N N 177 
ILE HG23 H  N N 178 
ILE HD11 H  N N 179 
ILE HD12 H  N N 180 
ILE HD13 H  N N 181 
ILE HXT  H  N N 182 
LEU N    N  N N 183 
LEU CA   C  N S 184 
LEU C    C  N N 185 
LEU O    O  N N 186 
LEU CB   C  N N 187 
LEU CG   C  N N 188 
LEU CD1  C  N N 189 
LEU CD2  C  N N 190 
LEU OXT  O  N N 191 
LEU H    H  N N 192 
LEU H2   H  N N 193 
LEU HA   H  N N 194 
LEU HB2  H  N N 195 
LEU HB3  H  N N 196 
LEU HG   H  N N 197 
LEU HD11 H  N N 198 
LEU HD12 H  N N 199 
LEU HD13 H  N N 200 
LEU HD21 H  N N 201 
LEU HD22 H  N N 202 
LEU HD23 H  N N 203 
LEU HXT  H  N N 204 
LYS N    N  N N 205 
LYS CA   C  N S 206 
LYS C    C  N N 207 
LYS O    O  N N 208 
LYS CB   C  N N 209 
LYS CG   C  N N 210 
LYS CD   C  N N 211 
LYS CE   C  N N 212 
LYS NZ   N  N N 213 
LYS OXT  O  N N 214 
LYS H    H  N N 215 
LYS H2   H  N N 216 
LYS HA   H  N N 217 
LYS HB2  H  N N 218 
LYS HB3  H  N N 219 
LYS HG2  H  N N 220 
LYS HG3  H  N N 221 
LYS HD2  H  N N 222 
LYS HD3  H  N N 223 
LYS HE2  H  N N 224 
LYS HE3  H  N N 225 
LYS HZ1  H  N N 226 
LYS HZ2  H  N N 227 
LYS HZ3  H  N N 228 
LYS HXT  H  N N 229 
MET N    N  N N 230 
MET CA   C  N S 231 
MET C    C  N N 232 
MET O    O  N N 233 
MET CB   C  N N 234 
MET CG   C  N N 235 
MET SD   S  N N 236 
MET CE   C  N N 237 
MET OXT  O  N N 238 
MET H    H  N N 239 
MET H2   H  N N 240 
MET HA   H  N N 241 
MET HB2  H  N N 242 
MET HB3  H  N N 243 
MET HG2  H  N N 244 
MET HG3  H  N N 245 
MET HE1  H  N N 246 
MET HE2  H  N N 247 
MET HE3  H  N N 248 
MET HXT  H  N N 249 
PRO N    N  N N 250 
PRO CA   C  N S 251 
PRO C    C  N N 252 
PRO O    O  N N 253 
PRO CB   C  N N 254 
PRO CG   C  N N 255 
PRO CD   C  N N 256 
PRO OXT  O  N N 257 
PRO H    H  N N 258 
PRO HA   H  N N 259 
PRO HB2  H  N N 260 
PRO HB3  H  N N 261 
PRO HG2  H  N N 262 
PRO HG3  H  N N 263 
PRO HD2  H  N N 264 
PRO HD3  H  N N 265 
PRO HXT  H  N N 266 
SER N    N  N N 267 
SER CA   C  N S 268 
SER C    C  N N 269 
SER O    O  N N 270 
SER CB   C  N N 271 
SER OG   O  N N 272 
SER OXT  O  N N 273 
SER H    H  N N 274 
SER H2   H  N N 275 
SER HA   H  N N 276 
SER HB2  H  N N 277 
SER HB3  H  N N 278 
SER HG   H  N N 279 
SER HXT  H  N N 280 
SF4 FE1  FE N N 281 
SF4 FE2  FE N N 282 
SF4 FE3  FE N N 283 
SF4 FE4  FE N N 284 
SF4 S1   S  N N 285 
SF4 S2   S  N N 286 
SF4 S3   S  N N 287 
SF4 S4   S  N N 288 
THR N    N  N N 289 
THR CA   C  N S 290 
THR C    C  N N 291 
THR O    O  N N 292 
THR CB   C  N R 293 
THR OG1  O  N N 294 
THR CG2  C  N N 295 
THR OXT  O  N N 296 
THR H    H  N N 297 
THR H2   H  N N 298 
THR HA   H  N N 299 
THR HB   H  N N 300 
THR HG1  H  N N 301 
THR HG21 H  N N 302 
THR HG22 H  N N 303 
THR HG23 H  N N 304 
THR HXT  H  N N 305 
TRP N    N  N N 306 
TRP CA   C  N S 307 
TRP C    C  N N 308 
TRP O    O  N N 309 
TRP CB   C  N N 310 
TRP CG   C  Y N 311 
TRP CD1  C  Y N 312 
TRP CD2  C  Y N 313 
TRP NE1  N  Y N 314 
TRP CE2  C  Y N 315 
TRP CE3  C  Y N 316 
TRP CZ2  C  Y N 317 
TRP CZ3  C  Y N 318 
TRP CH2  C  Y N 319 
TRP OXT  O  N N 320 
TRP H    H  N N 321 
TRP H2   H  N N 322 
TRP HA   H  N N 323 
TRP HB2  H  N N 324 
TRP HB3  H  N N 325 
TRP HD1  H  N N 326 
TRP HE1  H  N N 327 
TRP HE3  H  N N 328 
TRP HZ2  H  N N 329 
TRP HZ3  H  N N 330 
TRP HH2  H  N N 331 
TRP HXT  H  N N 332 
TYR N    N  N N 333 
TYR CA   C  N S 334 
TYR C    C  N N 335 
TYR O    O  N N 336 
TYR CB   C  N N 337 
TYR CG   C  Y N 338 
TYR CD1  C  Y N 339 
TYR CD2  C  Y N 340 
TYR CE1  C  Y N 341 
TYR CE2  C  Y N 342 
TYR CZ   C  Y N 343 
TYR OH   O  N N 344 
TYR OXT  O  N N 345 
TYR H    H  N N 346 
TYR H2   H  N N 347 
TYR HA   H  N N 348 
TYR HB2  H  N N 349 
TYR HB3  H  N N 350 
TYR HD1  H  N N 351 
TYR HD2  H  N N 352 
TYR HE1  H  N N 353 
TYR HE2  H  N N 354 
TYR HH   H  N N 355 
TYR HXT  H  N N 356 
VAL N    N  N N 357 
VAL CA   C  N S 358 
VAL C    C  N N 359 
VAL O    O  N N 360 
VAL CB   C  N N 361 
VAL CG1  C  N N 362 
VAL CG2  C  N N 363 
VAL OXT  O  N N 364 
VAL H    H  N N 365 
VAL H2   H  N N 366 
VAL HA   H  N N 367 
VAL HB   H  N N 368 
VAL HG11 H  N N 369 
VAL HG12 H  N N 370 
VAL HG13 H  N N 371 
VAL HG21 H  N N 372 
VAL HG22 H  N N 373 
VAL HG23 H  N N 374 
VAL HXT  H  N N 375 
# 
loop_
_chem_comp_bond.comp_id 
_chem_comp_bond.atom_id_1 
_chem_comp_bond.atom_id_2 
_chem_comp_bond.value_order 
_chem_comp_bond.pdbx_aromatic_flag 
_chem_comp_bond.pdbx_stereo_config 
_chem_comp_bond.pdbx_ordinal 
ALA N   CA   sing N N 1   
ALA N   H    sing N N 2   
ALA N   H2   sing N N 3   
ALA CA  C    sing N N 4   
ALA CA  CB   sing N N 5   
ALA CA  HA   sing N N 6   
ALA C   O    doub N N 7   
ALA C   OXT  sing N N 8   
ALA CB  HB1  sing N N 9   
ALA CB  HB2  sing N N 10  
ALA CB  HB3  sing N N 11  
ALA OXT HXT  sing N N 12  
ARG N   CA   sing N N 13  
ARG N   H    sing N N 14  
ARG N   H2   sing N N 15  
ARG CA  C    sing N N 16  
ARG CA  CB   sing N N 17  
ARG CA  HA   sing N N 18  
ARG C   O    doub N N 19  
ARG C   OXT  sing N N 20  
ARG CB  CG   sing N N 21  
ARG CB  HB2  sing N N 22  
ARG CB  HB3  sing N N 23  
ARG CG  CD   sing N N 24  
ARG CG  HG2  sing N N 25  
ARG CG  HG3  sing N N 26  
ARG CD  NE   sing N N 27  
ARG CD  HD2  sing N N 28  
ARG CD  HD3  sing N N 29  
ARG NE  CZ   sing N N 30  
ARG NE  HE   sing N N 31  
ARG CZ  NH1  sing N N 32  
ARG CZ  NH2  doub N N 33  
ARG NH1 HH11 sing N N 34  
ARG NH1 HH12 sing N N 35  
ARG NH2 HH21 sing N N 36  
ARG NH2 HH22 sing N N 37  
ARG OXT HXT  sing N N 38  
ASN N   CA   sing N N 39  
ASN N   H    sing N N 40  
ASN N   H2   sing N N 41  
ASN CA  C    sing N N 42  
ASN CA  CB   sing N N 43  
ASN CA  HA   sing N N 44  
ASN C   O    doub N N 45  
ASN C   OXT  sing N N 46  
ASN CB  CG   sing N N 47  
ASN CB  HB2  sing N N 48  
ASN CB  HB3  sing N N 49  
ASN CG  OD1  doub N N 50  
ASN CG  ND2  sing N N 51  
ASN ND2 HD21 sing N N 52  
ASN ND2 HD22 sing N N 53  
ASN OXT HXT  sing N N 54  
ASP N   CA   sing N N 55  
ASP N   H    sing N N 56  
ASP N   H2   sing N N 57  
ASP CA  C    sing N N 58  
ASP CA  CB   sing N N 59  
ASP CA  HA   sing N N 60  
ASP C   O    doub N N 61  
ASP C   OXT  sing N N 62  
ASP CB  CG   sing N N 63  
ASP CB  HB2  sing N N 64  
ASP CB  HB3  sing N N 65  
ASP CG  OD1  doub N N 66  
ASP CG  OD2  sing N N 67  
ASP OD2 HD2  sing N N 68  
ASP OXT HXT  sing N N 69  
CYS N   CA   sing N N 70  
CYS N   H    sing N N 71  
CYS N   H2   sing N N 72  
CYS CA  C    sing N N 73  
CYS CA  CB   sing N N 74  
CYS CA  HA   sing N N 75  
CYS C   O    doub N N 76  
CYS C   OXT  sing N N 77  
CYS CB  SG   sing N N 78  
CYS CB  HB2  sing N N 79  
CYS CB  HB3  sing N N 80  
CYS SG  HG   sing N N 81  
CYS OXT HXT  sing N N 82  
GLN N   CA   sing N N 83  
GLN N   H    sing N N 84  
GLN N   H2   sing N N 85  
GLN CA  C    sing N N 86  
GLN CA  CB   sing N N 87  
GLN CA  HA   sing N N 88  
GLN C   O    doub N N 89  
GLN C   OXT  sing N N 90  
GLN CB  CG   sing N N 91  
GLN CB  HB2  sing N N 92  
GLN CB  HB3  sing N N 93  
GLN CG  CD   sing N N 94  
GLN CG  HG2  sing N N 95  
GLN CG  HG3  sing N N 96  
GLN CD  OE1  doub N N 97  
GLN CD  NE2  sing N N 98  
GLN NE2 HE21 sing N N 99  
GLN NE2 HE22 sing N N 100 
GLN OXT HXT  sing N N 101 
GLU N   CA   sing N N 102 
GLU N   H    sing N N 103 
GLU N   H2   sing N N 104 
GLU CA  C    sing N N 105 
GLU CA  CB   sing N N 106 
GLU CA  HA   sing N N 107 
GLU C   O    doub N N 108 
GLU C   OXT  sing N N 109 
GLU CB  CG   sing N N 110 
GLU CB  HB2  sing N N 111 
GLU CB  HB3  sing N N 112 
GLU CG  CD   sing N N 113 
GLU CG  HG2  sing N N 114 
GLU CG  HG3  sing N N 115 
GLU CD  OE1  doub N N 116 
GLU CD  OE2  sing N N 117 
GLU OE2 HE2  sing N N 118 
GLU OXT HXT  sing N N 119 
GLY N   CA   sing N N 120 
GLY N   H    sing N N 121 
GLY N   H2   sing N N 122 
GLY CA  C    sing N N 123 
GLY CA  HA2  sing N N 124 
GLY CA  HA3  sing N N 125 
GLY C   O    doub N N 126 
GLY C   OXT  sing N N 127 
GLY OXT HXT  sing N N 128 
HIS N   CA   sing N N 129 
HIS N   H    sing N N 130 
HIS N   H2   sing N N 131 
HIS CA  C    sing N N 132 
HIS CA  CB   sing N N 133 
HIS CA  HA   sing N N 134 
HIS C   O    doub N N 135 
HIS C   OXT  sing N N 136 
HIS CB  CG   sing N N 137 
HIS CB  HB2  sing N N 138 
HIS CB  HB3  sing N N 139 
HIS CG  ND1  sing Y N 140 
HIS CG  CD2  doub Y N 141 
HIS ND1 CE1  doub Y N 142 
HIS ND1 HD1  sing N N 143 
HIS CD2 NE2  sing Y N 144 
HIS CD2 HD2  sing N N 145 
HIS CE1 NE2  sing Y N 146 
HIS CE1 HE1  sing N N 147 
HIS NE2 HE2  sing N N 148 
HIS OXT HXT  sing N N 149 
HOH O   H1   sing N N 150 
HOH O   H2   sing N N 151 
ILE N   CA   sing N N 152 
ILE N   H    sing N N 153 
ILE N   H2   sing N N 154 
ILE CA  C    sing N N 155 
ILE CA  CB   sing N N 156 
ILE CA  HA   sing N N 157 
ILE C   O    doub N N 158 
ILE C   OXT  sing N N 159 
ILE CB  CG1  sing N N 160 
ILE CB  CG2  sing N N 161 
ILE CB  HB   sing N N 162 
ILE CG1 CD1  sing N N 163 
ILE CG1 HG12 sing N N 164 
ILE CG1 HG13 sing N N 165 
ILE CG2 HG21 sing N N 166 
ILE CG2 HG22 sing N N 167 
ILE CG2 HG23 sing N N 168 
ILE CD1 HD11 sing N N 169 
ILE CD1 HD12 sing N N 170 
ILE CD1 HD13 sing N N 171 
ILE OXT HXT  sing N N 172 
LEU N   CA   sing N N 173 
LEU N   H    sing N N 174 
LEU N   H2   sing N N 175 
LEU CA  C    sing N N 176 
LEU CA  CB   sing N N 177 
LEU CA  HA   sing N N 178 
LEU C   O    doub N N 179 
LEU C   OXT  sing N N 180 
LEU CB  CG   sing N N 181 
LEU CB  HB2  sing N N 182 
LEU CB  HB3  sing N N 183 
LEU CG  CD1  sing N N 184 
LEU CG  CD2  sing N N 185 
LEU CG  HG   sing N N 186 
LEU CD1 HD11 sing N N 187 
LEU CD1 HD12 sing N N 188 
LEU CD1 HD13 sing N N 189 
LEU CD2 HD21 sing N N 190 
LEU CD2 HD22 sing N N 191 
LEU CD2 HD23 sing N N 192 
LEU OXT HXT  sing N N 193 
LYS N   CA   sing N N 194 
LYS N   H    sing N N 195 
LYS N   H2   sing N N 196 
LYS CA  C    sing N N 197 
LYS CA  CB   sing N N 198 
LYS CA  HA   sing N N 199 
LYS C   O    doub N N 200 
LYS C   OXT  sing N N 201 
LYS CB  CG   sing N N 202 
LYS CB  HB2  sing N N 203 
LYS CB  HB3  sing N N 204 
LYS CG  CD   sing N N 205 
LYS CG  HG2  sing N N 206 
LYS CG  HG3  sing N N 207 
LYS CD  CE   sing N N 208 
LYS CD  HD2  sing N N 209 
LYS CD  HD3  sing N N 210 
LYS CE  NZ   sing N N 211 
LYS CE  HE2  sing N N 212 
LYS CE  HE3  sing N N 213 
LYS NZ  HZ1  sing N N 214 
LYS NZ  HZ2  sing N N 215 
LYS NZ  HZ3  sing N N 216 
LYS OXT HXT  sing N N 217 
MET N   CA   sing N N 218 
MET N   H    sing N N 219 
MET N   H2   sing N N 220 
MET CA  C    sing N N 221 
MET CA  CB   sing N N 222 
MET CA  HA   sing N N 223 
MET C   O    doub N N 224 
MET C   OXT  sing N N 225 
MET CB  CG   sing N N 226 
MET CB  HB2  sing N N 227 
MET CB  HB3  sing N N 228 
MET CG  SD   sing N N 229 
MET CG  HG2  sing N N 230 
MET CG  HG3  sing N N 231 
MET SD  CE   sing N N 232 
MET CE  HE1  sing N N 233 
MET CE  HE2  sing N N 234 
MET CE  HE3  sing N N 235 
MET OXT HXT  sing N N 236 
PRO N   CA   sing N N 237 
PRO N   CD   sing N N 238 
PRO N   H    sing N N 239 
PRO CA  C    sing N N 240 
PRO CA  CB   sing N N 241 
PRO CA  HA   sing N N 242 
PRO C   O    doub N N 243 
PRO C   OXT  sing N N 244 
PRO CB  CG   sing N N 245 
PRO CB  HB2  sing N N 246 
PRO CB  HB3  sing N N 247 
PRO CG  CD   sing N N 248 
PRO CG  HG2  sing N N 249 
PRO CG  HG3  sing N N 250 
PRO CD  HD2  sing N N 251 
PRO CD  HD3  sing N N 252 
PRO OXT HXT  sing N N 253 
SER N   CA   sing N N 254 
SER N   H    sing N N 255 
SER N   H2   sing N N 256 
SER CA  C    sing N N 257 
SER CA  CB   sing N N 258 
SER CA  HA   sing N N 259 
SER C   O    doub N N 260 
SER C   OXT  sing N N 261 
SER CB  OG   sing N N 262 
SER CB  HB2  sing N N 263 
SER CB  HB3  sing N N 264 
SER OG  HG   sing N N 265 
SER OXT HXT  sing N N 266 
SF4 FE1 S2   sing N N 267 
SF4 FE1 S3   sing N N 268 
SF4 FE1 S4   sing N N 269 
SF4 FE2 S1   sing N N 270 
SF4 FE2 S3   sing N N 271 
SF4 FE2 S4   sing N N 272 
SF4 FE3 S1   sing N N 273 
SF4 FE3 S2   sing N N 274 
SF4 FE3 S4   sing N N 275 
SF4 FE4 S1   sing N N 276 
SF4 FE4 S2   sing N N 277 
SF4 FE4 S3   sing N N 278 
THR N   CA   sing N N 279 
THR N   H    sing N N 280 
THR N   H2   sing N N 281 
THR CA  C    sing N N 282 
THR CA  CB   sing N N 283 
THR CA  HA   sing N N 284 
THR C   O    doub N N 285 
THR C   OXT  sing N N 286 
THR CB  OG1  sing N N 287 
THR CB  CG2  sing N N 288 
THR CB  HB   sing N N 289 
THR OG1 HG1  sing N N 290 
THR CG2 HG21 sing N N 291 
THR CG2 HG22 sing N N 292 
THR CG2 HG23 sing N N 293 
THR OXT HXT  sing N N 294 
TRP N   CA   sing N N 295 
TRP N   H    sing N N 296 
TRP N   H2   sing N N 297 
TRP CA  C    sing N N 298 
TRP CA  CB   sing N N 299 
TRP CA  HA   sing N N 300 
TRP C   O    doub N N 301 
TRP C   OXT  sing N N 302 
TRP CB  CG   sing N N 303 
TRP CB  HB2  sing N N 304 
TRP CB  HB3  sing N N 305 
TRP CG  CD1  doub Y N 306 
TRP CG  CD2  sing Y N 307 
TRP CD1 NE1  sing Y N 308 
TRP CD1 HD1  sing N N 309 
TRP CD2 CE2  doub Y N 310 
TRP CD2 CE3  sing Y N 311 
TRP NE1 CE2  sing Y N 312 
TRP NE1 HE1  sing N N 313 
TRP CE2 CZ2  sing Y N 314 
TRP CE3 CZ3  doub Y N 315 
TRP CE3 HE3  sing N N 316 
TRP CZ2 CH2  doub Y N 317 
TRP CZ2 HZ2  sing N N 318 
TRP CZ3 CH2  sing Y N 319 
TRP CZ3 HZ3  sing N N 320 
TRP CH2 HH2  sing N N 321 
TRP OXT HXT  sing N N 322 
TYR N   CA   sing N N 323 
TYR N   H    sing N N 324 
TYR N   H2   sing N N 325 
TYR CA  C    sing N N 326 
TYR CA  CB   sing N N 327 
TYR CA  HA   sing N N 328 
TYR C   O    doub N N 329 
TYR C   OXT  sing N N 330 
TYR CB  CG   sing N N 331 
TYR CB  HB2  sing N N 332 
TYR CB  HB3  sing N N 333 
TYR CG  CD1  doub Y N 334 
TYR CG  CD2  sing Y N 335 
TYR CD1 CE1  sing Y N 336 
TYR CD1 HD1  sing N N 337 
TYR CD2 CE2  doub Y N 338 
TYR CD2 HD2  sing N N 339 
TYR CE1 CZ   doub Y N 340 
TYR CE1 HE1  sing N N 341 
TYR CE2 CZ   sing Y N 342 
TYR CE2 HE2  sing N N 343 
TYR CZ  OH   sing N N 344 
TYR OH  HH   sing N N 345 
TYR OXT HXT  sing N N 346 
VAL N   CA   sing N N 347 
VAL N   H    sing N N 348 
VAL N   H2   sing N N 349 
VAL CA  C    sing N N 350 
VAL CA  CB   sing N N 351 
VAL CA  HA   sing N N 352 
VAL C   O    doub N N 353 
VAL C   OXT  sing N N 354 
VAL CB  CG1  sing N N 355 
VAL CB  CG2  sing N N 356 
VAL CB  HB   sing N N 357 
VAL CG1 HG11 sing N N 358 
VAL CG1 HG12 sing N N 359 
VAL CG1 HG13 sing N N 360 
VAL CG2 HG21 sing N N 361 
VAL CG2 HG22 sing N N 362 
VAL CG2 HG23 sing N N 363 
VAL OXT HXT  sing N N 364 
# 
_atom_sites.entry_id                    3H31 
_atom_sites.fract_transf_matrix[1][1]   0.01692910 
_atom_sites.fract_transf_matrix[1][2]   -0.00114401 
_atom_sites.fract_transf_matrix[1][3]   0.03251275 
_atom_sites.fract_transf_matrix[2][1]   0.00884598 
_atom_sites.fract_transf_matrix[2][2]   -0.02063095 
_atom_sites.fract_transf_matrix[2][3]   -0.00533195 
_atom_sites.fract_transf_matrix[3][1]   0.01709726 
_atom_sites.fract_transf_matrix[3][2]   0.00954481 
_atom_sites.fract_transf_matrix[3][3]   -0.00856654 
_atom_sites.fract_transf_vector[1]      -0.010632 
_atom_sites.fract_transf_vector[2]      0.450406 
_atom_sites.fract_transf_vector[3]      0.142608 
# 
loop_
_atom_type.symbol 
C  
FE 
N  
O  
S  
# 
loop_
_atom_site.group_PDB 
_atom_site.id 
_atom_site.type_symbol 
_atom_site.label_atom_id 
_atom_site.label_alt_id 
_atom_site.label_comp_id 
_atom_site.label_asym_id 
_atom_site.label_entity_id 
_atom_site.label_seq_id 
_atom_site.pdbx_PDB_ins_code 
_atom_site.Cartn_x 
_atom_site.Cartn_y 
_atom_site.Cartn_z 
_atom_site.occupancy 
_atom_site.B_iso_or_equiv 
_atom_site.pdbx_formal_charge 
_atom_site.auth_seq_id 
_atom_site.auth_comp_id 
_atom_site.auth_asym_id 
_atom_site.auth_atom_id 
_atom_site.pdbx_PDB_model_num 
ATOM   1   N  N   A ALA A 1 1  ? 15.281  1.516   12.845  0.58 9.28  ? 1   ALA A N   1 
ATOM   2   N  N   B ALA A 1 1  ? 15.881  4.323   12.047  0.42 13.99 ? 1   ALA A N   1 
ATOM   3   C  CA  A ALA A 1 1  ? 13.940  1.007   12.661  0.58 6.89  ? 1   ALA A CA  1 
ATOM   4   C  CA  B ALA A 1 1  ? 14.474  3.959   11.915  0.42 12.76 ? 1   ALA A CA  1 
ATOM   5   C  C   A ALA A 1 1  ? 13.648  0.860   11.217  0.58 6.41  ? 1   ALA A C   1 
ATOM   6   C  C   B ALA A 1 1  ? 14.377  2.946   10.746  0.42 10.25 ? 1   ALA A C   1 
ATOM   7   O  O   A ALA A 1 1  ? 14.146  1.596   10.322  0.58 7.23  ? 1   ALA A O   1 
ATOM   8   O  O   B ALA A 1 1  ? 14.506  3.369   9.596   0.42 12.71 ? 1   ALA A O   1 
ATOM   9   C  CB  A ALA A 1 1  ? 13.062  1.578   13.663  0.58 7.06  ? 1   ALA A CB  1 
ATOM   10  C  CB  B ALA A 1 1  ? 13.707  5.209   11.483  0.42 22.99 ? 1   ALA A CB  1 
ATOM   11  N  N   A GLU A 1 2  ? 12.849  -0.153  10.902  0.58 6.67  ? 2   GLU A N   1 
ATOM   12  N  N   B GLU A 1 2  ? 13.652  1.868   11.043  0.42 7.76  ? 2   GLU A N   1 
ATOM   13  C  CA  A GLU A 1 2  ? 12.463  -0.340  9.501   0.58 10.14 ? 2   GLU A CA  1 
ATOM   14  C  CA  B GLU A 1 2  ? 13.103  0.974   9.994   0.42 7.35  ? 2   GLU A CA  1 
ATOM   15  C  C   A GLU A 1 2  ? 11.430  0.779   9.245   0.58 10.37 ? 2   GLU A C   1 
ATOM   16  C  C   B GLU A 1 2  ? 11.832  1.486   9.263   0.42 8.90  ? 2   GLU A C   1 
ATOM   17  O  O   A GLU A 1 2  ? 10.821  1.465   10.053  0.58 18.07 ? 2   GLU A O   1 
ATOM   18  O  O   B GLU A 1 2  ? 11.087  2.238   9.922   0.42 14.66 ? 2   GLU A O   1 
ATOM   19  C  CB  A GLU A 1 2  ? 12.040  -1.723  9.109   0.58 18.06 ? 2   GLU A CB  1 
ATOM   20  C  CB  B GLU A 1 2  ? 12.815  -0.381  10.626  0.42 9.53  ? 2   GLU A CB  1 
ATOM   21  C  CG  A GLU A 1 2  ? 13.263  -2.621  8.888   0.58 26.78 ? 2   GLU A CG  1 
ATOM   22  C  CG  B GLU A 1 2  ? 13.968  -1.106  11.313  0.42 7.69  ? 2   GLU A CG  1 
ATOM   23  C  CD  A GLU A 1 2  ? 13.600  -3.574  10.001  0.58 28.97 ? 2   GLU A CD  1 
ATOM   24  C  CD  B GLU A 1 2  ? 15.238  -1.172  10.510  0.42 11.55 ? 2   GLU A CD  1 
ATOM   25  O  OE1 A GLU A 1 2  ? 13.338  -4.770  9.749   0.58 29.48 ? 2   GLU A OE1 1 
ATOM   26  O  OE1 B GLU A 1 2  ? 14.993  -1.770  9.410   0.42 13.99 ? 2   GLU A OE1 1 
ATOM   27  O  OE2 A GLU A 1 2  ? 14.120  -3.225  11.073  0.58 23.85 ? 2   GLU A OE2 1 
ATOM   28  O  OE2 B GLU A 1 2  ? 16.273  -0.694  11.095  0.42 10.13 ? 2   GLU A OE2 1 
ATOM   29  N  N   . LEU A 1 3  ? 11.461  1.115   7.975   1.00 10.25 ? 3   LEU A N   1 
ATOM   30  C  CA  . LEU A 1 3  ? 10.472  1.903   7.273   1.00 7.69  ? 3   LEU A CA  1 
ATOM   31  C  C   . LEU A 1 3  ? 9.073   1.509   7.705   1.00 6.88  ? 3   LEU A C   1 
ATOM   32  O  O   . LEU A 1 3  ? 8.691   0.321   7.598   1.00 7.21  ? 3   LEU A O   1 
ATOM   33  C  CB  . LEU A 1 3  ? 10.627  1.723   5.772   1.00 8.34  ? 3   LEU A CB  1 
ATOM   34  C  CG  . LEU A 1 3  ? 9.624   2.509   4.922   1.00 9.75  ? 3   LEU A CG  1 
ATOM   35  C  CD1 . LEU A 1 3  ? 9.874   3.991   5.151   1.00 11.16 ? 3   LEU A CD1 1 
ATOM   36  C  CD2 . LEU A 1 3  ? 9.712   2.158   3.468   1.00 13.42 ? 3   LEU A CD2 1 
ATOM   37  N  N   . THR A 1 4  ? 8.290   2.463   8.134   1.00 6.51  ? 4   THR A N   1 
ATOM   38  C  CA  . THR A 1 4  ? 6.880   2.309   8.460   1.00 7.12  ? 4   THR A CA  1 
ATOM   39  C  C   . THR A 1 4  ? 6.102   3.366   7.668   1.00 5.87  ? 4   THR A C   1 
ATOM   40  O  O   . THR A 1 4  ? 6.576   4.457   7.435   1.00 7.34  ? 4   THR A O   1 
ATOM   41  C  CB  . THR A 1 4  ? 6.527   2.393   9.954   1.00 8.69  ? 4   THR A CB  1 
ATOM   42  O  OG1 . THR A 1 4  ? 6.939   3.656   10.421  1.00 12.17 ? 4   THR A OG1 1 
ATOM   43  C  CG2 . THR A 1 4  ? 7.227   1.303   10.793  1.00 10.61 ? 4   THR A CG2 1 
ATOM   44  N  N   . CYS A 1 5  ? 4.868   2.997   7.315   1.00 5.54  ? 5   CYS A N   1 
ATOM   45  C  CA  . CYS A 1 5  ? 4.022   3.793   6.431   1.00 5.13  ? 5   CYS A CA  1 
ATOM   46  C  C   . CYS A 1 5  ? 2.603   3.909   6.946   1.00 5.97  ? 5   CYS A C   1 
ATOM   47  O  O   . CYS A 1 5  ? 1.638   3.921   6.207   1.00 7.49  ? 5   CYS A O   1 
ATOM   48  C  CB  . CYS A 1 5  ? 4.019   3.245   4.989   1.00 5.88  ? 5   CYS A CB  1 
ATOM   49  S  SG  . CYS A 1 5  ? 5.719   3.123   4.328   1.00 6.44  ? 5   CYS A SG  1 
ATOM   50  N  N   . THR A 1 6  ? 2.517   4.091   8.266   1.00 5.73  ? 6   THR A N   1 
ATOM   51  C  CA  . THR A 1 6  ? 1.228   4.150   8.950   1.00 6.55  ? 6   THR A CA  1 
ATOM   52  C  C   . THR A 1 6  ? 0.896   5.541   9.456   1.00 6.77  ? 6   THR A C   1 
ATOM   53  O  O   . THR A 1 6  ? -0.124  5.708   10.138  1.00 8.10  ? 6   THR A O   1 
ATOM   54  C  CB  . THR A 1 6  ? 1.241   3.127   10.115  1.00 7.32  ? 6   THR A CB  1 
ATOM   55  O  OG1 . THR A 1 6  ? 2.427   3.342   10.841  1.00 8.12  ? 6   THR A OG1 1 
ATOM   56  C  CG2 . THR A 1 6  ? 1.156   1.692   9.617   1.00 9.27  ? 6   THR A CG2 1 
ATOM   57  N  N   . ASP A 1 7  ? 1.698   6.573   9.139   1.00 6.83  ? 7   ASP A N   1 
ATOM   58  C  CA  . ASP A 1 7  ? 1.389   7.951   9.548   1.00 6.82  ? 7   ASP A CA  1 
ATOM   59  C  C   . ASP A 1 7  ? 0.361   8.571   8.616   1.00 7.40  ? 7   ASP A C   1 
ATOM   60  O  O   . ASP A 1 7  ? 0.665   9.031   7.526   1.00 8.44  ? 7   ASP A O   1 
ATOM   61  C  CB  . ASP A 1 7  ? 2.638   8.794   9.602   1.00 7.12  ? 7   ASP A CB  1 
ATOM   62  C  CG  . ASP A 1 7  ? 2.403   10.165  10.131  1.00 7.68  ? 7   ASP A CG  1 
ATOM   63  O  OD1 . ASP A 1 7  ? 1.234   10.526  10.442  1.00 7.72  ? 7   ASP A OD1 1 
ATOM   64  O  OD2 . ASP A 1 7  ? 3.386   10.929  10.296  1.00 10.71 ? 7   ASP A OD2 1 
ATOM   65  N  N   . VAL A 1 8  ? -0.890  8.593   9.095   1.00 6.78  ? 8   VAL A N   1 
ATOM   66  C  CA  . VAL A 1 8  ? -2.021  9.059   8.334   1.00 6.89  ? 8   VAL A CA  1 
ATOM   67  C  C   . VAL A 1 8  ? -2.417  10.493  8.757   1.00 6.76  ? 8   VAL A C   1 
ATOM   68  O  O   . VAL A 1 8  ? -3.487  10.974  8.374   1.00 7.52  ? 8   VAL A O   1 
ATOM   69  C  CB  . VAL A 1 8  ? -3.235  8.121   8.444   1.00 7.47  ? 8   VAL A CB  1 
ATOM   70  C  CG1 . VAL A 1 8  ? -2.933  6.817   7.746   1.00 9.28  ? 8   VAL A CG1 1 
ATOM   71  C  CG2 . VAL A 1 8  ? -3.640  7.878   9.890   1.00 8.60  ? 8   VAL A CG2 1 
ATOM   72  N  N   . SER A 1 9  ? -1.559  11.191  9.470   1.00 7.08  ? 9   SER A N   1 
ATOM   73  C  CA  . SER A 1 9  ? -1.909  12.507  9.981   1.00 7.45  ? 9   SER A CA  1 
ATOM   74  C  C   . SER A 1 9  ? -2.155  13.620  8.933   1.00 7.22  ? 9   SER A C   1 
ATOM   75  O  O   . SER A 1 9  ? -2.767  14.612  9.307   1.00 8.61  ? 9   SER A O   1 
ATOM   76  C  CB  . SER A 1 9  ? -0.848  12.917  11.051  1.00 8.79  ? 9   SER A CB  1 
ATOM   77  O  OG  . SER A 1 9  ? 0.418   13.065  10.462  1.00 8.46  ? 9   SER A OG  1 
ATOM   78  N  N   . GLY A 1 10 ? -1.727  13.416  7.715   1.00 8.17  ? 10  GLY A N   1 
ATOM   79  C  CA  . GLY A 1 10 ? -2.029  14.418  6.709   1.00 7.56  ? 10  GLY A CA  1 
ATOM   80  C  C   . GLY A 1 10 ? -3.306  14.185  5.947   1.00 7.25  ? 10  GLY A C   1 
ATOM   81  O  O   . GLY A 1 10 ? -3.627  14.903  4.996   1.00 8.08  ? 10  GLY A O   1 
ATOM   82  N  N   . LEU A 1 11 ? -4.025  13.112  6.328   1.00 6.02  ? 11  LEU A N   1 
ATOM   83  C  CA  . LEU A 1 11 ? -5.220  12.716  5.598   1.00 6.01  ? 11  LEU A CA  1 
ATOM   84  C  C   . LEU A 1 11 ? -6.472  13.200  6.338   1.00 5.85  ? 11  LEU A C   1 
ATOM   85  O  O   . LEU A 1 11 ? -6.498  13.319  7.541   1.00 6.49  ? 11  LEU A O   1 
ATOM   86  C  CB  . LEU A 1 11 ? -5.288  11.179  5.515   1.00 6.69  ? 11  LEU A CB  1 
ATOM   87  C  CG  . LEU A 1 11 ? -4.101  10.547  4.765   1.00 8.28  ? 11  LEU A CG  1 
ATOM   88  C  CD1 . LEU A 1 11 ? -4.373  9.065   4.632   1.00 9.17  ? 11  LEU A CD1 1 
ATOM   89  C  CD2 . LEU A 1 11 ? -3.765  11.186  3.438   1.00 9.21  ? 11  LEU A CD2 1 
ATOM   90  N  N   . THR A 1 12 ? -7.488  13.425  5.549   1.00 6.18  ? 12  THR A N   1 
ATOM   91  C  CA  . THR A 1 12 ? -8.815  13.672  6.068   1.00 6.56  ? 12  THR A CA  1 
ATOM   92  C  C   . THR A 1 12 ? -9.381  12.413  6.725   1.00 6.32  ? 12  THR A C   1 
ATOM   93  O  O   . THR A 1 12 ? -8.983  11.301  6.391   1.00 6.16  ? 12  THR A O   1 
ATOM   94  C  CB  . THR A 1 12 ? -9.791  14.134  4.939   1.00 7.19  ? 12  THR A CB  1 
ATOM   95  O  OG1 . THR A 1 12 ? -10.007 13.052  4.021   1.00 7.98  ? 12  THR A OG1 1 
ATOM   96  C  CG2 . THR A 1 12 ? -9.308  15.358  4.235   1.00 7.94  ? 12  THR A CG2 1 
ATOM   97  N  N   . ALA A 1 13 ? -10.345 12.598  7.589   1.00 6.21  ? 13  ALA A N   1 
ATOM   98  C  CA  . ALA A 1 13 ? -10.998 11.432  8.203   1.00 6.23  ? 13  ALA A CA  1 
ATOM   99  C  C   . ALA A 1 13 ? -11.520 10.491  7.143   1.00 5.52  ? 13  ALA A C   1 
ATOM   100 O  O   . ALA A 1 13 ? -11.396 9.256   7.269   1.00 6.08  ? 13  ALA A O   1 
ATOM   101 C  CB  . ALA A 1 13 ? -12.110 11.850  9.145   1.00 8.81  ? 13  ALA A CB  1 
ATOM   102 N  N   . GLU A 1 14 ? -12.154 11.038  6.082   1.00 5.70  ? 14  GLU A N   1 
ATOM   103 C  CA  . GLU A 1 14 ? -12.721 10.166  5.064   1.00 6.16  ? 14  GLU A CA  1 
ATOM   104 C  C   . GLU A 1 14 ? -11.633 9.394   4.329   1.00 5.51  ? 14  GLU A C   1 
ATOM   105 O  O   . GLU A 1 14 ? -11.861 8.258   3.934   1.00 6.61  ? 14  GLU A O   1 
ATOM   106 C  CB  . GLU A 1 14 ? -13.571 10.958  4.107   1.00 6.09  ? 14  GLU A CB  1 
ATOM   107 C  CG  . GLU A 1 14 ? -14.884 11.405  4.671   1.00 7.14  ? 14  GLU A CG  1 
ATOM   108 C  CD  . GLU A 1 14 ? -15.729 12.271  3.792   1.00 8.59  ? 14  GLU A CD  1 
ATOM   109 O  OE1 . GLU A 1 14 ? -15.653 12.103  2.567   1.00 8.96  ? 14  GLU A OE1 1 
ATOM   110 O  OE2 . GLU A 1 14 ? -16.610 13.025  4.330   1.00 11.97 ? 14  GLU A OE2 1 
ATOM   111 N  N   . GLU A 1 15 ? -10.500 10.005  4.075   1.00 5.77  ? 15  GLU A N   1 
ATOM   112 C  CA  . GLU A 1 15 ? -9.428  9.265   3.413   1.00 6.01  ? 15  GLU A CA  1 
ATOM   113 C  C   . GLU A 1 15 ? -8.891  8.129   4.294   1.00 5.32  ? 15  GLU A C   1 
ATOM   114 O  O   . GLU A 1 15 ? -8.586  7.032   3.817   1.00 5.69  ? 15  GLU A O   1 
ATOM   115 C  CB  . GLU A 1 15 ? -8.299  10.197  3.008   1.00 6.94  ? 15  GLU A CB  1 
ATOM   116 C  CG  . GLU A 1 15 ? -8.609  11.131  1.871   1.00 9.16  ? 15  GLU A CG  1 
ATOM   117 C  CD  . GLU A 1 15 ? -7.626  12.279  1.723   1.00 10.65 ? 15  GLU A CD  1 
ATOM   118 O  OE1 . GLU A 1 15 ? -7.442  13.033  2.702   1.00 10.57 ? 15  GLU A OE1 1 
ATOM   119 O  OE2 . GLU A 1 15 ? -7.109  12.509  0.612   1.00 22.26 ? 15  GLU A OE2 1 
ATOM   120 N  N   . ILE A 1 16 ? -8.789  8.400   5.608   1.00 5.16  ? 16  ILE A N   1 
ATOM   121 C  CA  . ILE A 1 16 ? -8.379  7.356   6.553   1.00 5.31  ? 16  ILE A CA  1 
ATOM   122 C  C   . ILE A 1 16 ? -9.418  6.251   6.559   1.00 4.97  ? 16  ILE A C   1 
ATOM   123 O  O   . ILE A 1 16 ? -9.064  5.046   6.577   1.00 5.77  ? 16  ILE A O   1 
ATOM   124 C  CB  . ILE A 1 16 ? -8.146  7.947   7.963   1.00 5.01  ? 16  ILE A CB  1 
ATOM   125 C  CG1 . ILE A 1 16 ? -7.048  8.980   7.922   1.00 5.64  ? 16  ILE A CG1 1 
ATOM   126 C  CG2 . ILE A 1 16 ? -7.833  6.828   8.914   1.00 6.85  ? 16  ILE A CG2 1 
ATOM   127 C  CD1 . ILE A 1 16 ? -6.932  9.806   9.166   1.00 6.53  ? 16  ILE A CD1 1 
ATOM   128 N  N   . GLN A 1 17 ? -10.683 6.593   6.547   1.00 5.12  ? 17  GLN A N   1 
ATOM   129 C  CA  . GLN A 1 17 ? -11.742 5.591   6.519   1.00 5.87  ? 17  GLN A CA  1 
ATOM   130 C  C   . GLN A 1 17 ? -11.634 4.694   5.304   1.00 6.45  ? 17  GLN A C   1 
ATOM   131 O  O   . GLN A 1 17 ? -11.859 3.480   5.413   1.00 6.54  ? 17  GLN A O   1 
ATOM   132 C  CB  . GLN A 1 17 ? -13.115 6.254   6.533   1.00 6.49  ? 17  GLN A CB  1 
ATOM   133 C  CG  . GLN A 1 17 ? -13.453 6.894   7.834   1.00 6.92  ? 17  GLN A CG  1 
ATOM   134 C  CD  . GLN A 1 17 ? -14.579 7.886   7.826   1.00 8.13  ? 17  GLN A CD  1 
ATOM   135 O  OE1 . GLN A 1 17 ? -15.352 8.013   6.856   1.00 11.58 ? 17  GLN A OE1 1 
ATOM   136 N  NE2 . GLN A 1 17 ? -14.731 8.707   8.817   1.00 16.98 ? 17  GLN A NE2 1 
ATOM   137 N  N   . MET A 1 18 ? -11.252 5.203   4.134   1.00 7.18  ? 18  MET A N   1 
ATOM   138 C  CA  . MET A 1 18 ? -11.071 4.322   2.972   1.00 8.68  ? 18  MET A CA  1 
ATOM   139 C  C   . MET A 1 18 ? -9.946  3.369   3.178   1.00 7.92  ? 18  MET A C   1 
ATOM   140 O  O   . MET A 1 18 ? -10.123 2.169   2.886   1.00 9.10  ? 18  MET A O   1 
ATOM   141 C  CB  . MET A 1 18 ? -10.851 5.102   1.659   1.00 9.26  ? 18  MET A CB  1 
ATOM   142 C  CG  . MET A 1 18 ? -10.827 4.146   0.441   1.00 10.13 ? 18  MET A CG  1 
ATOM   143 S  SD  . MET A 1 18 ? -10.564 4.759   -1.159  1.00 10.41 ? 18  MET A SD  1 
ATOM   144 C  CE  . MET A 1 18 ? -12.100 5.562   -1.450  1.00 10.76 ? 18  MET A CE  1 
ATOM   145 N  N   . ARG A 1 19 ? -8.826  3.863   3.668   1.00 7.61  ? 19  ARG A N   1 
ATOM   146 C  CA  A ARG A 1 19 ? -7.673  3.016   3.939   0.66 8.28  ? 19  ARG A CA  1 
ATOM   147 C  CA  B ARG A 1 19 ? -7.727  3.010   3.945   0.34 8.00  ? 19  ARG A CA  1 
ATOM   148 C  C   . ARG A 1 19 ? -8.074  1.884   4.885   1.00 6.29  ? 19  ARG A C   1 
ATOM   149 O  O   . ARG A 1 19 ? -7.729  0.719   4.647   1.00 7.28  ? 19  ARG A O   1 
ATOM   150 C  CB  A ARG A 1 19 ? -6.406  3.634   4.623   0.66 7.66  ? 19  ARG A CB  1 
ATOM   151 C  CB  B ARG A 1 19 ? -6.879  4.199   4.495   0.34 8.70  ? 19  ARG A CB  1 
ATOM   152 C  CG  A ARG A 1 19 ? -5.684  4.661   3.812   0.66 5.50  ? 19  ARG A CG  1 
ATOM   153 C  CG  B ARG A 1 19 ? -5.526  3.594   4.615   0.34 5.39  ? 19  ARG A CG  1 
ATOM   154 C  CD  A ARG A 1 19 ? -4.651  5.427   4.587   0.66 5.20  ? 19  ARG A CD  1 
ATOM   155 C  CD  B ARG A 1 19 ? -4.499  4.676   4.707   0.34 6.51  ? 19  ARG A CD  1 
ATOM   156 N  NE  A ARG A 1 19 ? -3.564  4.665   5.209   0.66 5.55  ? 19  ARG A NE  1 
ATOM   157 N  NE  B ARG A 1 19 ? -3.263  4.314   5.339   0.34 7.33  ? 19  ARG A NE  1 
ATOM   158 C  CZ  A ARG A 1 19 ? -2.254  4.691   4.848   0.66 5.98  ? 19  ARG A CZ  1 
ATOM   159 C  CZ  B ARG A 1 19 ? -2.024  4.568   4.918   0.34 5.90  ? 19  ARG A CZ  1 
ATOM   160 N  NH1 A ARG A 1 19 ? -1.815  5.374   3.804   0.66 7.70  ? 19  ARG A NH1 1 
ATOM   161 N  NH1 B ARG A 1 19 ? -1.023  4.168   5.682   0.34 5.09  ? 19  ARG A NH1 1 
ATOM   162 N  NH2 A ARG A 1 19 ? -1.391  3.999   5.565   0.66 7.38  ? 19  ARG A NH2 1 
ATOM   163 N  NH2 B ARG A 1 19 ? -1.732  5.208   3.792   0.34 7.51  ? 19  ARG A NH2 1 
ATOM   164 N  N   . GLU A 1 20 ? -8.806  2.225   5.947   1.00 5.60  ? 20  GLU A N   1 
ATOM   165 C  CA  . GLU A 1 20 ? -9.250  1.199   6.912   1.00 5.84  ? 20  GLU A CA  1 
ATOM   166 C  C   . GLU A 1 20 ? -10.233 0.234   6.300   1.00 5.49  ? 20  GLU A C   1 
ATOM   167 O  O   . GLU A 1 20 ? -10.204 -0.971  6.587   1.00 6.05  ? 20  GLU A O   1 
ATOM   168 C  CB  . GLU A 1 20 ? -9.872  1.897   8.104   1.00 6.89  ? 20  GLU A CB  1 
ATOM   169 C  CG  . GLU A 1 20 ? -8.853  2.676   8.888   1.00 8.07  ? 20  GLU A CG  1 
ATOM   170 C  CD  . GLU A 1 20 ? -9.492  3.268   10.112  1.00 8.77  ? 20  GLU A CD  1 
ATOM   171 O  OE1 . GLU A 1 20 ? -10.718 3.310   10.320  1.00 13.63 ? 20  GLU A OE1 1 
ATOM   172 O  OE2 . GLU A 1 20 ? -8.675  3.786   10.919  1.00 12.12 ? 20  GLU A OE2 1 
ATOM   173 N  N   . SER A 1 21 ? -11.149 0.718   5.490   1.00 5.53  ? 21  SER A N   1 
ATOM   174 C  CA  A SER A 1 21 ? -12.164 -0.200  4.950   0.47 6.27  ? 21  SER A CA  1 
ATOM   175 C  CA  B SER A 1 21 ? -12.150 -0.082  4.803   0.53 6.00  ? 21  SER A CA  1 
ATOM   176 C  C   . SER A 1 21 ? -11.506 -1.226  4.056   1.00 5.44  ? 21  SER A C   1 
ATOM   177 O  O   . SER A 1 21 ? -11.993 -2.373  4.034   1.00 5.99  ? 21  SER A O   1 
ATOM   178 C  CB  A SER A 1 21 ? -13.297 0.561   4.263   0.47 7.80  ? 21  SER A CB  1 
ATOM   179 C  CB  B SER A 1 21 ? -12.976 0.808   3.874   0.53 7.48  ? 21  SER A CB  1 
ATOM   180 O  OG  A SER A 1 21 ? -12.919 0.949   2.961   0.47 6.96  ? 21  SER A OG  1 
ATOM   181 O  OG  B SER A 1 21 ? -13.768 0.080   2.980   0.53 8.30  ? 21  SER A OG  1 
ATOM   182 N  N   . LEU A 1 22 ? -10.430 -0.899  3.352   1.00 4.90  ? 22  LEU A N   1 
ATOM   183 C  CA  . LEU A 1 22 ? -9.666  -1.830  2.550   1.00 5.07  ? 22  LEU A CA  1 
ATOM   184 C  C   . LEU A 1 22 ? -8.612  -2.595  3.327   1.00 5.14  ? 22  LEU A C   1 
ATOM   185 O  O   . LEU A 1 22 ? -7.827  -3.361  2.759   1.00 5.43  ? 22  LEU A O   1 
ATOM   186 C  CB  . LEU A 1 22 ? -9.091  -1.105  1.329   1.00 5.13  ? 22  LEU A CB  1 
ATOM   187 C  CG  . LEU A 1 22 ? -10.152 -0.484  0.413   1.00 5.66  ? 22  LEU A CG  1 
ATOM   188 C  CD1 . LEU A 1 22 ? -9.469  0.266   -0.738  1.00 6.65  ? 22  LEU A CD1 1 
ATOM   189 C  CD2 . LEU A 1 22 ? -11.145 -1.536  -0.121  1.00 6.91  ? 22  LEU A CD2 1 
ATOM   190 N  N   . GLN A 1 23 ? -8.587  -2.411  4.635   1.00 5.14  ? 23  GLN A N   1 
ATOM   191 C  CA  . GLN A 1 23 ? -7.676  -3.127  5.507   1.00 5.79  ? 23  GLN A CA  1 
ATOM   192 C  C   . GLN A 1 23 ? -6.220  -2.905  5.115   1.00 5.23  ? 23  GLN A C   1 
ATOM   193 O  O   . GLN A 1 23 ? -5.395  -3.801  5.090   1.00 6.38  ? 23  GLN A O   1 
ATOM   194 C  CB  . GLN A 1 23 ? -8.011  -4.642  5.609   1.00 6.58  ? 23  GLN A CB  1 
ATOM   195 C  CG  . GLN A 1 23 ? -9.438  -4.865  6.084   1.00 8.59  ? 23  GLN A CG  1 
ATOM   196 C  CD  . GLN A 1 23 ? -9.663  -6.367  6.051   1.00 10.81 ? 23  GLN A CD  1 
ATOM   197 O  OE1 . GLN A 1 23 ? -10.480 -6.807  5.217   1.00 15.69 ? 23  GLN A OE1 1 
ATOM   198 N  NE2 . GLN A 1 23 ? -9.012  -7.095  6.933   1.00 13.15 ? 23  GLN A NE2 1 
ATOM   199 N  N   . TYR A 1 24 ? -5.848  -1.658  4.831   1.00 5.21  ? 24  TYR A N   1 
ATOM   200 C  CA  . TYR A 1 24 ? -4.447  -1.374  4.523   1.00 5.24  ? 24  TYR A CA  1 
ATOM   201 C  C   . TYR A 1 24 ? -3.571  -1.817  5.721   1.00 4.84  ? 24  TYR A C   1 
ATOM   202 O  O   . TYR A 1 24 ? -3.866  -1.445  6.857   1.00 5.83  ? 24  TYR A O   1 
ATOM   203 C  CB  . TYR A 1 24 ? -4.223  0.159   4.159   1.00 6.09  ? 24  TYR A CB  1 
ATOM   204 C  CG  . TYR A 1 24 ? -2.692  0.298   4.062   1.00 5.79  ? 24  TYR A CG  1 
ATOM   205 C  CD1 . TYR A 1 24 ? -2.024  -0.160  2.926   1.00 5.58  ? 24  TYR A CD1 1 
ATOM   206 C  CD2 . TYR A 1 24 ? -1.931  0.774   5.134   1.00 5.95  ? 24  TYR A CD2 1 
ATOM   207 C  CE1 . TYR A 1 24 ? -0.642  -0.107  2.848   1.00 5.90  ? 24  TYR A CE1 1 
ATOM   208 C  CE2 . TYR A 1 24 ? -0.569  0.750   5.071   1.00 5.93  ? 24  TYR A CE2 1 
ATOM   209 C  CZ  . TYR A 1 24 ? 0.090   0.355   3.956   1.00 5.39  ? 24  TYR A CZ  1 
ATOM   210 O  OH  . TYR A 1 24 ? 1.438   0.302   3.903   1.00 6.10  ? 24  TYR A OH  1 
ATOM   211 N  N   . THR A 1 25 ? -2.472  -2.491  5.384   1.00 4.84  ? 25  THR A N   1 
ATOM   212 C  CA  . THR A 1 25 ? -1.474  -2.869  6.370   1.00 5.33  ? 25  THR A CA  1 
ATOM   213 C  C   . THR A 1 25 ? -0.109  -2.686  5.754   1.00 5.05  ? 25  THR A C   1 
ATOM   214 O  O   . THR A 1 25 ? 0.094   -2.915  4.559   1.00 5.29  ? 25  THR A O   1 
ATOM   215 C  CB  . THR A 1 25 ? -1.674  -4.320  6.816   1.00 6.19  ? 25  THR A CB  1 
ATOM   216 O  OG1 . THR A 1 25 ? -0.680  -4.703  7.767   1.00 6.85  ? 25  THR A OG1 1 
ATOM   217 C  CG2 . THR A 1 25 ? -1.635  -5.346  5.654   1.00 6.94  ? 25  THR A CG2 1 
ATOM   218 N  N   . ASP A 1 26 ? 0.881   -2.327  6.579   1.00 5.50  ? 26  ASP A N   1 
ATOM   219 C  CA  . ASP A 1 26 ? 2.262   -2.352  6.175   1.00 5.89  ? 26  ASP A CA  1 
ATOM   220 C  C   . ASP A 1 26 ? 2.860   -3.757  5.973   1.00 6.57  ? 26  ASP A C   1 
ATOM   221 O  O   . ASP A 1 26 ? 3.895   -3.893  5.325   1.00 7.26  ? 26  ASP A O   1 
ATOM   222 C  CB  . ASP A 1 26 ? 3.146   -1.636  7.207   1.00 6.73  ? 26  ASP A CB  1 
ATOM   223 C  CG  . ASP A 1 26 ? 3.344   -0.168  7.117   1.00 6.69  ? 26  ASP A CG  1 
ATOM   224 O  OD1 . ASP A 1 26 ? 2.683   0.511   6.290   1.00 6.48  ? 26  ASP A OD1 1 
ATOM   225 O  OD2 . ASP A 1 26 ? 4.205   0.347   7.912   1.00 8.23  ? 26  ASP A OD2 1 
ATOM   226 N  N   . HIS A 1 27 ? 2.251   -4.750  6.611   1.00 6.48  ? 27  HIS A N   1 
ATOM   227 C  CA  . HIS A 1 27 ? 2.765   -6.104  6.668   1.00 8.00  ? 27  HIS A CA  1 
ATOM   228 C  C   . HIS A 1 27 ? 1.747   -7.043  6.032   1.00 7.25  ? 27  HIS A C   1 
ATOM   229 O  O   . HIS A 1 27 ? 0.912   -7.579  6.739   1.00 7.99  ? 27  HIS A O   1 
ATOM   230 C  CB  . HIS A 1 27 ? 3.094   -6.558  8.126   1.00 9.63  ? 27  HIS A CB  1 
ATOM   231 C  CG  . HIS A 1 27 ? 4.259   -5.836  8.734   1.00 10.24 ? 27  HIS A CG  1 
ATOM   232 N  ND1 . HIS A 1 27 ? 4.116   -4.661  9.444   1.00 12.93 ? 27  HIS A ND1 1 
ATOM   233 C  CD2 . HIS A 1 27 ? 5.558   -6.200  8.801   1.00 13.80 ? 27  HIS A CD2 1 
ATOM   234 C  CE1 . HIS A 1 27 ? 5.353   -4.312  9.906   1.00 12.93 ? 27  HIS A CE1 1 
ATOM   235 N  NE2 . HIS A 1 27 ? 6.228   -5.216  9.506   1.00 13.61 ? 27  HIS A NE2 1 
ATOM   236 N  N   . SER A 1 28 ? 1.817   -7.245  4.715   1.00 6.73  ? 28  SER A N   1 
ATOM   237 C  CA  . SER A 1 28 ? 0.854   -8.082  4.063   1.00 6.79  ? 28  SER A CA  1 
ATOM   238 C  C   . SER A 1 28 ? 0.736   -9.464  4.736   1.00 8.65  ? 28  SER A C   1 
ATOM   239 O  O   . SER A 1 28 ? 1.798   -10.045 5.016   1.00 12.17 ? 28  SER A O   1 
ATOM   240 C  CB  . SER A 1 28 ? 1.256   -8.341  2.621   1.00 7.01  ? 28  SER A CB  1 
ATOM   241 O  OG  . SER A 1 28 ? 0.277   -9.227  2.084   1.00 7.15  ? 28  SER A OG  1 
ATOM   242 N  N   . PRO A 1 29 ? -0.502  -9.947  4.891   1.00 10.97 ? 29  PRO A N   1 
ATOM   243 C  CA  . PRO A 1 29 ? -0.683  -11.318 5.400   1.00 16.89 ? 29  PRO A CA  1 
ATOM   244 C  C   . PRO A 1 29 ? -0.302  -12.367 4.376   1.00 16.99 ? 29  PRO A C   1 
ATOM   245 O  O   . PRO A 1 29 ? -0.221  -13.531 4.756   1.00 28.62 ? 29  PRO A O   1 
ATOM   246 C  CB  . PRO A 1 29 ? -2.179  -11.389 5.671   1.00 23.19 ? 29  PRO A CB  1 
ATOM   247 C  CG  . PRO A 1 29 ? -2.829  -10.322 4.950   1.00 23.70 ? 29  PRO A CG  1 
ATOM   248 C  CD  . PRO A 1 29 ? -1.795  -9.290  4.663   1.00 14.81 ? 29  PRO A CD  1 
ATOM   249 N  N   . TYR A 1 30 ? -0.116  -11.977 3.112   1.00 11.43 ? 30  TYR A N   1 
ATOM   250 C  CA  A TYR A 1 30 ? 0.069   -12.959 2.052   0.62 10.66 ? 30  TYR A CA  1 
ATOM   251 C  CA  B TYR A 1 30 ? 0.006   -12.887 1.992   0.38 10.36 ? 30  TYR A CA  1 
ATOM   252 C  C   . TYR A 1 30 ? 1.441   -12.848 1.488   1.00 12.00 ? 30  TYR A C   1 
ATOM   253 O  O   . TYR A 1 30 ? 1.928   -11.800 1.072   1.00 17.05 ? 30  TYR A O   1 
ATOM   254 C  CB  A TYR A 1 30 ? -0.929  -12.715 0.922   0.62 11.47 ? 30  TYR A CB  1 
ATOM   255 C  CB  B TYR A 1 30 ? -0.968  -12.502 0.894   0.38 11.27 ? 30  TYR A CB  1 
ATOM   256 C  CG  A TYR A 1 30 ? -2.277  -12.583 1.602   0.62 11.76 ? 30  TYR A CG  1 
ATOM   257 C  CG  B TYR A 1 30 ? -2.449  -12.669 1.040   0.38 13.10 ? 30  TYR A CG  1 
ATOM   258 C  CD1 A TYR A 1 30 ? -2.989  -11.425 1.578   0.62 13.97 ? 30  TYR A CD1 1 
ATOM   259 C  CD1 B TYR A 1 30 ? -3.107  -13.887 1.129   0.38 13.53 ? 30  TYR A CD1 1 
ATOM   260 C  CD2 A TYR A 1 30 ? -2.808  -13.680 2.272   0.62 10.96 ? 30  TYR A CD2 1 
ATOM   261 C  CD2 B TYR A 1 30 ? -3.315  -11.582 1.086   0.38 15.88 ? 30  TYR A CD2 1 
ATOM   262 C  CE1 A TYR A 1 30 ? -4.215  -11.375 2.205   0.62 16.22 ? 30  TYR A CE1 1 
ATOM   263 C  CE1 B TYR A 1 30 ? -4.468  -14.067 1.260   0.38 19.20 ? 30  TYR A CE1 1 
ATOM   264 C  CE2 A TYR A 1 30 ? -4.013  -13.652 2.917   0.62 13.07 ? 30  TYR A CE2 1 
ATOM   265 C  CE2 B TYR A 1 30 ? -4.686  -11.730 1.219   0.38 13.58 ? 30  TYR A CE2 1 
ATOM   266 C  CZ  A TYR A 1 30 ? -4.732  -12.465 2.890   0.62 14.59 ? 30  TYR A CZ  1 
ATOM   267 C  CZ  B TYR A 1 30 ? -5.298  -12.970 1.307   0.38 22.36 ? 30  TYR A CZ  1 
ATOM   268 O  OH  A TYR A 1 30 ? -5.920  -12.482 3.534   0.62 19.38 ? 30  TYR A OH  1 
ATOM   269 O  OH  B TYR A 1 30 ? -6.657  -13.067 1.438   0.38 25.39 ? 30  TYR A OH  1 
ATOM   270 N  N   B PRO A 1 31 ? 2.129   -13.985 1.413   1.00 13.69 ? 31  PRO A N   1 
ATOM   271 C  CA  B PRO A 1 31 ? 3.496   -13.956 0.902   1.00 16.41 ? 31  PRO A CA  1 
ATOM   272 C  C   B PRO A 1 31 ? 3.562   -13.476 -0.522  1.00 14.57 ? 31  PRO A C   1 
ATOM   273 O  O   B PRO A 1 31 ? 4.561   -12.878 -0.922  1.00 21.42 ? 31  PRO A O   1 
ATOM   274 C  CB  B PRO A 1 31 ? 3.971   -15.421 1.021   1.00 24.91 ? 31  PRO A CB  1 
ATOM   275 C  CG  B PRO A 1 31 ? 2.901   -16.169 1.739   1.00 30.81 ? 31  PRO A CG  1 
ATOM   276 C  CD  B PRO A 1 31 ? 1.665   -15.340 1.806   1.00 22.50 ? 31  PRO A CD  1 
ATOM   277 N  N   B ASP A 1 32 ? 2.554   -13.679 -1.321  1.00 13.48 ? 32  ASP A N   1 
ATOM   278 C  CA  B ASP A 1 32 ? 2.600   -13.452 -2.769  1.00 12.37 ? 32  ASP A CA  1 
ATOM   279 C  C   B ASP A 1 32 ? 1.757   -12.269 -3.196  1.00 10.46 ? 32  ASP A C   1 
ATOM   280 O  O   B ASP A 1 32 ? 1.596   -12.077 -4.413  1.00 10.48 ? 32  ASP A O   1 
ATOM   281 C  CB  B ASP A 1 32 ? 2.162   -14.722 -3.525  1.00 15.51 ? 32  ASP A CB  1 
ATOM   282 C  CG  B ASP A 1 32 ? 0.811   -15.205 -2.977  1.00 15.13 ? 32  ASP A CG  1 
ATOM   283 O  OD1 B ASP A 1 32 ? 0.250   -14.809 -1.928  1.00 18.06 ? 32  ASP A OD1 1 
ATOM   284 O  OD2 B ASP A 1 32 ? 0.315   -16.167 -3.656  1.00 20.85 ? 32  ASP A OD2 1 
ATOM   285 N  N   B LYS A 1 33 ? 1.221   -11.455 -2.292  1.00 8.79  ? 33  LYS A N   1 
ATOM   286 C  CA  A LYS A 1 33 ? 0.415   -10.255 -2.700  0.56 7.53  ? 33  LYS A CA  1 
ATOM   287 C  CA  B LYS A 1 33 ? 0.437   -10.296 -2.654  0.44 7.93  ? 33  LYS A CA  1 
ATOM   288 C  C   . LYS A 1 33 ? 0.893   -9.141  -1.774  1.00 7.32  ? 33  LYS A C   1 
ATOM   289 O  O   . LYS A 1 33 ? 0.612   -9.117  -0.581  1.00 9.69  ? 33  LYS A O   1 
ATOM   290 C  CB  A LYS A 1 33 ? -1.090  -10.456 -2.464  0.56 7.96  ? 33  LYS A CB  1 
ATOM   291 C  CB  B LYS A 1 33 ? -1.060  -10.523 -2.492  0.44 9.13  ? 33  LYS A CB  1 
ATOM   292 C  CG  A LYS A 1 33 ? -1.542  -11.751 -3.111  0.56 10.93 ? 33  LYS A CG  1 
ATOM   293 C  CG  B LYS A 1 33 ? -1.607  -11.635 -3.361  0.44 10.12 ? 33  LYS A CG  1 
ATOM   294 C  CD  A LYS A 1 33 ? -3.072  -11.863 -2.971  0.56 15.52 ? 33  LYS A CD  1 
ATOM   295 C  CD  B LYS A 1 33 ? -3.105  -11.790 -3.081  0.44 16.17 ? 33  LYS A CD  1 
ATOM   296 C  CE  A LYS A 1 33 ? -3.596  -12.852 -4.014  0.56 20.26 ? 33  LYS A CE  1 
ATOM   297 C  CE  B LYS A 1 33 ? -3.624  -13.193 -3.395  0.44 21.99 ? 33  LYS A CE  1 
ATOM   298 N  NZ  A LYS A 1 33 ? -5.028  -13.184 -3.752  0.56 33.70 ? 33  LYS A NZ  1 
ATOM   299 N  NZ  B LYS A 1 33 ? -4.838  -13.421 -2.538  0.44 38.06 ? 33  LYS A NZ  1 
ATOM   300 N  N   . THR A 1 34 ? 1.629   -8.197  -2.373  1.00 6.50  ? 34  THR A N   1 
ATOM   301 C  CA  . THR A 1 34 ? 2.055   -7.012  -1.665  1.00 5.43  ? 34  THR A CA  1 
ATOM   302 C  C   . THR A 1 34 ? 1.821   -5.791  -2.560  1.00 5.23  ? 34  THR A C   1 
ATOM   303 O  O   . THR A 1 34 ? 1.650   -5.941  -3.773  1.00 5.80  ? 34  THR A O   1 
ATOM   304 C  CB  . THR A 1 34 ? 3.545   -7.036  -1.219  1.00 7.64  ? 34  THR A CB  1 
ATOM   305 O  OG1 . THR A 1 34 ? 4.374   -6.999  -2.379  1.00 9.97  ? 34  THR A OG1 1 
ATOM   306 C  CG2 . THR A 1 34 ? 3.850   -8.238  -0.342  1.00 8.10  ? 34  THR A CG2 1 
ATOM   307 N  N   . CYS A 1 35 ? 1.945   -4.623  -1.979  1.00 5.01  ? 35  CYS A N   1 
ATOM   308 C  CA  . CYS A 1 35 ? 1.814   -3.437  -2.832  1.00 4.98  ? 35  CYS A CA  1 
ATOM   309 C  C   . CYS A 1 35 ? 2.836   -3.457  -3.932  1.00 5.07  ? 35  CYS A C   1 
ATOM   310 O  O   . CYS A 1 35 ? 2.531   -3.053  -5.073  1.00 5.87  ? 35  CYS A O   1 
ATOM   311 C  CB  . CYS A 1 35 ? 1.958   -2.177  -1.959  1.00 4.97  ? 35  CYS A CB  1 
ATOM   312 S  SG  . CYS A 1 35 ? 0.663   -2.035  -0.704  1.00 5.14  ? 35  CYS A SG  1 
ATOM   313 N  N   . ALA A 1 36 ? 4.046   -3.929  -3.674  1.00 5.22  ? 36  ALA A N   1 
ATOM   314 C  CA  . ALA A 1 36 ? 5.067   -3.930  -4.724  1.00 6.26  ? 36  ALA A CA  1 
ATOM   315 C  C   . ALA A 1 36 ? 4.698   -4.794  -5.915  1.00 6.64  ? 36  ALA A C   1 
ATOM   316 O  O   . ALA A 1 36 ? 5.334   -4.627  -6.988  1.00 9.10  ? 36  ALA A O   1 
ATOM   317 C  CB  . ALA A 1 36 ? 6.420   -4.360  -4.170  1.00 8.41  ? 36  ALA A CB  1 
ATOM   318 N  N   . ASN A 1 37 ? 3.788   -5.736  -5.818  1.00 6.19  ? 37  ASN A N   1 
ATOM   319 C  CA  . ASN A 1 37 ? 3.362   -6.496  -7.000  1.00 7.03  ? 37  ASN A CA  1 
ATOM   320 C  C   . ASN A 1 37 ? 1.905   -6.220  -7.352  1.00 6.49  ? 37  ASN A C   1 
ATOM   321 O  O   . ASN A 1 37 ? 1.277   -7.029  -8.085  1.00 8.12  ? 37  ASN A O   1 
ATOM   322 C  CB  . ASN A 1 37 ? 3.712   -7.982  -6.991  1.00 7.62  ? 37  ASN A CB  1 
ATOM   323 C  CG  . ASN A 1 37 ? 2.886   -8.829  -6.065  1.00 7.91  ? 37  ASN A CG  1 
ATOM   324 O  OD1 . ASN A 1 37 ? 2.131   -8.329  -5.230  1.00 7.59  ? 37  ASN A OD1 1 
ATOM   325 N  ND2 . ASN A 1 37 ? 3.103   -10.144 -6.155  1.00 11.65 ? 37  ASN A ND2 1 
ATOM   326 N  N   . CYS A 1 38 ? 1.408   -5.066  -6.971  1.00 5.66  ? 38  CYS A N   1 
ATOM   327 C  CA  . CYS A 1 38 ? 0.077   -4.559  -7.273  1.00 5.71  ? 38  CYS A CA  1 
ATOM   328 C  C   . CYS A 1 38 ? 0.143   -3.492  -8.398  1.00 6.31  ? 38  CYS A C   1 
ATOM   329 O  O   . CYS A 1 38 ? 1.025   -2.650  -8.419  1.00 6.69  ? 38  CYS A O   1 
ATOM   330 C  CB  . CYS A 1 38 ? -0.527  -3.886  -6.034  1.00 5.73  ? 38  CYS A CB  1 
ATOM   331 S  SG  . CYS A 1 38 ? -2.178  -3.181  -6.301  1.00 5.83  ? 38  CYS A SG  1 
ATOM   332 N  N   . GLN A 1 39 ? -0.854  -3.523  -9.296  1.00 6.33  ? 39  GLN A N   1 
ATOM   333 C  CA  A GLN A 1 39 ? -1.000  -2.596  -10.378 0.49 5.71  ? 39  GLN A CA  1 
ATOM   334 C  CA  B GLN A 1 39 ? -0.847  -2.584  -10.394 0.51 6.99  ? 39  GLN A CA  1 
ATOM   335 C  C   . GLN A 1 39 ? -1.032  -1.161  -9.932  1.00 5.70  ? 39  GLN A C   1 
ATOM   336 O  O   . GLN A 1 39 ? -0.705  -0.260  -10.730 1.00 6.84  ? 39  GLN A O   1 
ATOM   337 C  CB  A GLN A 1 39 ? -2.298  -2.934  -11.171 0.49 8.54  ? 39  GLN A CB  1 
ATOM   338 C  CB  B GLN A 1 39 ? -1.956  -2.892  -11.406 0.51 7.33  ? 39  GLN A CB  1 
ATOM   339 C  CG  A GLN A 1 39 ? -2.436  -2.163  -12.462 0.49 7.78  ? 39  GLN A CG  1 
ATOM   340 C  CG  B GLN A 1 39 ? -1.889  -4.086  -12.306 0.51 12.18 ? 39  GLN A CG  1 
ATOM   341 C  CD  A GLN A 1 39 ? -3.785  -1.904  -13.055 0.49 7.09  ? 39  GLN A CD  1 
ATOM   342 C  CD  B GLN A 1 39 ? -3.001  -4.146  -13.334 0.51 16.54 ? 39  GLN A CD  1 
ATOM   343 O  OE1 A GLN A 1 39 ? -4.817  -1.744  -12.473 0.49 9.06  ? 39  GLN A OE1 1 
ATOM   344 O  OE1 B GLN A 1 39 ? -3.636  -3.151  -13.614 0.51 21.69 ? 39  GLN A OE1 1 
ATOM   345 N  NE2 A GLN A 1 39 ? -3.829  -1.738  -14.398 0.49 8.59  ? 39  GLN A NE2 1 
ATOM   346 N  NE2 B GLN A 1 39 ? -3.339  -5.278  -13.877 0.51 18.00 ? 39  GLN A NE2 1 
ATOM   347 N  N   . LEU A 1 40 ? -1.551  -0.884  -8.730  1.00 5.65  ? 40  LEU A N   1 
ATOM   348 C  CA  . LEU A 1 40 ? -1.871  0.477   -8.342  1.00 6.04  ? 40  LEU A CA  1 
ATOM   349 C  C   . LEU A 1 40 ? -0.785  1.134   -7.505  1.00 5.77  ? 40  LEU A C   1 
ATOM   350 O  O   . LEU A 1 40 ? -0.899  2.323   -7.143  1.00 5.96  ? 40  LEU A O   1 
ATOM   351 C  CB  . LEU A 1 40 ? -3.222  0.503   -7.607  1.00 6.50  ? 40  LEU A CB  1 
ATOM   352 C  CG  . LEU A 1 40 ? -4.373  -0.018  -8.492  1.00 7.19  ? 40  LEU A CG  1 
ATOM   353 C  CD1 . LEU A 1 40 ? -5.686  0.020   -7.751  1.00 10.09 ? 40  LEU A CD1 1 
ATOM   354 C  CD2 . LEU A 1 40 ? -4.527  0.743   -9.772  1.00 11.73 ? 40  LEU A CD2 1 
ATOM   355 N  N   . TYR A 1 41 ? 0.339   0.427   -7.273  1.00 5.51  ? 41  TYR A N   1 
ATOM   356 C  CA  . TYR A 1 41 ? 1.411   0.953   -6.448  1.00 5.90  ? 41  TYR A CA  1 
ATOM   357 C  C   . TYR A 1 41 ? 2.286   1.929   -7.227  1.00 5.86  ? 41  TYR A C   1 
ATOM   358 O  O   . TYR A 1 41 ? 2.565   1.726   -8.428  1.00 7.28  ? 41  TYR A O   1 
ATOM   359 C  CB  . TYR A 1 41 ? 2.264   -0.205  -5.925  1.00 5.89  ? 41  TYR A CB  1 
ATOM   360 C  CG  . TYR A 1 41 ? 3.339   0.206   -4.962  1.00 5.10  ? 41  TYR A CG  1 
ATOM   361 C  CD1 . TYR A 1 41 ? 2.981   0.837   -3.765  1.00 4.94  ? 41  TYR A CD1 1 
ATOM   362 C  CD2 . TYR A 1 41 ? 4.684   -0.045  -5.192  1.00 5.64  ? 41  TYR A CD2 1 
ATOM   363 C  CE1 . TYR A 1 41 ? 3.955   1.225   -2.862  1.00 5.69  ? 41  TYR A CE1 1 
ATOM   364 C  CE2 . TYR A 1 41 ? 5.681   0.356   -4.285  1.00 5.25  ? 41  TYR A CE2 1 
ATOM   365 C  CZ  . TYR A 1 41 ? 5.297   0.977   -3.119  1.00 5.57  ? 41  TYR A CZ  1 
ATOM   366 O  OH  . TYR A 1 41 ? 6.217   1.431   -2.184  1.00 6.41  ? 41  TYR A OH  1 
ATOM   367 N  N   . VAL A 1 42 ? 2.735   2.961   -6.557  1.00 5.60  ? 42  VAL A N   1 
ATOM   368 C  CA  . VAL A 1 42 ? 3.689   3.911   -7.087  1.00 6.40  ? 42  VAL A CA  1 
ATOM   369 C  C   . VAL A 1 42 ? 4.929   3.877   -6.211  1.00 5.91  ? 42  VAL A C   1 
ATOM   370 O  O   . VAL A 1 42 ? 4.871   4.330   -5.076  1.00 6.69  ? 42  VAL A O   1 
ATOM   371 C  CB  . VAL A 1 42 ? 3.081   5.324   -7.129  1.00 7.65  ? 42  VAL A CB  1 
ATOM   372 C  CG1 . VAL A 1 42 ? 4.111   6.309   -7.743  1.00 9.73  ? 42  VAL A CG1 1 
ATOM   373 C  CG2 . VAL A 1 42 ? 1.816   5.313   -7.940  1.00 11.15 ? 42  VAL A CG2 1 
ATOM   374 N  N   . PRO A 1 43 ? 6.036   3.312   -6.684  1.00 6.45  ? 43  PRO A N   1 
ATOM   375 C  CA  . PRO A 1 43 ? 7.220   3.191   -5.826  1.00 6.82  ? 43  PRO A CA  1 
ATOM   376 C  C   . PRO A 1 43 ? 7.694   4.531   -5.340  1.00 6.51  ? 43  PRO A C   1 
ATOM   377 O  O   . PRO A 1 43 ? 7.526   5.584   -5.929  1.00 7.77  ? 43  PRO A O   1 
ATOM   378 C  CB  . PRO A 1 43 ? 8.221   2.497   -6.720  1.00 8.13  ? 43  PRO A CB  1 
ATOM   379 C  CG  . PRO A 1 43 ? 7.427   1.770   -7.743  1.00 10.61 ? 43  PRO A CG  1 
ATOM   380 C  CD  . PRO A 1 43 ? 6.217   2.609   -7.985  1.00 8.12  ? 43  PRO A CD  1 
ATOM   381 N  N   . ALA A 1 44 ? 8.402   4.432   -4.209  1.00 6.96  ? 44  ALA A N   1 
ATOM   382 C  CA  . ALA A 1 44 ? 9.002   5.573   -3.553  1.00 7.69  ? 44  ALA A CA  1 
ATOM   383 C  C   . ALA A 1 44 ? 10.121  6.158   -4.398  1.00 8.30  ? 44  ALA A C   1 
ATOM   384 O  O   . ALA A 1 44 ? 10.680  5.509   -5.282  1.00 8.68  ? 44  ALA A O   1 
ATOM   385 C  CB  . ALA A 1 44 ? 9.508   5.132   -2.202  1.00 8.80  ? 44  ALA A CB  1 
ATOM   386 N  N   . GLU A 1 45 ? 10.602  7.308   -3.955  1.00 11.14 ? 45  GLU A N   1 
ATOM   387 C  CA  . GLU A 1 45 ? 11.812  7.902   -4.535  1.00 13.14 ? 45  GLU A CA  1 
ATOM   388 C  C   . GLU A 1 45 ? 13.076  7.333   -4.001  1.00 14.24 ? 45  GLU A C   1 
ATOM   389 O  O   . GLU A 1 45 ? 14.110  7.616   -4.637  1.00 22.38 ? 45  GLU A O   1 
ATOM   390 C  CB  . GLU A 1 45 ? 11.866  9.400   -4.226  1.00 15.58 ? 45  GLU A CB  1 
ATOM   391 C  CG  . GLU A 1 45 ? 10.623  10.047  -4.766  1.00 16.75 ? 45  GLU A CG  1 
ATOM   392 C  CD  . GLU A 1 45 ? 10.507  9.886   -6.296  1.00 23.83 ? 45  GLU A CD  1 
ATOM   393 O  OE1 . GLU A 1 45 ? 11.491  10.401  -6.968  1.00 41.23 ? 45  GLU A OE1 1 
ATOM   394 O  OE2 . GLU A 1 45 ? 9.566   9.271   -6.893  1.00 28.91 ? 45  GLU A OE2 1 
ATOM   395 N  N   . SER A 1 46 ? 13.045  6.623   -2.907  1.00 13.42 ? 46  SER A N   1 
ATOM   396 C  CA  . SER A 1 46 ? 14.195  6.007   -2.288  1.00 15.89 ? 46  SER A CA  1 
ATOM   397 C  C   . SER A 1 46 ? 13.586  4.780   -1.612  1.00 11.70 ? 46  SER A C   1 
ATOM   398 O  O   . SER A 1 46 ? 12.487  4.938   -1.114  1.00 12.34 ? 46  SER A O   1 
ATOM   399 C  CB  A SER A 1 46 ? 14.867  6.725   -1.127  0.71 17.15 ? 46  SER A CB  1 
ATOM   400 C  CB  B SER A 1 46 ? 14.888  6.834   -1.224  0.29 17.19 ? 46  SER A CB  1 
ATOM   401 O  OG  A SER A 1 46 ? 15.677  6.095   -0.154  0.71 12.37 ? 46  SER A OG  1 
ATOM   402 O  OG  B SER A 1 46 ? 14.472  8.176   -1.274  0.29 13.11 ? 46  SER A OG  1 
ATOM   403 N  N   . PRO A 1 47 ? 14.331  3.690   -1.498  1.00 12.57 ? 47  PRO A N   1 
ATOM   404 C  CA  . PRO A 1 47 ? 13.812  2.563   -0.702  1.00 12.74 ? 47  PRO A CA  1 
ATOM   405 C  C   . PRO A 1 47 ? 13.673  2.834   0.777   1.00 9.03  ? 47  PRO A C   1 
ATOM   406 O  O   . PRO A 1 47 ? 13.147  2.008   1.515   1.00 11.05 ? 47  PRO A O   1 
ATOM   407 C  CB  . PRO A 1 47 ? 14.879  1.559   -1.058  1.00 17.80 ? 47  PRO A CB  1 
ATOM   408 C  CG  . PRO A 1 47 ? 16.073  2.220   -1.551  1.00 19.38 ? 47  PRO A CG  1 
ATOM   409 C  CD  . PRO A 1 47 ? 15.664  3.506   -2.118  1.00 15.59 ? 47  PRO A CD  1 
ATOM   410 N  N   . ASP A 1 48 ? 14.146  4.025   1.227   1.00 7.87  ? 48  ASP A N   1 
ATOM   411 C  CA  . ASP A 1 48 ? 14.057  4.405   2.605   1.00 7.14  ? 48  ASP A CA  1 
ATOM   412 C  C   . ASP A 1 48 ? 12.865  5.310   2.910   1.00 7.53  ? 48  ASP A C   1 
ATOM   413 O  O   . ASP A 1 48 ? 12.759  5.829   3.986   1.00 10.29 ? 48  ASP A O   1 
ATOM   414 C  CB  . ASP A 1 48 ? 15.327  5.010   3.119   1.00 6.82  ? 48  ASP A CB  1 
ATOM   415 C  CG  . ASP A 1 48 ? 16.470  4.019   3.152   1.00 7.48  ? 48  ASP A CG  1 
ATOM   416 O  OD1 . ASP A 1 48 ? 16.383  2.907   2.599   1.00 10.63 ? 48  ASP A OD1 1 
ATOM   417 O  OD2 . ASP A 1 48 ? 17.473  4.426   3.830   1.00 6.95  ? 48  ASP A OD2 1 
ATOM   418 N  N   . GLN A 1 49 ? 11.987  5.472   1.944   1.00 7.65  ? 49  GLN A N   1 
ATOM   419 C  CA  . GLN A 1 49 ? 10.749  6.233   2.040   1.00 8.04  ? 49  GLN A CA  1 
ATOM   420 C  C   . GLN A 1 49 ? 9.603   5.358   1.591   1.00 6.41  ? 49  GLN A C   1 
ATOM   421 O  O   . GLN A 1 49 ? 9.722   4.451   0.806   1.00 7.11  ? 49  GLN A O   1 
ATOM   422 C  CB  A GLN A 1 49 ? 10.840  7.528   1.199   0.31 12.35 ? 49  GLN A CB  1 
ATOM   423 C  CB  B GLN A 1 49 ? 10.786  7.418   1.005   0.69 9.72  ? 49  GLN A CB  1 
ATOM   424 C  CG  A GLN A 1 49 ? 11.898  8.552   1.387   0.31 9.15  ? 49  GLN A CG  1 
ATOM   425 C  CG  B GLN A 1 49 ? 11.943  8.276   1.439   0.69 14.36 ? 49  GLN A CG  1 
ATOM   426 C  CD  A GLN A 1 49 ? 11.998  9.659   0.354   0.31 13.78 ? 49  GLN A CD  1 
ATOM   427 C  CD  B GLN A 1 49 ? 11.899  9.425   0.429   0.69 16.75 ? 49  GLN A CD  1 
ATOM   428 O  OE1 A GLN A 1 49 ? 12.903  10.501  0.330   0.31 28.55 ? 49  GLN A OE1 1 
ATOM   429 O  OE1 B GLN A 1 49 ? 12.522  9.254   -0.613  0.69 28.32 ? 49  GLN A OE1 1 
ATOM   430 N  NE2 A GLN A 1 49 ? 11.042  9.691   -0.586  0.31 15.64 ? 49  GLN A NE2 1 
ATOM   431 N  NE2 B GLN A 1 49 ? 11.075  10.405  0.776   0.69 27.75 ? 49  GLN A NE2 1 
ATOM   432 N  N   . CYS A 1 50 ? 8.405   5.784   2.066   1.00 6.55  ? 50  CYS A N   1 
ATOM   433 C  CA  . CYS A 1 50 ? 7.174   5.112   1.658   1.00 5.62  ? 50  CYS A CA  1 
ATOM   434 C  C   . CYS A 1 50 ? 6.841   5.490   0.204   1.00 5.96  ? 50  CYS A C   1 
ATOM   435 O  O   . CYS A 1 50 ? 7.102   6.593   -0.270  1.00 6.78  ? 50  CYS A O   1 
ATOM   436 C  CB  . CYS A 1 50 ? 6.018   5.525   2.561   1.00 5.95  ? 50  CYS A CB  1 
ATOM   437 S  SG  . CYS A 1 50 ? 6.306   5.068   4.294   1.00 6.31  ? 50  CYS A SG  1 
ATOM   438 N  N   . GLY A 1 51 ? 6.204   4.516   -0.459  1.00 6.31  ? 51  GLY A N   1 
ATOM   439 C  CA  . GLY A 1 51 ? 5.613   4.724   -1.739  1.00 6.45  ? 51  GLY A CA  1 
ATOM   440 C  C   . GLY A 1 51 ? 4.205   5.297   -1.596  1.00 5.87  ? 51  GLY A C   1 
ATOM   441 O  O   . GLY A 1 51 ? 3.816   5.860   -0.556  1.00 5.81  ? 51  GLY A O   1 
ATOM   442 N  N   . GLY A 1 52 ? 3.418   5.164   -2.656  1.00 6.32  ? 52  GLY A N   1 
ATOM   443 C  CA  . GLY A 1 52 ? 2.036   5.639   -2.711  1.00 6.49  ? 52  GLY A CA  1 
ATOM   444 C  C   . GLY A 1 52 ? 1.214   4.687   -3.501  1.00 5.62  ? 52  GLY A C   1 
ATOM   445 O  O   . GLY A 1 52 ? 1.683   3.669   -4.028  1.00 6.28  ? 52  GLY A O   1 
ATOM   446 N  N   . CYS A 1 53 ? -0.066  5.023   -3.615  1.00 5.69  ? 53  CYS A N   1 
ATOM   447 C  CA  . CYS A 1 53 ? -1.060  4.184   -4.247  1.00 5.55  ? 53  CYS A CA  1 
ATOM   448 C  C   . CYS A 1 53 ? -2.035  5.064   -5.007  1.00 6.07  ? 53  CYS A C   1 
ATOM   449 O  O   . CYS A 1 53 ? -2.377  6.168   -4.560  1.00 7.08  ? 53  CYS A O   1 
ATOM   450 C  CB  . CYS A 1 53 ? -1.796  3.366   -3.172  1.00 5.64  ? 53  CYS A CB  1 
ATOM   451 S  SG  . CYS A 1 53 ? -3.170  2.372   -3.792  1.00 5.85  ? 53  CYS A SG  1 
ATOM   452 N  N   . GLN A 1 54 ? -2.475  4.582   -6.158  1.00 6.20  ? 54  GLN A N   1 
ATOM   453 C  CA  A GLN A 1 54 ? -3.442  5.289   -6.979  0.53 6.54  ? 54  GLN A CA  1 
ATOM   454 C  CA  B GLN A 1 54 ? -3.423  5.421   -6.919  0.47 7.47  ? 54  GLN A CA  1 
ATOM   455 C  C   . GLN A 1 54 ? -4.838  5.252   -6.368  1.00 7.10  ? 54  GLN A C   1 
ATOM   456 O  O   . GLN A 1 54 ? -5.702  6.049   -6.763  1.00 9.70  ? 54  GLN A O   1 
ATOM   457 C  CB  A GLN A 1 54 ? -3.616  4.630   -8.332  0.53 10.15 ? 54  GLN A CB  1 
ATOM   458 C  CB  B GLN A 1 54 ? -3.257  5.106   -8.406  0.47 9.19  ? 54  GLN A CB  1 
ATOM   459 C  CG  A GLN A 1 54 ? -2.540  4.871   -9.337  0.53 12.14 ? 54  GLN A CG  1 
ATOM   460 C  CG  B GLN A 1 54 ? -1.829  5.384   -8.851  0.47 12.34 ? 54  GLN A CG  1 
ATOM   461 C  CD  A GLN A 1 54 ? -3.108  4.501   -10.694 0.53 15.25 ? 54  GLN A CD  1 
ATOM   462 C  CD  B GLN A 1 54 ? -1.687  5.746   -10.295 0.47 11.11 ? 54  GLN A CD  1 
ATOM   463 O  OE1 A GLN A 1 54 ? -4.267  4.643   -11.182 0.53 19.14 ? 54  GLN A OE1 1 
ATOM   464 O  OE1 B GLN A 1 54 ? -2.380  5.156   -11.097 0.47 18.89 ? 54  GLN A OE1 1 
ATOM   465 N  NE2 A GLN A 1 54 ? -2.335  3.962   -11.610 0.53 25.17 ? 54  GLN A NE2 1 
ATOM   466 N  NE2 B GLN A 1 54 ? -0.856  6.729   -10.559 0.47 20.90 ? 54  GLN A NE2 1 
ATOM   467 N  N   . LEU A 1 55 ? -5.096  4.319   -5.472  1.00 6.52  ? 55  LEU A N   1 
ATOM   468 C  CA  . LEU A 1 55 ? -6.403  4.066   -4.887  1.00 7.16  ? 55  LEU A CA  1 
ATOM   469 C  C   . LEU A 1 55 ? -6.553  4.662   -3.498  1.00 6.99  ? 55  LEU A C   1 
ATOM   470 O  O   . LEU A 1 55 ? -7.519  5.354   -3.202  1.00 12.39 ? 55  LEU A O   1 
ATOM   471 C  CB  . LEU A 1 55 ? -6.662  2.555   -4.855  1.00 7.56  ? 55  LEU A CB  1 
ATOM   472 C  CG  . LEU A 1 55 ? -8.126  2.164   -4.756  1.00 7.27  ? 55  LEU A CG  1 
ATOM   473 C  CD1 . LEU A 1 55 ? -8.859  2.433   -6.077  1.00 9.36  ? 55  LEU A CD1 1 
ATOM   474 C  CD2 . LEU A 1 55 ? -8.241  0.695   -4.406  1.00 9.77  ? 55  LEU A CD2 1 
ATOM   475 N  N   . ILE A 1 56 ? -5.630  4.394   -2.609  1.00 6.77  ? 56  ILE A N   1 
ATOM   476 C  CA  A ILE A 1 56 ? -5.800  5.022   -1.298  0.56 6.55  ? 56  ILE A CA  1 
ATOM   477 C  CA  B ILE A 1 56 ? -5.541  4.720   -1.181  0.44 7.10  ? 56  ILE A CA  1 
ATOM   478 C  C   . ILE A 1 56 ? -4.618  5.939   -1.042  1.00 6.41  ? 56  ILE A C   1 
ATOM   479 O  O   . ILE A 1 56 ? -3.523  5.856   -1.601  1.00 7.32  ? 56  ILE A O   1 
ATOM   480 C  CB  A ILE A 1 56 ? -5.892  3.954   -0.213  0.56 6.68  ? 56  ILE A CB  1 
ATOM   481 C  CB  B ILE A 1 56 ? -5.101  3.508   -0.314  0.44 7.36  ? 56  ILE A CB  1 
ATOM   482 C  CG1 A ILE A 1 56 ? -4.620  3.147   -0.133  0.56 5.64  ? 56  ILE A CG1 1 
ATOM   483 C  CG1 B ILE A 1 56 ? -6.073  2.299   -0.391  0.44 8.18  ? 56  ILE A CG1 1 
ATOM   484 C  CG2 A ILE A 1 56 ? -7.081  3.062   -0.476  0.56 9.91  ? 56  ILE A CG2 1 
ATOM   485 C  CG2 B ILE A 1 56 ? -4.824  3.923   1.127   0.44 6.90  ? 56  ILE A CG2 1 
ATOM   486 C  CD1 A ILE A 1 56 ? -4.606  2.108   0.984   0.56 5.99  ? 56  ILE A CD1 1 
ATOM   487 C  CD1 B ILE A 1 56 ? -5.855  1.207   0.627   0.44 9.94  ? 56  ILE A CD1 1 
ATOM   488 N  N   . LYS A 1 57 ? -4.945  6.960   -0.271  1.00 6.35  ? 57  LYS A N   1 
ATOM   489 C  CA  . LYS A 1 57 ? -4.088  8.089   -0.041  1.00 7.03  ? 57  LYS A CA  1 
ATOM   490 C  C   . LYS A 1 57 ? -3.150  7.775   1.119   1.00 6.26  ? 57  LYS A C   1 
ATOM   491 O  O   . LYS A 1 57 ? -3.341  6.863   1.892   1.00 7.18  ? 57  LYS A O   1 
ATOM   492 C  CB  . LYS A 1 57 ? -4.923  9.320   0.299   1.00 8.52  ? 57  LYS A CB  1 
ATOM   493 C  CG  . LYS A 1 57 ? -5.776  9.776   -0.838  1.00 9.75  ? 57  LYS A CG  1 
ATOM   494 C  CD  . LYS A 1 57 ? -4.949  10.518  -1.815  1.00 13.57 ? 57  LYS A CD  1 
ATOM   495 C  CE  . LYS A 1 57 ? -5.727  10.987  -3.043  1.00 15.48 ? 57  LYS A CE  1 
ATOM   496 N  NZ  . LYS A 1 57 ? -4.900  11.988  -3.797  1.00 31.10 ? 57  LYS A NZ  1 
ATOM   497 N  N   . GLY A 1 58 ? -2.093  8.609   1.189   1.00 7.13  ? 58  GLY A N   1 
ATOM   498 C  CA  . GLY A 1 58 ? -1.121  8.534   2.282   1.00 7.00  ? 58  GLY A CA  1 
ATOM   499 C  C   . GLY A 1 58 ? 0.054   7.645   1.932   1.00 6.03  ? 58  GLY A C   1 
ATOM   500 O  O   . GLY A 1 58 ? 0.216   7.147   0.794   1.00 6.55  ? 58  GLY A O   1 
ATOM   501 N  N   . PRO A 1 59 ? 0.946   7.431   2.879   1.00 5.93  ? 59  PRO A N   1 
ATOM   502 C  CA  . PRO A 1 59 ? 2.138   6.614   2.673   1.00 5.58  ? 59  PRO A CA  1 
ATOM   503 C  C   . PRO A 1 59 ? 1.763   5.164   2.546   1.00 5.05  ? 59  PRO A C   1 
ATOM   504 O  O   . PRO A 1 59 ? 0.850   4.669   3.240   1.00 5.54  ? 59  PRO A O   1 
ATOM   505 C  CB  . PRO A 1 59 ? 2.977   6.895   3.926   1.00 6.40  ? 59  PRO A CB  1 
ATOM   506 C  CG  . PRO A 1 59 ? 1.977   7.216   4.968   1.00 7.65  ? 59  PRO A CG  1 
ATOM   507 C  CD  . PRO A 1 59 ? 0.913   7.966   4.286   1.00 7.00  ? 59  PRO A CD  1 
ATOM   508 N  N   . ILE A 1 60 ? 2.479   4.441   1.724   1.00 5.12  ? 60  ILE A N   1 
ATOM   509 C  CA  . ILE A 1 60 ? 2.187   3.060   1.401   1.00 5.13  ? 60  ILE A CA  1 
ATOM   510 C  C   . ILE A 1 60 ? 3.475   2.278   1.373   1.00 5.12  ? 60  ILE A C   1 
ATOM   511 O  O   . ILE A 1 60 ? 4.461   2.659   0.704   1.00 5.58  ? 60  ILE A O   1 
ATOM   512 C  CB  . ILE A 1 60 ? 1.483   2.900   0.043   1.00 5.16  ? 60  ILE A CB  1 
ATOM   513 C  CG1 . ILE A 1 60 ? 0.195   3.753   -0.039  1.00 5.76  ? 60  ILE A CG1 1 
ATOM   514 C  CG2 . ILE A 1 60 ? 1.213   1.444   -0.320  1.00 5.88  ? 60  ILE A CG2 1 
ATOM   515 C  CD1 . ILE A 1 60 ? -0.969  3.201   0.761   1.00 6.45  ? 60  ILE A CD1 1 
ATOM   516 N  N   . HIS A 1 61 ? 3.565   1.152   2.140   1.00 5.31  ? 61  HIS A N   1 
ATOM   517 C  CA  . HIS A 1 61 ? 4.776   0.354   2.211   1.00 5.32  ? 61  HIS A CA  1 
ATOM   518 C  C   . HIS A 1 61 ? 4.813   -0.660  1.087   1.00 5.62  ? 61  HIS A C   1 
ATOM   519 O  O   . HIS A 1 61 ? 3.789   -1.335  0.833   1.00 5.23  ? 61  HIS A O   1 
ATOM   520 C  CB  . HIS A 1 61 ? 4.770   -0.369  3.547   1.00 6.06  ? 61  HIS A CB  1 
ATOM   521 C  CG  . HIS A 1 61 ? 6.112   -0.885  3.955   1.00 6.56  ? 61  HIS A CG  1 
ATOM   522 N  ND1 . HIS A 1 61 ? 6.763   -1.930  3.302   1.00 7.38  ? 61  HIS A ND1 1 
ATOM   523 C  CD2 . HIS A 1 61 ? 6.919   -0.405  4.953   1.00 9.40  ? 61  HIS A CD2 1 
ATOM   524 C  CE1 . HIS A 1 61 ? 7.926   -2.061  3.893   1.00 8.53  ? 61  HIS A CE1 1 
ATOM   525 N  NE2 . HIS A 1 61 ? 8.044   -1.166  4.901   1.00 9.68  ? 61  HIS A NE2 1 
ATOM   526 N  N   . PRO A 1 62 ? 5.920   -0.887  0.422   1.00 5.63  ? 62  PRO A N   1 
ATOM   527 C  CA  . PRO A 1 62 ? 5.969   -1.877  -0.643  1.00 5.57  ? 62  PRO A CA  1 
ATOM   528 C  C   . PRO A 1 62 ? 5.640   -3.301  -0.156  1.00 5.56  ? 62  PRO A C   1 
ATOM   529 O  O   . PRO A 1 62 ? 5.247   -4.128  -0.967  1.00 5.88  ? 62  PRO A O   1 
ATOM   530 C  CB  . PRO A 1 62 ? 7.409   -1.809  -1.175  1.00 5.86  ? 62  PRO A CB  1 
ATOM   531 C  CG  . PRO A 1 62 ? 8.187   -1.165  -0.032  1.00 6.62  ? 62  PRO A CG  1 
ATOM   532 C  CD  . PRO A 1 62 ? 7.237   -0.194  0.589   1.00 6.02  ? 62  PRO A CD  1 
ATOM   533 N  N   . ASN A 1 63 ? 5.861   -3.575  1.133   1.00 5.66  ? 63  ASN A N   1 
ATOM   534 C  CA  . ASN A 1 63 ? 5.513   -4.884  1.687   1.00 6.25  ? 63  ASN A CA  1 
ATOM   535 C  C   . ASN A 1 63 ? 4.061   -4.973  2.185   1.00 5.66  ? 63  ASN A C   1 
ATOM   536 O  O   . ASN A 1 63 ? 3.702   -5.993  2.785   1.00 6.26  ? 63  ASN A O   1 
ATOM   537 C  CB  . ASN A 1 63 ? 6.484   -5.250  2.800   1.00 7.81  ? 63  ASN A CB  1 
ATOM   538 C  CG  . ASN A 1 63 ? 7.911   -5.437  2.289   1.00 9.36  ? 63  ASN A CG  1 
ATOM   539 O  OD1 . ASN A 1 63 ? 8.150   -5.559  1.098   1.00 11.60 ? 63  ASN A OD1 1 
ATOM   540 N  ND2 . ASN A 1 63 ? 8.860   -5.482  3.219   1.00 13.46 ? 63  ASN A ND2 1 
ATOM   541 N  N   . GLY A 1 64 ? 3.305   -3.924  1.983   1.00 5.10  ? 64  GLY A N   1 
ATOM   542 C  CA  . GLY A 1 64 ? 1.973   -3.819  2.510   1.00 5.50  ? 64  GLY A CA  1 
ATOM   543 C  C   . GLY A 1 64 ? 0.941   -4.508  1.621   1.00 4.82  ? 64  GLY A C   1 
ATOM   544 O  O   . GLY A 1 64 ? 1.263   -5.252  0.711   1.00 5.27  ? 64  GLY A O   1 
ATOM   545 N  N   . TYR A 1 65 ? -0.322  -4.263  1.961   1.00 4.55  ? 65  TYR A N   1 
ATOM   546 C  CA  . TYR A 1 65 ? -1.433  -4.883  1.262   1.00 4.98  ? 65  TYR A CA  1 
ATOM   547 C  C   . TYR A 1 65 ? -2.703  -4.139  1.617   1.00 4.92  ? 65  TYR A C   1 
ATOM   548 O  O   . TYR A 1 65 ? -2.847  -3.603  2.724   1.00 5.42  ? 65  TYR A O   1 
ATOM   549 C  CB  . TYR A 1 65 ? -1.556  -6.357  1.718   1.00 5.57  ? 65  TYR A CB  1 
ATOM   550 C  CG  . TYR A 1 65 ? -2.778  -7.089  1.218   1.00 5.42  ? 65  TYR A CG  1 
ATOM   551 C  CD1 . TYR A 1 65 ? -2.791  -7.670  -0.021  1.00 6.45  ? 65  TYR A CD1 1 
ATOM   552 C  CD2 . TYR A 1 65 ? -3.900  -7.218  2.024   1.00 6.10  ? 65  TYR A CD2 1 
ATOM   553 C  CE1 . TYR A 1 65 ? -3.901  -8.384  -0.519  1.00 6.27  ? 65  TYR A CE1 1 
ATOM   554 C  CE2 . TYR A 1 65 ? -5.018  -7.892  1.595   1.00 7.43  ? 65  TYR A CE2 1 
ATOM   555 C  CZ  . TYR A 1 65 ? -4.992  -8.472  0.297   1.00 6.82  ? 65  TYR A CZ  1 
ATOM   556 O  OH  . TYR A 1 65 ? -6.170  -9.140  -0.130  1.00 8.85  ? 65  TYR A OH  1 
ATOM   557 N  N   . CYS A 1 66 ? -3.661  -4.178  0.692   1.00 4.91  ? 66  CYS A N   1 
ATOM   558 C  CA  . CYS A 1 66 ? -5.059  -3.879  0.990   1.00 4.97  ? 66  CYS A CA  1 
ATOM   559 C  C   . CYS A 1 66 ? -5.900  -4.869  0.162   1.00 4.51  ? 66  CYS A C   1 
ATOM   560 O  O   . CYS A 1 66 ? -5.400  -5.489  -0.781  1.00 5.26  ? 66  CYS A O   1 
ATOM   561 C  CB  . CYS A 1 66 ? -5.498  -2.433  0.747   1.00 5.06  ? 66  CYS A CB  1 
ATOM   562 S  SG  . CYS A 1 66 ? -5.932  -2.063  -0.976  1.00 5.39  ? 66  CYS A SG  1 
ATOM   563 N  N   . THR A 1 67 ? -7.195  -4.971  0.503   1.00 5.34  ? 67  THR A N   1 
ATOM   564 C  CA  . THR A 1 67 ? -8.027  -5.988  -0.163  1.00 5.48  ? 67  THR A CA  1 
ATOM   565 C  C   . THR A 1 67 ? -8.336  -5.668  -1.598  1.00 6.04  ? 67  THR A C   1 
ATOM   566 O  O   . THR A 1 67 ? -8.861  -6.572  -2.300  1.00 7.28  ? 67  THR A O   1 
ATOM   567 C  CB  . THR A 1 67 ? -9.284  -6.285  0.627   1.00 6.29  ? 67  THR A CB  1 
ATOM   568 O  OG1 . THR A 1 67 ? -10.061 -5.076  0.792   1.00 6.32  ? 67  THR A OG1 1 
ATOM   569 C  CG2 . THR A 1 67 ? -8.932  -6.873  1.991   1.00 6.80  ? 67  THR A CG2 1 
ATOM   570 N  N   . SER A 1 68 ? -8.022  -4.487  -2.071  1.00 5.91  ? 68  SER A N   1 
ATOM   571 C  CA  . SER A 1 68 ? -8.194  -4.158  -3.487  1.00 6.10  ? 68  SER A CA  1 
ATOM   572 C  C   . SER A 1 68 ? -6.982  -4.493  -4.344  1.00 6.70  ? 68  SER A C   1 
ATOM   573 O  O   . SER A 1 68 ? -7.050  -4.212  -5.567  1.00 8.43  ? 68  SER A O   1 
ATOM   574 C  CB  A SER A 1 68 ? -8.615  -2.699  -3.604  0.33 8.04  ? 68  SER A CB  1 
ATOM   575 C  CB  B SER A 1 68 ? -8.506  -2.710  -3.753  0.67 8.15  ? 68  SER A CB  1 
ATOM   576 O  OG  A SER A 1 68 ? -9.281  -2.493  -4.834  0.33 8.06  ? 68  SER A OG  1 
ATOM   577 O  OG  B SER A 1 68 ? -9.678  -2.346  -3.072  0.67 8.06  ? 68  SER A OG  1 
ATOM   578 N  N   . TRP A 1 69 ? -5.974  -5.143  -3.802  1.00 5.76  ? 69  TRP A N   1 
ATOM   579 C  CA  . TRP A 1 69 ? -4.772  -5.584  -4.538  1.00 5.83  ? 69  TRP A CA  1 
ATOM   580 C  C   . TRP A 1 69 ? -5.158  -6.076  -5.939  1.00 6.68  ? 69  TRP A C   1 
ATOM   581 O  O   . TRP A 1 69 ? -6.033  -6.921  -6.077  1.00 8.18  ? 69  TRP A O   1 
ATOM   582 C  CB  . TRP A 1 69 ? -4.088  -6.679  -3.726  1.00 5.51  ? 69  TRP A CB  1 
ATOM   583 C  CG  . TRP A 1 69 ? -2.852  -7.201  -4.321  1.00 5.66  ? 69  TRP A CG  1 
ATOM   584 C  CD1 . TRP A 1 69 ? -1.599  -6.740  -4.165  1.00 5.49  ? 69  TRP A CD1 1 
ATOM   585 C  CD2 . TRP A 1 69 ? -2.708  -8.341  -5.188  1.00 7.50  ? 69  TRP A CD2 1 
ATOM   586 N  NE1 . TRP A 1 69 ? -0.698  -7.452  -4.869  1.00 6.60  ? 69  TRP A NE1 1 
ATOM   587 C  CE2 . TRP A 1 69 ? -1.335  -8.492  -5.511  1.00 7.16  ? 69  TRP A CE2 1 
ATOM   588 C  CE3 . TRP A 1 69 ? -3.625  -9.266  -5.710  1.00 9.18  ? 69  TRP A CE3 1 
ATOM   589 C  CZ2 . TRP A 1 69 ? -0.893  -9.500  -6.317  1.00 10.89 ? 69  TRP A CZ2 1 
ATOM   590 C  CZ3 . TRP A 1 69 ? -3.161  -10.317 -6.554  1.00 12.14 ? 69  TRP A CZ3 1 
ATOM   591 C  CH2 . TRP A 1 69 ? -1.775  -10.377 -6.821  1.00 13.20 ? 69  TRP A CH2 1 
ATOM   592 N  N   . VAL A 1 70 ? -4.463  -5.504  -6.922  1.00 7.23  ? 70  VAL A N   1 
ATOM   593 C  CA  . VAL A 1 70 ? -4.723  -5.777  -8.336  1.00 7.89  ? 70  VAL A CA  1 
ATOM   594 C  C   . VAL A 1 70 ? -3.493  -6.461  -8.901  1.00 7.26  ? 70  VAL A C   1 
ATOM   595 O  O   . VAL A 1 70 ? -2.399  -5.875  -8.999  1.00 7.13  ? 70  VAL A O   1 
ATOM   596 C  CB  . VAL A 1 70 ? -5.017  -4.471  -9.134  1.00 8.01  ? 70  VAL A CB  1 
ATOM   597 C  CG1 . VAL A 1 70 ? -5.178  -4.789  -10.616 1.00 11.15 ? 70  VAL A CG1 1 
ATOM   598 C  CG2 . VAL A 1 70 ? -6.228  -3.708  -8.611  1.00 10.40 ? 70  VAL A CG2 1 
ATOM   599 N  N   A GLN A 1 71 ? -3.467  -7.701  -9.234  0.55 8.93  ? 71  GLN A N   1 
ATOM   600 N  N   B GLN A 1 71 ? -3.767  -7.662  -9.405  0.45 9.87  ? 71  GLN A N   1 
ATOM   601 C  CA  A GLN A 1 71 ? -2.262  -8.464  -9.596  0.55 9.73  ? 71  GLN A CA  1 
ATOM   602 C  CA  B GLN A 1 71 ? -2.771  -8.399  -10.123 0.45 7.80  ? 71  GLN A CA  1 
ATOM   603 C  C   A GLN A 1 71 ? -1.466  -7.875  -10.743 0.55 8.28  ? 71  GLN A C   1 
ATOM   604 C  C   B GLN A 1 71 ? -2.429  -7.628  -11.372 0.45 6.99  ? 71  GLN A C   1 
ATOM   605 O  O   A GLN A 1 71 ? -2.042  -7.681  -11.797 0.55 8.27  ? 71  GLN A O   1 
ATOM   606 O  O   B GLN A 1 71 ? -3.270  -7.113  -12.103 0.45 7.82  ? 71  GLN A O   1 
ATOM   607 C  CB  A GLN A 1 71 ? -2.735  -9.868  -9.928  0.55 13.55 ? 71  GLN A CB  1 
ATOM   608 C  CB  B GLN A 1 71 ? -3.205  -9.825  -10.470 0.45 10.58 ? 71  GLN A CB  1 
ATOM   609 C  CG  A GLN A 1 71 ? -1.948  -10.697 -10.911 0.55 15.74 ? 71  GLN A CG  1 
ATOM   610 C  CG  B GLN A 1 71 ? -1.949  -10.697 -10.507 0.45 15.75 ? 71  GLN A CG  1 
ATOM   611 C  CD  A GLN A 1 71 ? -2.263  -12.154 -10.655 0.55 17.78 ? 71  GLN A CD  1 
ATOM   612 C  CD  B GLN A 1 71 ? -2.357  -12.151 -10.522 0.45 16.15 ? 71  GLN A CD  1 
ATOM   613 O  OE1 A GLN A 1 71 ? -3.104  -12.527 -9.830  0.55 29.55 ? 71  GLN A OE1 1 
ATOM   614 O  OE1 B GLN A 1 71 ? -3.428  -12.472 -11.054 0.45 16.62 ? 71  GLN A OE1 1 
ATOM   615 N  NE2 A GLN A 1 71 ? -1.640  -13.064 -11.363 0.55 19.79 ? 71  GLN A NE2 1 
ATOM   616 N  NE2 B GLN A 1 71 ? -1.530  -12.996 -9.943  0.45 14.51 ? 71  GLN A NE2 1 
ATOM   617 N  N   A LYS A 1 72 ? -0.158  -7.649  -10.698 0.55 8.66  ? 72  LYS A N   1 
ATOM   618 N  N   B LYS A 1 72 ? -1.140  -7.561  -11.621 0.45 7.37  ? 72  LYS A N   1 
ATOM   619 C  CA  A LYS A 1 72 ? 0.659   -7.281  -11.848 0.55 9.14  ? 72  LYS A CA  1 
ATOM   620 C  CA  B LYS A 1 72 ? -0.594  -6.998  -12.849 0.45 8.87  ? 72  LYS A CA  1 
ATOM   621 C  C   A LYS A 1 72 ? 0.868   -8.486  -12.779 0.55 11.34 ? 72  LYS A C   1 
ATOM   622 C  C   B LYS A 1 72 ? -0.743  -7.948  -14.036 0.45 9.68  ? 72  LYS A C   1 
ATOM   623 O  O   A LYS A 1 72 ? 0.940   -8.306  -14.013 0.55 15.83 ? 72  LYS A O   1 
ATOM   624 O  O   B LYS A 1 72 ? -0.651  -9.137  -13.852 0.45 12.24 ? 72  LYS A O   1 
ATOM   625 C  CB  A LYS A 1 72 ? 2.077   -6.806  -11.526 0.55 10.24 ? 72  LYS A CB  1 
ATOM   626 C  CB  B LYS A 1 72 ? 0.841   -6.540  -12.610 0.45 9.22  ? 72  LYS A CB  1 
ATOM   627 C  CG  A LYS A 1 72 ? 2.232   -5.453  -10.870 0.55 8.91  ? 72  LYS A CG  1 
ATOM   628 C  CG  B LYS A 1 72 ? 0.935   -5.597  -11.423 0.45 13.26 ? 72  LYS A CG  1 
ATOM   629 C  CD  A LYS A 1 72 ? 3.677   -5.021  -10.667 0.55 10.24 ? 72  LYS A CD  1 
ATOM   630 C  CD  B LYS A 1 72 ? 2.147   -4.719  -11.431 0.45 13.94 ? 72  LYS A CD  1 
ATOM   631 C  CE  A LYS A 1 72 ? 3.757   -3.753  -9.857  0.55 8.80  ? 72  LYS A CE  1 
ATOM   632 C  CE  B LYS A 1 72 ? 3.265   -5.484  -10.715 0.45 12.31 ? 72  LYS A CE  1 
ATOM   633 N  NZ  A LYS A 1 72 ? 3.466   -2.601  -10.668 0.30 7.64  ? 72  LYS A NZ  1 
ATOM   634 N  NZ  B LYS A 1 72 ? 4.313   -4.420  -10.452 0.45 19.95 ? 72  LYS A NZ  1 
ATOM   635 N  NZ  C LYS A 1 72 ? 3.562   -2.706  -8.683  0.25 6.79  ? 72  LYS A NZ  1 
ATOM   636 N  N   A ALA A 1 73 ? 1.076   -9.667  -12.157 0.55 11.57 ? 73  ALA A N   1 
ATOM   637 N  N   B ALA A 1 73 ? -1.022  -7.374  -15.191 0.45 10.60 ? 73  ALA A N   1 
ATOM   638 C  CA  A ALA A 1 73 ? 1.546   -10.862 -12.851 0.55 12.45 ? 73  ALA A CA  1 
ATOM   639 C  CA  B ALA A 1 73 ? -1.028  -8.212  -16.393 0.45 11.02 ? 73  ALA A CA  1 
ATOM   640 C  C   A ALA A 1 73 ? 0.583   -11.188 -13.966 0.55 13.83 ? 73  ALA A C   1 
ATOM   641 C  C   B ALA A 1 73 ? 0.341   -8.836  -16.678 0.45 14.30 ? 73  ALA A C   1 
ATOM   642 O  O   A ALA A 1 73 ? -0.560  -11.403 -13.676 0.55 13.83 ? 73  ALA A O   1 
ATOM   643 O  O   B ALA A 1 73 ? 1.426   -8.385  -16.321 0.45 13.14 ? 73  ALA A O   1 
ATOM   644 C  CB  A ALA A 1 73 ? 1.739   -12.064 -11.926 0.55 12.07 ? 73  ALA A CB  1 
ATOM   645 C  CB  B ALA A 1 73 ? -1.382  -7.339  -17.596 0.45 13.99 ? 73  ALA A CB  1 
ATOM   646 N  N   A THR A 1 74 ? 1.140   -11.445 -15.151 0.55 24.00 ? 74  THR A N   1 
ATOM   647 N  N   B THR A 1 74 ? 0.457   -9.951  -17.365 0.45 23.30 ? 74  THR A N   1 
ATOM   648 C  CA  A THR A 1 74 ? 0.369   -11.943 -16.264 0.55 32.16 ? 74  THR A CA  1 
ATOM   649 C  CA  B THR A 1 74 ? 1.554   -10.714 -17.953 0.45 30.92 ? 74  THR A CA  1 
ATOM   650 C  C   A THR A 1 74 ? -0.184  -13.335 -16.093 0.55 31.19 ? 74  THR A C   1 
ATOM   651 C  C   B THR A 1 74 ? 1.486   -12.145 -17.333 0.45 34.13 ? 74  THR A C   1 
ATOM   652 O  O   A THR A 1 74 ? 0.478   -14.148 -15.460 0.55 30.21 ? 74  THR A O   1 
ATOM   653 O  O   B THR A 1 74 ? 1.813   -13.023 -17.703 0.45 41.57 ? 74  THR A O   1 
ATOM   654 C  CB  A THR A 1 74 ? 1.294   -12.011 -17.510 0.55 30.34 ? 74  THR A CB  1 
ATOM   655 C  CB  B THR A 1 74 ? 3.034   -10.294 -17.843 0.45 37.02 ? 74  THR A CB  1 
ATOM   656 O  OG1 A THR A 1 74 ? 1.921   -10.751 -17.794 0.55 45.31 ? 74  THR A OG1 1 
ATOM   657 O  OG1 B THR A 1 74 ? 3.760   -10.366 -19.090 0.45 45.76 ? 74  THR A OG1 1 
ATOM   658 C  CG2 A THR A 1 74 ? 0.404   -12.378 -18.680 0.55 36.69 ? 74  THR A CG2 1 
ATOM   659 C  CG2 B THR A 1 74 ? 3.846   -11.255 -16.956 0.45 52.90 ? 74  THR A CG2 1 
ATOM   660 O  OXT A THR A 1 74 ? -1.278  -13.592 -16.642 0.55 36.91 ? 74  THR A OXT 1 
HETATM 661 FE FE1 . SF4 B 2 .  ? -2.701  0.262   -3.138  1.00 5.25  ? 75  SF4 A FE1 1 
HETATM 662 FE FE2 . SF4 B 2 .  ? -1.223  -1.665  -1.893  1.00 4.99  ? 75  SF4 A FE2 1 
HETATM 663 FE FE3 . SF4 B 2 .  ? -3.930  -1.855  -2.026  1.00 5.11  ? 75  SF4 A FE3 1 
HETATM 664 FE FE4 . SF4 B 2 .  ? -2.492  -2.147  -4.305  1.00 5.29  ? 75  SF4 A FE4 1 
HETATM 665 S  S1  . SF4 B 2 .  ? -2.465  -3.543  -2.451  1.00 5.28  ? 75  SF4 A S1  1 
HETATM 666 S  S2  . SF4 B 2 .  ? -4.386  -0.998  -4.104  1.00 5.64  ? 75  SF4 A S2  1 
HETATM 667 S  S3  . SF4 B 2 .  ? -0.784  -0.625  -3.906  1.00 5.41  ? 75  SF4 A S3  1 
HETATM 668 S  S4  . SF4 B 2 .  ? -2.663  -0.277  -0.895  1.00 5.34  ? 75  SF4 A S4  1 
HETATM 669 O  O   . HOH C 3 .  ? -5.164  8.356   -8.359  1.00 38.09 ? 76  HOH A O   1 
HETATM 670 O  O   . HOH C 3 .  ? -7.105  -0.097  9.527   1.00 33.28 ? 77  HOH A O   1 
HETATM 671 O  O   . HOH C 3 .  ? -6.605  3.782   -8.813  1.00 34.98 ? 78  HOH A O   1 
HETATM 672 O  O   . HOH C 3 .  ? 10.565  -4.298  6.603   0.50 14.38 ? 79  HOH A O   1 
HETATM 673 O  O   . HOH C 3 .  ? -0.810  9.321   -2.874  1.00 33.59 ? 80  HOH A O   1 
HETATM 674 O  O   . HOH C 3 .  ? 5.770   8.143   -2.173  1.00 31.97 ? 81  HOH A O   1 
HETATM 675 O  O   . HOH C 3 .  ? -7.033  -14.112 6.276   1.00 44.68 ? 82  HOH A O   1 
HETATM 676 O  O   . HOH C 3 .  ? 6.983   -10.238 -1.402  0.50 29.10 ? 83  HOH A O   1 
HETATM 677 O  O   . HOH C 3 .  ? -6.439  5.036   -10.783 0.47 20.01 ? 84  HOH A O   1 
HETATM 678 O  O   . HOH C 3 .  ? 17.381  -0.891  -1.013  1.00 38.67 ? 85  HOH A O   1 
HETATM 679 O  O   . HOH C 3 .  ? -2.260  10.897  -4.222  1.00 49.80 ? 86  HOH A O   1 
HETATM 680 O  O   . HOH C 3 .  ? -11.474 -4.978  3.160   1.00 8.52  ? 87  HOH A O   1 
HETATM 681 O  O   . HOH C 3 .  ? -8.503  -6.233  9.394   1.00 14.56 ? 88  HOH A O   1 
HETATM 682 O  O   . HOH C 3 .  ? -13.316 -3.729  6.049   1.00 14.13 ? 89  HOH A O   1 
HETATM 683 O  O   . HOH C 3 .  ? 3.722   -8.769  -14.342 1.00 21.39 ? 90  HOH A O   1 
HETATM 684 O  O   . HOH C 3 .  ? 1.383   -9.350  -9.541  1.00 26.84 ? 91  HOH A O   1 
HETATM 685 O  O   . HOH C 3 .  ? 2.592   10.936  6.228   1.00 19.79 ? 92  HOH A O   1 
HETATM 686 O  O   . HOH C 3 .  ? -7.941  -9.672  6.390   1.00 20.47 ? 93  HOH A O   1 
HETATM 687 O  O   . HOH C 3 .  ? 5.343   -11.145 -7.902  1.00 18.40 ? 94  HOH A O   1 
HETATM 688 O  O   . HOH C 3 .  ? -7.758  -10.403 1.593   1.00 20.03 ? 95  HOH A O   1 
HETATM 689 O  O   . HOH C 3 .  ? 6.905   9.221   1.008   0.50 18.52 ? 96  HOH A O   1 
HETATM 690 O  O   . HOH C 3 .  ? 12.996  -0.973  6.403   1.00 24.96 ? 97  HOH A O   1 
HETATM 691 O  O   . HOH C 3 .  ? 0.970   -12.000 -8.809  1.00 23.31 ? 98  HOH A O   1 
HETATM 692 O  O   . HOH C 3 .  ? 9.664   4.981   8.830   0.50 18.54 ? 99  HOH A O   1 
HETATM 693 O  O   . HOH C 3 .  ? 5.491   -15.427 -2.691  1.00 31.51 ? 100 HOH A O   1 
HETATM 694 O  O   . HOH C 3 .  ? 13.194  12.227  -5.976  1.00 38.14 ? 101 HOH A O   1 
HETATM 695 O  O   . HOH C 3 .  ? -6.906  -9.840  4.043   1.00 31.87 ? 102 HOH A O   1 
HETATM 696 O  O   . HOH C 3 .  ? -6.883  13.974  -8.003  1.00 34.38 ? 103 HOH A O   1 
HETATM 697 O  O   . HOH C 3 .  ? 9.695   7.980   -8.882  1.00 35.55 ? 104 HOH A O   1 
HETATM 698 O  O   . HOH C 3 .  ? 7.884   -8.060  6.768   1.00 43.65 ? 105 HOH A O   1 
HETATM 699 O  O   . HOH C 3 .  ? -12.095 -0.641  10.534  1.00 40.84 ? 106 HOH A O   1 
HETATM 700 O  O   . HOH C 3 .  ? 4.454   -9.765  -10.263 1.00 27.46 ? 107 HOH A O   1 
HETATM 701 O  O   . HOH C 3 .  ? 7.313   -16.819 1.747   1.00 39.14 ? 108 HOH A O   1 
HETATM 702 O  O   . HOH C 3 .  ? -4.531  13.527  -6.128  1.00 36.66 ? 109 HOH A O   1 
HETATM 703 O  O   . HOH C 3 .  ? -1.870  -16.801 -4.807  1.00 50.46 ? 110 HOH A O   1 
HETATM 704 O  O   . HOH C 3 .  ? 0.632   -14.897 -10.239 0.50 23.76 ? 111 HOH A O   1 
HETATM 705 O  O   . HOH C 3 .  ? 4.407   -10.061 9.688   0.50 33.58 ? 112 HOH A O   1 
HETATM 706 O  O   . HOH C 3 .  ? 7.441   -9.074  2.511   0.50 28.87 ? 113 HOH A O   1 
HETATM 707 O  O   . HOH C 3 .  ? 3.537   12.719  12.192  0.50 12.66 ? 114 HOH A O   1 
HETATM 708 O  O   . HOH C 3 .  ? 16.117  -0.947  2.183   0.50 20.85 ? 115 HOH A O   1 
HETATM 709 O  O   . HOH C 3 .  ? -6.519  -11.444 -5.294  0.50 26.34 ? 116 HOH A O   1 
HETATM 710 O  O   . HOH C 3 .  ? 6.255   -11.388 0.372   0.50 21.87 ? 117 HOH A O   1 
HETATM 711 O  O   . HOH C 3 .  ? -3.490  -11.099 -14.532 0.50 36.83 ? 118 HOH A O   1 
HETATM 712 O  O   . HOH C 3 .  ? 1.971   -5.995  -17.440 0.50 26.40 ? 119 HOH A O   1 
HETATM 713 O  O   . HOH C 3 .  ? -0.553  8.090   -5.569  0.50 35.38 ? 120 HOH A O   1 
HETATM 714 O  O   . HOH C 3 .  ? -1.339  -4.515  -15.227 0.50 11.80 ? 121 HOH A O   1 
HETATM 715 O  O   . HOH C 3 .  ? 0.753   -5.482  -14.991 0.50 18.53 ? 122 HOH A O   1 
HETATM 716 O  O   . HOH C 3 .  ? -7.068  13.060  -5.475  0.50 28.29 ? 123 HOH A O   1 
HETATM 717 O  O   . HOH C 3 .  ? 5.262   -11.436 -3.017  0.50 28.60 ? 124 HOH A O   1 
HETATM 718 O  O   . HOH C 3 .  ? 8.209   9.831   2.520   0.50 21.71 ? 125 HOH A O   1 
HETATM 719 O  O   . HOH C 3 .  ? -13.432 -0.186  8.272   0.50 18.94 ? 126 HOH A O   1 
HETATM 720 O  O   . HOH C 3 .  ? 5.954   -12.958 -4.454  0.50 22.91 ? 127 HOH A O   1 
HETATM 721 O  O   . HOH C 3 .  ? -5.205  -11.683 -12.974 0.50 22.98 ? 128 HOH A O   1 
HETATM 722 O  O   . HOH C 3 .  ? -6.200  -7.565  -12.575 0.50 22.11 ? 129 HOH A O   1 
HETATM 723 O  O   . HOH C 3 .  ? 5.169   -10.746 -12.409 0.50 25.48 ? 130 HOH A O   1 
HETATM 724 O  O   . HOH C 3 .  ? 11.929  -2.051  -0.357  0.50 25.78 ? 131 HOH A O   1 
HETATM 725 O  O   . HOH C 3 .  ? -6.134  -16.586 -5.766  0.50 36.39 ? 132 HOH A O   1 
HETATM 726 O  O   . HOH C 3 .  ? -4.414  -8.539  -13.066 0.55 22.12 ? 133 HOH A O   1 
HETATM 727 O  O   . HOH C 3 .  ? 10.577  -1.963  7.655   0.50 22.82 ? 134 HOH A O   1 
HETATM 728 O  O   . HOH C 3 .  ? 4.487   -11.434 -14.919 0.50 31.88 ? 135 HOH A O   1 
HETATM 729 O  O   . HOH C 3 .  ? -8.695  -11.619 5.454   0.50 32.55 ? 136 HOH A O   1 
HETATM 730 O  O   . HOH C 3 .  ? -7.973  -7.038  -9.234  0.50 29.84 ? 137 HOH A O   1 
HETATM 731 O  O   . HOH C 3 .  ? 1.954   9.321   -9.334  0.50 32.65 ? 138 HOH A O   1 
HETATM 732 O  O   . HOH C 3 .  ? 6.041   -13.956 9.712   0.50 23.52 ? 139 HOH A O   1 
HETATM 733 O  O   . HOH C 3 .  ? -3.245  9.642   -7.811  0.50 43.43 ? 140 HOH A O   1 
HETATM 734 O  O   . HOH C 3 .  ? -1.035  6.994   -1.691  1.00 6.44  ? 141 HOH A O   1 
HETATM 735 O  O   . HOH C 3 .  ? 8.770   1.711   -2.952  1.00 7.46  ? 142 HOH A O   1 
HETATM 736 O  O   . HOH C 3 .  ? 4.039   -0.573  10.457  1.00 9.82  ? 143 HOH A O   1 
HETATM 737 O  O   . HOH C 3 .  ? -13.097 13.824  6.101   1.00 9.64  ? 144 HOH A O   1 
HETATM 738 O  O   . HOH C 3 .  ? -5.517  15.183  2.993   1.00 9.55  ? 145 HOH A O   1 
HETATM 739 O  O   . HOH C 3 .  ? 10.028  2.033   -0.564  1.00 11.36 ? 146 HOH A O   1 
HETATM 740 O  O   . HOH C 3 .  ? -12.095 -5.225  -1.051  1.00 11.22 ? 147 HOH A O   1 
HETATM 741 O  O   . HOH C 3 .  ? 8.355   7.831   4.094   1.00 15.57 ? 148 HOH A O   1 
HETATM 742 O  O   . HOH C 3 .  ? -13.397 7.950   1.604   1.00 10.71 ? 149 HOH A O   1 
HETATM 743 O  O   . HOH C 3 .  ? -7.586  -8.171  -4.227  1.00 11.48 ? 150 HOH A O   1 
HETATM 744 O  O   . HOH C 3 .  ? 7.046   -6.466  -1.400  1.00 12.44 ? 151 HOH A O   1 
HETATM 745 O  O   . HOH C 3 .  ? -7.517  6.996   1.147   1.00 9.26  ? 152 HOH A O   1 
HETATM 746 O  O   . HOH C 3 .  ? 12.723  5.329   -7.159  1.00 12.02 ? 153 HOH A O   1 
HETATM 747 O  O   . HOH C 3 .  ? -6.395  -10.061 -2.613  1.00 13.75 ? 154 HOH A O   1 
HETATM 748 O  O   . HOH C 3 .  ? 4.396   6.812   7.677   1.00 12.86 ? 155 HOH A O   1 
HETATM 749 O  O   . HOH C 3 .  ? 17.850  0.964   1.289   1.00 11.45 ? 156 HOH A O   1 
HETATM 750 O  O   . HOH C 3 .  ? -7.319  -1.135  -11.765 1.00 12.29 ? 157 HOH A O   1 
HETATM 751 O  O   . HOH C 3 .  ? -14.769 10.173  0.807   1.00 14.69 ? 158 HOH A O   1 
HETATM 752 O  O   . HOH C 3 .  ? 3.005   8.514   -0.635  1.00 17.88 ? 159 HOH A O   1 
HETATM 753 O  O   . HOH C 3 .  ? -5.308  0.829   7.741   1.00 11.89 ? 160 HOH A O   1 
HETATM 754 O  O   . HOH C 3 .  ? -0.690  11.178  6.290   1.00 11.01 ? 161 HOH A O   1 
HETATM 755 O  O   . HOH C 3 .  ? -4.689  13.860  0.574   1.00 14.80 ? 162 HOH A O   1 
HETATM 756 O  O   . HOH C 3 .  ? -10.355 -8.904  -1.954  1.00 16.95 ? 163 HOH A O   1 
HETATM 757 O  O   . HOH C 3 .  ? 4.233   -0.293  -9.288  1.00 14.02 ? 164 HOH A O   1 
HETATM 758 O  O   . HOH C 3 .  ? 6.665   -1.412  8.194   1.00 10.78 ? 165 HOH A O   1 
HETATM 759 O  O   . HOH C 3 .  ? 6.402   -3.765  6.572   1.00 10.97 ? 166 HOH A O   1 
HETATM 760 O  O   . HOH C 3 .  ? -9.292  7.685   -0.691  1.00 14.89 ? 167 HOH A O   1 
HETATM 761 O  O   . HOH C 3 .  ? -3.662  3.120   7.548   1.00 22.02 ? 168 HOH A O   1 
HETATM 762 O  O   . HOH C 3 .  ? -7.226  13.862  9.998   1.00 15.15 ? 169 HOH A O   1 
HETATM 763 O  O   . HOH C 3 .  ? 4.998   -8.407  3.159   1.00 14.01 ? 170 HOH A O   1 
HETATM 764 O  O   . HOH C 3 .  ? 7.094   -6.675  -7.546  1.00 13.97 ? 171 HOH A O   1 
HETATM 765 O  O   . HOH C 3 .  ? 8.781   8.530   -1.920  1.00 19.75 ? 172 HOH A O   1 
HETATM 766 O  O   . HOH C 3 .  ? -11.196 9.145   0.304   1.00 21.76 ? 173 HOH A O   1 
HETATM 767 O  O   . HOH C 3 .  ? 1.101   11.510  1.598   1.00 19.68 ? 174 HOH A O   1 
HETATM 768 O  O   . HOH C 3 .  ? 3.727   -4.291  12.723  1.00 17.04 ? 175 HOH A O   1 
HETATM 769 O  O   . HOH C 3 .  ? -1.372  10.729  -0.531  1.00 19.19 ? 176 HOH A O   1 
HETATM 770 O  O   . HOH C 3 .  ? -4.397  8.003   -4.100  1.00 21.23 ? 177 HOH A O   1 
HETATM 771 O  O   . HOH C 3 .  ? -2.232  4.033   9.746   1.00 17.86 ? 178 HOH A O   1 
HETATM 772 O  O   . HOH C 3 .  ? 14.955  10.404  -1.068  0.71 15.84 ? 179 HOH A O   1 
HETATM 773 O  O   . HOH C 3 .  ? 0.570   -13.219 -6.696  1.00 26.24 ? 180 HOH A O   1 
HETATM 774 O  O   . HOH C 3 .  ? -10.980 -6.173  -5.236  1.00 22.77 ? 181 HOH A O   1 
HETATM 775 O  O   . HOH C 3 .  ? 1.939   9.784   -2.703  1.00 25.93 ? 182 HOH A O   1 
HETATM 776 O  O   . HOH C 3 .  ? 7.714   6.040   -8.570  1.00 18.92 ? 183 HOH A O   1 
HETATM 777 O  O   . HOH C 3 .  ? -13.702 2.585   7.346   1.00 13.45 ? 184 HOH A O   1 
HETATM 778 O  O   . HOH C 3 .  ? 5.315   5.947   9.962   1.00 22.00 ? 185 HOH A O   1 
HETATM 779 O  O   . HOH C 3 .  ? 5.186   7.169   -4.523  1.00 15.87 ? 186 HOH A O   1 
HETATM 780 O  O   . HOH C 3 .  ? -8.793  -5.976  -7.212  1.00 22.68 ? 187 HOH A O   1 
HETATM 781 O  O   . HOH C 3 .  ? 11.533  -0.041  0.623   0.50 15.89 ? 188 HOH A O   1 
HETATM 782 O  O   . HOH C 3 .  ? 2.951   9.680   1.708   1.00 32.26 ? 189 HOH A O   1 
HETATM 783 O  O   . HOH C 3 .  ? -13.392 3.818   9.742   1.00 33.11 ? 190 HOH A O   1 
HETATM 784 O  O   . HOH C 3 .  ? -10.152 -2.168  9.001   1.00 28.24 ? 191 HOH A O   1 
HETATM 785 O  O   . HOH C 3 .  ? 3.603   5.582   11.941  1.00 20.75 ? 192 HOH A O   1 
HETATM 786 O  O   . HOH C 3 .  ? -8.688  0.510   11.967  1.00 21.95 ? 193 HOH A O   1 
HETATM 787 O  O   . HOH C 3 .  ? 7.886   6.857   7.081   1.00 19.64 ? 194 HOH A O   1 
HETATM 788 O  O   . HOH C 3 .  ? -11.061 1.548   12.671  1.00 25.16 ? 195 HOH A O   1 
HETATM 789 O  O   . HOH C 3 .  ? 10.299  -4.241  0.105   1.00 14.79 ? 196 HOH A O   1 
HETATM 790 O  O   . HOH C 3 .  ? 4.358   -10.704 2.068   1.00 18.50 ? 197 HOH A O   1 
HETATM 791 O  O   . HOH C 3 .  ? 10.658  -2.225  5.472   0.50 21.17 ? 198 HOH A O   1 
HETATM 792 O  O   . HOH C 3 .  ? -12.243 -4.527  8.381   1.00 24.70 ? 199 HOH A O   1 
HETATM 793 O  O   . HOH C 3 .  ? 7.349   8.547   -6.039  1.00 20.62 ? 200 HOH A O   1 
HETATM 794 O  O   . HOH C 3 .  ? -8.912  12.020  -1.749  0.70 21.11 ? 201 HOH A O   1 
HETATM 795 O  O   . HOH C 3 .  ? 5.353   8.204   -10.514 1.00 30.11 ? 202 HOH A O   1 
HETATM 796 O  O   . HOH C 3 .  ? 3.030   8.376   -11.131 1.00 31.22 ? 203 HOH A O   1 
HETATM 797 O  O   . HOH C 3 .  ? 8.247   -5.590  6.034   1.00 17.67 ? 204 HOH A O   1 
HETATM 798 O  O   . HOH C 3 .  ? 10.781  10.825  -9.405  1.00 36.41 ? 205 HOH A O   1 
HETATM 799 O  O   . HOH C 3 .  ? 11.032  -2.230  2.175   1.00 28.98 ? 206 HOH A O   1 
HETATM 800 O  O   . HOH C 3 .  ? 5.388   -9.119  -3.732  0.50 17.30 ? 207 HOH A O   1 
HETATM 801 O  O   . HOH C 3 .  ? 4.623   -8.848  5.966   1.00 24.61 ? 208 HOH A O   1 
HETATM 802 O  O   . HOH C 3 .  ? 1.717   -14.859 6.506   1.00 29.11 ? 209 HOH A O   1 
HETATM 803 O  O   . HOH C 3 .  ? 11.488  7.905   5.397   1.00 24.84 ? 210 HOH A O   1 
HETATM 804 O  O   . HOH C 3 .  ? 9.327   -5.576  -2.797  1.00 25.33 ? 211 HOH A O   1 
HETATM 805 O  O   . HOH C 3 .  ? 2.692   8.492   -4.987  1.00 26.65 ? 212 HOH A O   1 
HETATM 806 O  O   . HOH C 3 .  ? 17.858  2.454   13.258  1.00 28.72 ? 213 HOH A O   1 
HETATM 807 O  O   . HOH C 3 .  ? -5.150  -14.332 -6.300  0.50 23.68 ? 214 HOH A O   1 
HETATM 808 O  O   . HOH C 3 .  ? 15.362  9.023   -6.333  1.00 25.25 ? 215 HOH A O   1 
# 
loop_
_atom_site_anisotrop.id 
_atom_site_anisotrop.type_symbol 
_atom_site_anisotrop.pdbx_label_atom_id 
_atom_site_anisotrop.pdbx_label_alt_id 
_atom_site_anisotrop.pdbx_label_comp_id 
_atom_site_anisotrop.pdbx_label_asym_id 
_atom_site_anisotrop.pdbx_label_seq_id 
_atom_site_anisotrop.pdbx_PDB_ins_code 
_atom_site_anisotrop.U[1][1] 
_atom_site_anisotrop.U[2][2] 
_atom_site_anisotrop.U[3][3] 
_atom_site_anisotrop.U[1][2] 
_atom_site_anisotrop.U[1][3] 
_atom_site_anisotrop.U[2][3] 
_atom_site_anisotrop.pdbx_auth_seq_id 
_atom_site_anisotrop.pdbx_auth_comp_id 
_atom_site_anisotrop.pdbx_auth_asym_id 
_atom_site_anisotrop.pdbx_auth_atom_id 
1   N  N   A ALA A 1  ? 0.0786 0.1668 0.1074 -0.0350 0.0100  -0.0282 1   ALA A N   
2   N  N   B ALA A 1  ? 0.2419 0.1832 0.1062 -0.1184 0.0532  -0.0437 1   ALA A N   
3   C  CA  A ALA A 1  ? 0.0714 0.1179 0.0723 -0.0103 0.0043  -0.0006 1   ALA A CA  
4   C  CA  B ALA A 1  ? 0.2282 0.1814 0.0753 -0.0692 0.0002  -0.0087 1   ALA A CA  
5   C  C   A ALA A 1  ? 0.0853 0.0972 0.0608 0.0048  0.0025  0.0027  1   ALA A C   
6   C  C   B ALA A 1  ? 0.1586 0.1556 0.0752 -0.0526 -0.0027 0.0063  1   ALA A C   
7   O  O   A ALA A 1  ? 0.0978 0.0973 0.0797 0.0130  0.0146  0.0075  1   ALA A O   
8   O  O   B ALA A 1  ? 0.1746 0.2439 0.0646 -0.1032 0.0153  -0.0045 1   ALA A O   
9   C  CB  A ALA A 1  ? 0.0607 0.1191 0.0885 -0.0270 -0.0049 -0.0633 1   ALA A CB  
10  C  CB  B ALA A 1  ? 0.3319 0.1496 0.3921 -0.0252 0.0169  -0.0226 1   ALA A CB  
11  N  N   A GLU A 2  ? 0.0969 0.1045 0.0522 0.0011  0.0052  0.0013  2   GLU A N   
12  N  N   B GLU A 2  ? 0.0664 0.1036 0.1250 0.0148  -0.0045 0.0214  2   GLU A N   
13  C  CA  A GLU A 2  ? 0.1465 0.1666 0.0722 -0.0620 -0.0650 0.0594  2   GLU A CA  
14  C  CA  B GLU A 2  ? 0.0608 0.1024 0.1160 -0.0048 0.0042  0.0230  2   GLU A CA  
15  C  C   A GLU A 2  ? 0.0928 0.1880 0.1135 -0.0698 -0.0185 0.0848  2   GLU A C   
16  C  C   B GLU A 2  ? 0.0418 0.2120 0.0842 0.0045  0.0325  0.0862  2   GLU A C   
17  O  O   A GLU A 2  ? 0.1253 0.4607 0.1007 0.0775  0.0327  0.1165  2   GLU A O   
18  O  O   B GLU A 2  ? 0.1001 0.4020 0.0548 0.1201  0.0457  0.0970  2   GLU A O   
19  C  CB  A GLU A 2  ? 0.1876 0.2257 0.2731 -0.0234 -0.0977 -0.1134 2   GLU A CB  
20  C  CB  B GLU A 2  ? 0.0743 0.1096 0.1782 -0.0079 -0.0174 0.0481  2   GLU A CB  
21  C  CG  A GLU A 2  ? 0.2348 0.3323 0.4506 0.0583  -0.1804 -0.2041 2   GLU A CG  
22  C  CG  B GLU A 2  ? 0.0661 0.0972 0.1289 0.0176  0.0090  0.0043  2   GLU A CG  
23  C  CD  A GLU A 2  ? 0.2594 0.3353 0.5062 0.1131  -0.1454 -0.1739 2   GLU A CD  
24  C  CD  B GLU A 2  ? 0.0932 0.1371 0.2085 0.0259  0.0430  -0.0340 2   GLU A CD  
25  O  OE1 A GLU A 2  ? 0.4410 0.3849 0.2944 -0.0346 -0.0571 -0.1647 2   GLU A OE1 
26  O  OE1 B GLU A 2  ? 0.1047 0.2402 0.1866 -0.0054 0.0731  -0.0403 2   GLU A OE1 
27  O  OE2 A GLU A 2  ? 0.2757 0.1306 0.4998 -0.0207 -0.1556 -0.0597 2   GLU A OE2 
28  O  OE2 B GLU A 2  ? 0.0465 0.0741 0.2642 0.0160  0.0594  -0.0024 2   GLU A OE2 
29  N  N   . LEU A 3  ? 0.0958 0.1854 0.1083 0.0378  0.0102  0.0720  3   LEU A N   
30  C  CA  . LEU A 3  ? 0.0651 0.1274 0.0998 0.0041  -0.0049 0.0233  3   LEU A CA  
31  C  C   . LEU A 3  ? 0.0791 0.1076 0.0746 0.0043  0.0044  0.0047  3   LEU A C   
32  O  O   . LEU A 3  ? 0.0944 0.1076 0.0719 0.0015  0.0030  0.0023  3   LEU A O   
33  C  CB  . LEU A 3  ? 0.0789 0.1379 0.1001 0.0125  0.0304  0.0508  3   LEU A CB  
34  C  CG  . LEU A 3  ? 0.0934 0.1739 0.1031 0.0194  0.0112  0.0553  3   LEU A CG  
35  C  CD1 . LEU A 3  ? 0.0863 0.1626 0.1752 0.0153  -0.0150 0.0927  3   LEU A CD1 
36  C  CD2 . LEU A 3  ? 0.1675 0.2431 0.0991 0.0045  0.0092  0.0691  3   LEU A CD2 
37  N  N   . THR A 4  ? 0.0658 0.0972 0.0845 -0.0107 -0.0038 -0.0032 4   THR A N   
38  C  CA  . THR A 4  ? 0.0682 0.1261 0.0762 -0.0023 -0.0073 0.0115  4   THR A CA  
39  C  C   . THR A 4  ? 0.0629 0.0962 0.0639 -0.0066 0.0085  -0.0070 4   THR A C   
40  O  O   . THR A 4  ? 0.0688 0.1035 0.1065 -0.0220 -0.0036 0.0063  4   THR A O   
41  C  CB  . THR A 4  ? 0.0948 0.1619 0.0734 0.0138  0.0028  0.0081  4   THR A CB  
42  O  OG1 . THR A 4  ? 0.1997 0.1768 0.0860 0.0034  -0.0051 -0.0180 4   THR A OG1 
43  C  CG2 . THR A 4  ? 0.1252 0.1983 0.0795 0.0206  -0.0176 0.0254  4   THR A CG2 
44  N  N   . CYS A 5  ? 0.0665 0.0888 0.0551 -0.0048 0.0054  0.0100  5   CYS A N   
45  C  CA  . CYS A 5  ? 0.0629 0.0737 0.0582 -0.0023 0.0050  0.0066  5   CYS A CA  
46  C  C   . CYS A 5  ? 0.0704 0.0907 0.0657 -0.0023 0.0048  0.0096  5   CYS A C   
47  O  O   . CYS A 5  ? 0.0591 0.1372 0.0884 -0.0052 -0.0074 0.0154  5   CYS A O   
48  C  CB  . CYS A 5  ? 0.0732 0.0943 0.0559 -0.0240 0.0050  -0.0015 5   CYS A CB  
49  S  SG  . CYS A 5  ? 0.0815 0.1032 0.0600 -0.0065 0.0109  -0.0090 5   CYS A SG  
50  N  N   . THR A 6  ? 0.0540 0.0923 0.0717 0.0010  0.0081  0.0046  6   THR A N   
51  C  CA  . THR A 6  ? 0.0774 0.0959 0.0755 0.0133  0.0179  0.0091  6   THR A CA  
52  C  C   . THR A 6  ? 0.0823 0.0961 0.0788 0.0122  0.0199  0.0044  6   THR A C   
53  O  O   . THR A 6  ? 0.0972 0.1113 0.0991 0.0268  0.0329  0.0193  6   THR A O   
54  C  CB  . THR A 6  ? 0.0836 0.0943 0.1002 0.0006  0.0214  0.0189  6   THR A CB  
55  O  OG1 . THR A 6  ? 0.0838 0.1434 0.0814 0.0111  0.0097  0.0234  6   THR A OG1 
56  C  CG2 . THR A 6  ? 0.1409 0.0853 0.1262 -0.0001 0.0372  0.0184  6   THR A CG2 
57  N  N   . ASP A 7  ? 0.0796 0.0981 0.0817 0.0137  0.0094  -0.0131 7   ASP A N   
58  C  CA  . ASP A 7  ? 0.0767 0.0943 0.0880 0.0039  0.0071  -0.0031 7   ASP A CA  
59  C  C   . ASP A 7  ? 0.0890 0.0896 0.1024 0.0074  0.0030  0.0107  7   ASP A C   
60  O  O   . ASP A 7  ? 0.1056 0.1207 0.0941 0.0226  0.0185  0.0092  7   ASP A O   
61  C  CB  . ASP A 7  ? 0.0822 0.0936 0.0949 0.0080  0.0094  0.0163  7   ASP A CB  
62  C  CG  . ASP A 7  ? 0.0975 0.0887 0.1053 -0.0072 0.0093  0.0082  7   ASP A CG  
63  O  OD1 . ASP A 7  ? 0.0900 0.0844 0.1187 0.0013  0.0181  -0.0054 7   ASP A OD1 
64  O  OD2 . ASP A 7  ? 0.0912 0.1016 0.2141 0.0003  0.0032  -0.0022 7   ASP A OD2 
65  N  N   . VAL A 8  ? 0.0802 0.0761 0.1014 0.0049  0.0032  0.0096  8   VAL A N   
66  C  CA  . VAL A 8  ? 0.0910 0.0710 0.0995 0.0084  0.0024  0.0107  8   VAL A CA  
67  C  C   . VAL A 8  ? 0.0981 0.0648 0.0938 0.0017  0.0157  0.0273  8   VAL A C   
68  O  O   . VAL A 8  ? 0.1110 0.0702 0.1046 0.0080  -0.0032 0.0279  8   VAL A O   
69  C  CB  . VAL A 8  ? 0.0890 0.0682 0.1265 0.0047  -0.0169 0.0217  8   VAL A CB  
70  C  CG1 . VAL A 8  ? 0.1039 0.0832 0.1653 0.0036  -0.0192 -0.0012 8   VAL A CG1 
71  C  CG2 . VAL A 8  ? 0.1035 0.0974 0.1257 -0.0179 -0.0042 0.0259  8   VAL A CG2 
72  N  N   . SER A 9  ? 0.0862 0.0766 0.1060 0.0045  0.0223  0.0083  9   SER A N   
73  C  CA  . SER A 9  ? 0.1235 0.0834 0.0762 0.0115  0.0310  0.0152  9   SER A CA  
74  C  C   . SER A 9  ? 0.1043 0.0850 0.0852 -0.0115 0.0157  0.0139  9   SER A C   
75  O  O   . SER A 9  ? 0.1226 0.0900 0.1146 0.0090  -0.0016 0.0104  9   SER A O   
76  C  CB  . SER A 9  ? 0.1454 0.1087 0.0800 0.0397  0.0134  -0.0116 9   SER A CB  
77  O  OG  . SER A 9  ? 0.1363 0.0914 0.0938 -0.0204 0.0030  0.0014  9   SER A OG  
78  N  N   . GLY A 10 ? 0.1174 0.0964 0.0967 -0.0225 0.0262  0.0253  10  GLY A N   
79  C  CA  . GLY A 10 ? 0.0937 0.0980 0.0956 -0.0206 -0.0037 0.0363  10  GLY A CA  
80  C  C   . GLY A 10 ? 0.0910 0.0712 0.1133 -0.0044 0.0102  0.0303  10  GLY A C   
81  O  O   . GLY A 10 ? 0.1096 0.0953 0.1020 -0.0171 -0.0055 0.0504  10  GLY A O   
82  N  N   . LEU A 11 ? 0.0708 0.0670 0.0909 -0.0066 0.0136  0.0149  11  LEU A N   
83  C  CA  . LEU A 11 ? 0.0855 0.0558 0.0870 0.0105  0.0072  0.0209  11  LEU A CA  
84  C  C   . LEU A 11 ? 0.0715 0.0610 0.0898 0.0002  0.0067  0.0208  11  LEU A C   
85  O  O   . LEU A 11 ? 0.0759 0.0809 0.0899 0.0015  0.0046  0.0061  11  LEU A O   
86  C  CB  . LEU A 11 ? 0.0877 0.0696 0.0967 -0.0027 0.0187  0.0148  11  LEU A CB  
87  C  CG  . LEU A 11 ? 0.1300 0.0737 0.1110 0.0140  0.0333  0.0117  11  LEU A CG  
88  C  CD1 . LEU A 11 ? 0.1669 0.0805 0.1008 0.0138  0.0347  0.0077  11  LEU A CD1 
89  C  CD2 . LEU A 11 ? 0.1433 0.1067 0.1001 0.0070  0.0388  0.0069  11  LEU A CD2 
90  N  N   . THR A 12 ? 0.0800 0.0697 0.0852 0.0016  -0.0029 0.0035  12  THR A N   
91  C  CA  . THR A 12 ? 0.0786 0.0748 0.0960 0.0039  0.0008  0.0035  12  THR A CA  
92  C  C   . THR A 12 ? 0.0740 0.0692 0.0970 0.0030  -0.0115 0.0008  12  THR A C   
93  O  O   . THR A 12 ? 0.0699 0.0760 0.0880 -0.0008 -0.0010 -0.0082 12  THR A O   
94  C  CB  . THR A 12 ? 0.0856 0.0851 0.1026 -0.0018 -0.0088 0.0125  12  THR A CB  
95  O  OG1 . THR A 12 ? 0.1099 0.0883 0.1050 -0.0023 -0.0247 0.0096  12  THR A OG1 
96  C  CG2 . THR A 12 ? 0.1190 0.0843 0.0984 0.0072  0.0104  0.0093  12  THR A CG2 
97  N  N   . ALA A 13 ? 0.0820 0.0754 0.0787 -0.0002 -0.0019 -0.0101 13  ALA A N   
98  C  CA  . ALA A 13 ? 0.0818 0.0862 0.0689 -0.0045 -0.0059 -0.0066 13  ALA A CA  
99  C  C   . ALA A 13 ? 0.0709 0.0717 0.0669 -0.0057 0.0045  0.0039  13  ALA A C   
100 O  O   . ALA A 13 ? 0.0865 0.0793 0.0650 -0.0036 -0.0041 0.0080  13  ALA A O   
101 C  CB  . ALA A 13 ? 0.1056 0.1336 0.0956 0.0040  0.0224  -0.0272 13  ALA A CB  
102 N  N   . GLU A 14 ? 0.0681 0.0852 0.0631 -0.0016 -0.0120 0.0014  14  GLU A N   
103 C  CA  . GLU A 14 ? 0.0744 0.0786 0.0813 -0.0058 -0.0136 0.0149  14  GLU A CA  
104 C  C   . GLU A 14 ? 0.0790 0.0701 0.0603 -0.0095 -0.0191 0.0097  14  GLU A C   
105 O  O   . GLU A 14 ? 0.0973 0.0835 0.0704 -0.0059 -0.0105 0.0035  14  GLU A O   
106 C  CB  . GLU A 14 ? 0.0775 0.0825 0.0714 -0.0046 -0.0279 0.0026  14  GLU A CB  
107 C  CG  . GLU A 14 ? 0.0665 0.1133 0.0914 -0.0147 -0.0101 -0.0006 14  GLU A CG  
108 C  CD  . GLU A 14 ? 0.0858 0.1356 0.1050 0.0158  -0.0246 -0.0158 14  GLU A CD  
109 O  OE1 . GLU A 14 ? 0.0931 0.1382 0.1090 0.0238  -0.0193 0.0062  14  GLU A OE1 
110 O  OE2 . GLU A 14 ? 0.1193 0.1923 0.1432 0.0456  -0.0032 0.0065  14  GLU A OE2 
111 N  N   . GLU A 15 ? 0.0793 0.0767 0.0634 0.0011  -0.0027 0.0103  15  GLU A N   
112 C  CA  . GLU A 15 ? 0.0962 0.0729 0.0591 0.0003  0.0037  0.0081  15  GLU A CA  
113 C  C   . GLU A 15 ? 0.0673 0.0790 0.0557 -0.0013 -0.0010 0.0069  15  GLU A C   
114 O  O   . GLU A 15 ? 0.0874 0.0753 0.0534 -0.0060 -0.0011 -0.0009 15  GLU A O   
115 C  CB  . GLU A 15 ? 0.1046 0.0817 0.0774 0.0069  0.0211  0.0223  15  GLU A CB  
116 C  CG  . GLU A 15 ? 0.1421 0.1142 0.0916 0.0059  0.0213  0.0488  15  GLU A CG  
117 C  CD  . GLU A 15 ? 0.2040 0.0749 0.1259 0.0089  0.0524  0.0404  15  GLU A CD  
118 O  OE1 . GLU A 15 ? 0.1556 0.1122 0.1338 -0.0138 0.0489  0.0319  15  GLU A OE1 
119 O  OE2 . GLU A 15 ? 0.4707 0.1862 0.1890 -0.1527 0.1937  -0.0314 15  GLU A OE2 
120 N  N   . ILE A 16 ? 0.0740 0.0660 0.0560 -0.0070 -0.0020 0.0047  16  ILE A N   
121 C  CA  . ILE A 16 ? 0.0766 0.0613 0.0640 -0.0013 -0.0114 0.0015  16  ILE A CA  
122 C  C   . ILE A 16 ? 0.0646 0.0641 0.0601 -0.0014 0.0001  0.0061  16  ILE A C   
123 O  O   . ILE A 16 ? 0.0770 0.0676 0.0745 -0.0101 0.0009  0.0012  16  ILE A O   
124 C  CB  . ILE A 16 ? 0.0733 0.0642 0.0528 -0.0060 -0.0090 0.0021  16  ILE A CB  
125 C  CG1 . ILE A 16 ? 0.0623 0.0851 0.0670 -0.0150 -0.0173 0.0088  16  ILE A CG1 
126 C  CG2 . ILE A 16 ? 0.1241 0.0866 0.0497 -0.0145 -0.0120 0.0055  16  ILE A CG2 
127 C  CD1 . ILE A 16 ? 0.0960 0.0869 0.0654 -0.0303 -0.0063 0.0081  16  ILE A CD1 
128 N  N   . GLN A 17 ? 0.0717 0.0582 0.0648 -0.0103 -0.0222 -0.0045 17  GLN A N   
129 C  CA  . GLN A 17 ? 0.0711 0.0709 0.0809 -0.0165 -0.0162 0.0046  17  GLN A CA  
130 C  C   . GLN A 17 ? 0.0808 0.0701 0.0941 -0.0216 -0.0152 -0.0065 17  GLN A C   
131 O  O   . GLN A 17 ? 0.0773 0.0695 0.1015 -0.0186 -0.0065 0.0041  17  GLN A O   
132 C  CB  . GLN A 17 ? 0.0747 0.0889 0.0828 -0.0150 -0.0220 0.0047  17  GLN A CB  
133 C  CG  . GLN A 17 ? 0.0651 0.1146 0.0832 -0.0143 -0.0010 0.0148  17  GLN A CG  
134 C  CD  . GLN A 17 ? 0.0885 0.1245 0.0962 0.0031  0.0003  0.0115  17  GLN A CD  
135 O  OE1 . GLN A 17 ? 0.1468 0.1372 0.1559 0.0402  -0.0734 -0.0438 17  GLN A OE1 
136 N  NE2 . GLN A 17 ? 0.1938 0.3664 0.0851 0.1517  -0.0327 -0.0645 17  GLN A NE2 
137 N  N   . MET A 18 ? 0.1316 0.0612 0.0801 -0.0257 -0.0241 0.0020  18  MET A N   
138 C  CA  . MET A 18 ? 0.1471 0.0942 0.0885 -0.0427 0.0032  -0.0119 18  MET A CA  
139 C  C   . MET A 18 ? 0.1694 0.0736 0.0579 -0.0276 0.0157  -0.0063 18  MET A C   
140 O  O   . MET A 18 ? 0.2060 0.0739 0.0660 -0.0478 0.0010  -0.0056 18  MET A O   
141 C  CB  . MET A 18 ? 0.1636 0.0993 0.0887 -0.0308 -0.0126 -0.0021 18  MET A CB  
142 C  CG  . MET A 18 ? 0.1302 0.1634 0.0915 -0.0162 0.0079  -0.0203 18  MET A CG  
143 S  SD  . MET A 18 ? 0.1393 0.1614 0.0948 -0.0118 -0.0107 0.0022  18  MET A SD  
144 C  CE  . MET A 18 ? 0.1285 0.1614 0.1189 -0.0163 0.0251  -0.0129 18  MET A CE  
145 N  N   . ARG A 19 ? 0.1698 0.0731 0.0461 -0.0430 0.0173  -0.0071 19  ARG A N   
146 C  CA  A ARG A 19 ? 0.1323 0.0809 0.1013 -0.0451 0.0478  -0.0299 19  ARG A CA  
147 C  CA  B ARG A 19 ? 0.1242 0.0791 0.1005 -0.0533 0.0456  -0.0353 19  ARG A CA  
148 C  C   . ARG A 19 ? 0.0522 0.0896 0.0971 -0.0209 0.0088  -0.0106 19  ARG A C   
149 O  O   . ARG A 19 ? 0.0736 0.0880 0.1150 -0.0200 0.0240  -0.0224 19  ARG A O   
150 C  CB  A ARG A 19 ? 0.1046 0.0711 0.1153 -0.0307 0.0814  -0.0665 19  ARG A CB  
151 C  CB  B ARG A 19 ? 0.0919 0.0731 0.1658 -0.0329 0.0849  -0.0826 19  ARG A CB  
152 C  CG  A ARG A 19 ? 0.0522 0.0877 0.0690 -0.0036 -0.0001 0.0016  19  ARG A CG  
153 C  CG  B ARG A 19 ? 0.1229 0.0720 0.0100 -0.0185 0.0159  0.0015  19  ARG A CG  
154 C  CD  A ARG A 19 ? 0.0547 0.0776 0.0652 -0.0002 0.0054  -0.0055 19  ARG A CD  
155 C  CD  B ARG A 19 ? 0.0778 0.0569 0.1126 0.0178  0.0197  -0.0142 19  ARG A CD  
156 N  NE  A ARG A 19 ? 0.0390 0.0890 0.0830 -0.0125 0.0011  0.0033  19  ARG A NE  
157 N  NE  B ARG A 19 ? 0.0665 0.0712 0.1410 0.0216  0.0266  -0.0053 19  ARG A NE  
158 C  CZ  A ARG A 19 ? 0.0401 0.0634 0.1236 -0.0167 0.0064  -0.0054 19  ARG A CZ  
159 C  CZ  B ARG A 19 ? 0.0706 0.0735 0.0803 0.0199  0.0256  -0.0167 19  ARG A CZ  
160 N  NH1 A ARG A 19 ? 0.0617 0.0869 0.1441 0.0259  0.0516  0.0160  19  ARG A NH1 
161 N  NH1 B ARG A 19 ? 0.0658 0.0514 0.0765 -0.0486 -0.0066 -0.0111 19  ARG A NH1 
162 N  NH2 A ARG A 19 ? 0.0452 0.0750 0.1603 -0.0202 -0.0152 0.0063  19  ARG A NH2 
163 N  NH2 B ARG A 19 ? 0.1231 0.0925 0.0696 -0.0879 -0.0388 -0.0105 19  ARG A NH2 
164 N  N   . GLU A 20 ? 0.0529 0.0747 0.0852 -0.0124 0.0063  -0.0038 20  GLU A N   
165 C  CA  . GLU A 20 ? 0.0772 0.0781 0.0666 0.0073  -0.0049 -0.0035 20  GLU A CA  
166 C  C   . GLU A 20 ? 0.0605 0.0736 0.0746 -0.0012 0.0168  0.0085  20  GLU A C   
167 O  O   . GLU A 20 ? 0.0829 0.0768 0.0700 -0.0103 0.0055  0.0127  20  GLU A O   
168 C  CB  . GLU A 20 ? 0.0957 0.0945 0.0716 -0.0063 0.0038  0.0085  20  GLU A CB  
169 C  CG  . GLU A 20 ? 0.1255 0.0975 0.0835 -0.0084 0.0016  -0.0130 20  GLU A CG  
170 C  CD  . GLU A 20 ? 0.1076 0.1364 0.0891 0.0030  -0.0047 -0.0092 20  GLU A CD  
171 O  OE1 . GLU A 20 ? 0.1263 0.2325 0.1593 -0.0033 0.0267  -0.0794 20  GLU A OE1 
172 O  OE2 . GLU A 20 ? 0.1450 0.1938 0.1217 -0.0228 0.0048  -0.0529 20  GLU A OE2 
173 N  N   . SER A 21 ? 0.0593 0.0627 0.0882 -0.0047 0.0089  -0.0061 21  SER A N   
174 C  CA  A SER A 21 ? 0.0498 0.0850 0.1034 -0.0119 0.0128  -0.0065 21  SER A CA  
175 C  CA  B SER A 21 ? 0.0679 0.0887 0.0715 -0.0162 0.0130  -0.0076 21  SER A CA  
176 C  C   . SER A 21 ? 0.0624 0.0766 0.0675 -0.0169 0.0012  0.0008  21  SER A C   
177 O  O   . SER A 21 ? 0.0644 0.0734 0.0896 -0.0060 0.0101  0.0058  21  SER A O   
178 C  CB  A SER A 21 ? 0.0584 0.0965 0.1414 -0.0105 -0.0063 0.0033  21  SER A CB  
179 C  CB  B SER A 21 ? 0.0554 0.0914 0.1376 -0.0121 -0.0182 -0.0111 21  SER A CB  
180 O  OG  A SER A 21 ? 0.0683 0.0605 0.1357 0.0047  -0.0119 -0.0024 21  SER A OG  
181 O  OG  B SER A 21 ? 0.0793 0.1026 0.1335 0.0107  -0.0336 -0.0386 21  SER A OG  
182 N  N   . LEU A 22 ? 0.0529 0.0555 0.0779 -0.0085 0.0001  -0.0060 22  LEU A N   
183 C  CA  . LEU A 22 ? 0.0519 0.0665 0.0745 -0.0146 -0.0025 -0.0034 22  LEU A CA  
184 C  C   . LEU A 22 ? 0.0617 0.0549 0.0786 -0.0169 0.0082  0.0110  22  LEU A C   
185 O  O   . LEU A 22 ? 0.0736 0.0669 0.0657 -0.0018 0.0007  -0.0008 22  LEU A O   
186 C  CB  . LEU A 22 ? 0.0581 0.0645 0.0722 -0.0035 -0.0014 0.0040  22  LEU A CB  
187 C  CG  . LEU A 22 ? 0.0646 0.0752 0.0752 -0.0117 -0.0095 0.0034  22  LEU A CG  
188 C  CD1 . LEU A 22 ? 0.0947 0.0854 0.0725 -0.0126 -0.0136 0.0174  22  LEU A CD1 
189 C  CD2 . LEU A 22 ? 0.0838 0.0912 0.0877 -0.0164 -0.0193 0.0103  22  LEU A CD2 
190 N  N   . GLN A 23 ? 0.0578 0.0641 0.0733 -0.0119 0.0067  -0.0005 23  GLN A N   
191 C  CA  . GLN A 23 ? 0.0678 0.0683 0.0838 -0.0071 -0.0012 0.0086  23  GLN A CA  
192 C  C   . GLN A 23 ? 0.0515 0.0801 0.0673 0.0012  0.0009  0.0077  23  GLN A C   
193 O  O   . GLN A 23 ? 0.0755 0.0720 0.0950 -0.0045 0.0091  0.0021  23  GLN A O   
194 C  CB  . GLN A 23 ? 0.0844 0.0701 0.0957 -0.0022 0.0102  0.0083  23  GLN A CB  
195 C  CG  . GLN A 23 ? 0.1036 0.1043 0.1184 -0.0388 0.0134  0.0163  23  GLN A CG  
196 C  CD  . GLN A 23 ? 0.1665 0.1166 0.1275 -0.0599 0.0214  0.0291  23  GLN A CD  
197 O  OE1 . GLN A 23 ? 0.3282 0.1570 0.1112 -0.1163 -0.0241 0.0071  23  GLN A OE1 
198 N  NE2 . GLN A 23 ? 0.2854 0.0957 0.1184 -0.0749 -0.0122 0.0260  23  GLN A NE2 
199 N  N   . TYR A 24 ? 0.0518 0.0728 0.0734 0.0067  0.0092  -0.0017 24  TYR A N   
200 C  CA  . TYR A 24 ? 0.0629 0.0737 0.0626 0.0007  0.0095  0.0061  24  TYR A CA  
201 C  C   . TYR A 24 ? 0.0741 0.0538 0.0559 -0.0026 0.0054  0.0097  24  TYR A C   
202 O  O   . TYR A 24 ? 0.0695 0.0913 0.0606 0.0072  0.0114  -0.0029 24  TYR A O   
203 C  CB  . TYR A 24 ? 0.0692 0.0837 0.0784 -0.0033 0.0054  0.0163  24  TYR A CB  
204 C  CG  . TYR A 24 ? 0.0793 0.0672 0.0734 -0.0075 0.0098  0.0214  24  TYR A CG  
205 C  CD1 . TYR A 24 ? 0.0662 0.0842 0.0616 -0.0042 -0.0044 0.0148  24  TYR A CD1 
206 C  CD2 . TYR A 24 ? 0.0812 0.0667 0.0783 -0.0167 0.0118  -0.0037 24  TYR A CD2 
207 C  CE1 . TYR A 24 ? 0.0746 0.0915 0.0579 -0.0039 0.0045  0.0180  24  TYR A CE1 
208 C  CE2 . TYR A 24 ? 0.0767 0.0871 0.0616 -0.0141 0.0107  0.0067  24  TYR A CE2 
209 C  CZ  . TYR A 24 ? 0.0682 0.0784 0.0583 -0.0141 0.0034  0.0090  24  TYR A CZ  
210 O  OH  . TYR A 24 ? 0.0632 0.0936 0.0751 -0.0152 0.0104  0.0151  24  TYR A OH  
211 N  N   . THR A 25 ? 0.0593 0.0671 0.0574 -0.0042 0.0024  0.0099  25  THR A N   
212 C  CA  . THR A 25 ? 0.0728 0.0774 0.0525 -0.0002 0.0000  0.0087  25  THR A CA  
213 C  C   . THR A 25 ? 0.0715 0.0681 0.0524 -0.0006 -0.0048 0.0067  25  THR A C   
214 O  O   . THR A 25 ? 0.0664 0.0783 0.0562 -0.0016 0.0065  0.0056  25  THR A O   
215 C  CB  . THR A 25 ? 0.0903 0.0748 0.0700 0.0029  0.0068  0.0154  25  THR A CB  
216 O  OG1 . THR A 25 ? 0.0937 0.0957 0.0709 0.0021  -0.0044 0.0275  25  THR A OG1 
217 C  CG2 . THR A 25 ? 0.1094 0.0713 0.0830 -0.0019 -0.0072 0.0068  25  THR A CG2 
218 N  N   . ASP A 26 ? 0.0758 0.0748 0.0586 -0.0079 0.0022  0.0038  26  ASP A N   
219 C  CA  . ASP A 26 ? 0.0645 0.0871 0.0724 -0.0163 -0.0063 0.0048  26  ASP A CA  
220 C  C   . ASP A 26 ? 0.0827 0.0972 0.0697 0.0002  -0.0138 0.0049  26  ASP A C   
221 O  O   . ASP A 26 ? 0.0770 0.1052 0.0936 -0.0026 -0.0009 -0.0054 26  ASP A O   
222 C  CB  . ASP A 26 ? 0.0886 0.0934 0.0738 -0.0157 -0.0154 0.0067  26  ASP A CB  
223 C  CG  . ASP A 26 ? 0.0957 0.0935 0.0651 -0.0271 0.0091  0.0062  26  ASP A CG  
224 O  OD1 . ASP A 26 ? 0.0906 0.0876 0.0680 -0.0188 0.0087  0.0032  26  ASP A OD1 
225 O  OD2 . ASP A 26 ? 0.1302 0.1143 0.0683 -0.0470 -0.0133 -0.0015 26  ASP A OD2 
226 N  N   . HIS A 27 ? 0.0777 0.0865 0.0821 0.0001  -0.0081 0.0147  27  HIS A N   
227 C  CA  . HIS A 27 ? 0.1054 0.0874 0.1111 -0.0033 -0.0026 0.0062  27  HIS A CA  
228 C  C   . HIS A 27 ? 0.0948 0.0867 0.0939 0.0094  -0.0020 0.0065  27  HIS A C   
229 O  O   . HIS A 27 ? 0.1261 0.0895 0.0882 -0.0151 0.0002  0.0088  27  HIS A O   
230 C  CB  . HIS A 27 ? 0.1412 0.0917 0.1329 -0.0052 -0.0415 0.0249  27  HIS A CB  
231 C  CG  . HIS A 27 ? 0.1466 0.1201 0.1225 -0.0199 -0.0284 0.0388  27  HIS A CG  
232 N  ND1 . HIS A 27 ? 0.1631 0.1467 0.1814 -0.0246 -0.0565 -0.0021 27  HIS A ND1 
233 C  CD2 . HIS A 27 ? 0.1372 0.2270 0.1602 0.0001  -0.0422 0.0103  27  HIS A CD2 
234 C  CE1 . HIS A 27 ? 0.1459 0.1716 0.1738 -0.0317 -0.0607 0.0413  27  HIS A CE1 
235 N  NE2 . HIS A 27 ? 0.1565 0.2250 0.1357 -0.0137 -0.0467 0.0265  27  HIS A NE2 
236 N  N   . SER A 28 ? 0.0807 0.0806 0.0946 0.0073  0.0020  0.0209  28  SER A N   
237 C  CA  . SER A 28 ? 0.0934 0.0784 0.0861 0.0033  0.0089  0.0199  28  SER A CA  
238 C  C   . SER A 28 ? 0.1803 0.0711 0.0772 0.0049  0.0166  0.0107  28  SER A C   
239 O  O   . SER A 28 ? 0.2560 0.0908 0.1155 0.0285  -0.0452 0.0235  28  SER A O   
240 C  CB  . SER A 28 ? 0.1047 0.0718 0.0900 0.0112  0.0060  0.0097  28  SER A CB  
241 O  OG  . SER A 28 ? 0.1136 0.0740 0.0838 0.0060  0.0109  0.0114  28  SER A OG  
242 N  N   . PRO A 29 ? 0.2343 0.0896 0.0932 -0.0581 0.0400  -0.0039 29  PRO A N   
243 C  CA  . PRO A 29 ? 0.4099 0.0985 0.1332 -0.0881 0.0664  0.0013  29  PRO A CA  
244 C  C   . PRO A 29 ? 0.4509 0.0807 0.1140 -0.0667 0.0231  0.0046  29  PRO A C   
245 O  O   . PRO A 29 ? 0.8504 0.0729 0.1640 -0.1061 0.0626  0.0225  29  PRO A O   
246 C  CB  . PRO A 29 ? 0.4512 0.2129 0.2169 -0.1933 0.1551  -0.0342 29  PRO A CB  
247 C  CG  . PRO A 29 ? 0.2643 0.1754 0.4608 -0.1231 0.1930  -0.0855 29  PRO A CG  
248 C  CD  . PRO A 29 ? 0.1706 0.1137 0.2783 -0.0522 0.1392  -0.0615 29  PRO A CD  
249 N  N   . TYR A 30 ? 0.2483 0.0662 0.1197 -0.0068 0.0193  0.0029  30  TYR A N   
250 C  CA  A TYR A 30 ? 0.1919 0.0893 0.1238 0.0251  -0.0018 -0.0065 30  TYR A CA  
251 C  CA  B TYR A 30 ? 0.2160 0.0642 0.1134 0.0310  0.0162  0.0154  30  TYR A CA  
252 C  C   . TYR A 30 ? 0.1997 0.0795 0.1769 0.0097  0.0047  -0.0311 30  TYR A C   
253 O  O   . TYR A 30 ? 0.2282 0.0954 0.3241 0.0202  0.0883  -0.0086 30  TYR A O   
254 C  CB  A TYR A 30 ? 0.2103 0.0856 0.1398 0.0146  -0.0093 0.0143  30  TYR A CB  
255 C  CB  B TYR A 30 ? 0.2068 0.0740 0.1475 -0.0269 -0.0144 0.0252  30  TYR A CB  
256 C  CG  A TYR A 30 ? 0.1824 0.0847 0.1798 0.0101  -0.0166 0.0384  30  TYR A CG  
257 C  CG  B TYR A 30 ? 0.2044 0.0956 0.1979 -0.0072 0.0102  0.0554  30  TYR A CG  
258 C  CD1 A TYR A 30 ? 0.1803 0.1029 0.2475 0.0197  0.0170  0.0903  30  TYR A CD1 
259 C  CD1 B TYR A 30 ? 0.1827 0.0979 0.2337 -0.0147 0.0198  -0.0250 30  TYR A CD1 
260 C  CD2 A TYR A 30 ? 0.2026 0.0584 0.1554 -0.0003 -0.0292 0.0099  30  TYR A CD2 
261 C  CD2 B TYR A 30 ? 0.2222 0.1010 0.2802 -0.0020 0.0046  0.0342  30  TYR A CD2 
262 C  CE1 A TYR A 30 ? 0.2201 0.0894 0.3068 0.0193  0.0735  0.0653  30  TYR A CE1 
263 C  CE1 B TYR A 30 ? 0.1779 0.0949 0.4569 -0.0037 0.0306  -0.0883 30  TYR A CE1 
264 C  CE2 A TYR A 30 ? 0.1809 0.0712 0.2444 -0.0332 -0.0282 0.0422  30  TYR A CE2 
265 C  CE2 B TYR A 30 ? 0.2314 0.1054 0.1791 0.0150  0.0704  0.0283  30  TYR A CE2 
266 C  CZ  A TYR A 30 ? 0.2009 0.1026 0.2510 -0.0006 0.0388  0.0518  30  TYR A CZ  
267 C  CZ  B TYR A 30 ? 0.1971 0.1086 0.5441 0.0126  0.0423  -0.0201 30  TYR A CZ  
268 O  OH  A TYR A 30 ? 0.2173 0.1394 0.3798 -0.0294 0.0908  0.0526  30  TYR A OH  
269 O  OH  B TYR A 30 ? 0.1880 0.1089 0.6678 0.0176  0.0232  -0.0547 30  TYR A OH  
270 N  N   B PRO A 31 ? 0.2207 0.1165 0.1832 0.0500  0.0167  -0.0076 31  PRO A N   
271 C  CA  B PRO A 31 ? 0.2270 0.2259 0.1708 0.0645  0.0133  -0.0351 31  PRO A CA  
272 C  C   B PRO A 31 ? 0.1829 0.1951 0.1757 0.0474  0.0156  -0.0192 31  PRO A C   
273 O  O   B PRO A 31 ? 0.2055 0.3720 0.2365 -0.0136 0.0465  -0.0328 31  PRO A O   
274 C  CB  B PRO A 31 ? 0.4106 0.3462 0.1897 0.2565  0.0995  0.0501  31  PRO A CB  
275 C  CG  B PRO A 31 ? 0.4354 0.1956 0.5398 0.1508  0.0466  0.0777  31  PRO A CG  
276 C  CD  B PRO A 31 ? 0.3846 0.1100 0.3601 0.0803  0.1156  0.0412  31  PRO A CD  
277 N  N   B ASP A 32 ? 0.1871 0.1533 0.1716 0.0565  0.0239  -0.0322 32  ASP A N   
278 C  CA  B ASP A 32 ? 0.1740 0.1250 0.1710 0.0294  0.0283  -0.0396 32  ASP A CA  
279 C  C   B ASP A 32 ? 0.1432 0.1061 0.1480 -0.0062 0.0412  -0.0357 32  ASP A C   
280 O  O   B ASP A 32 ? 0.1690 0.0930 0.1363 -0.0200 0.0521  -0.0273 32  ASP A O   
281 C  CB  B ASP A 32 ? 0.3143 0.1042 0.1707 -0.0034 0.0941  -0.0457 32  ASP A CB  
282 C  CG  B ASP A 32 ? 0.2179 0.1339 0.2231 0.0105  0.0233  -0.0549 32  ASP A CG  
283 O  OD1 B ASP A 32 ? 0.2482 0.1519 0.2858 0.0004  0.0862  -0.0844 32  ASP A OD1 
284 O  OD2 B ASP A 32 ? 0.3022 0.2330 0.2571 -0.0317 0.0144  -0.1048 32  ASP A OD2 
285 N  N   B LYS A 33 ? 0.1162 0.0910 0.1267 -0.0077 0.0318  -0.0174 33  LYS A N   
286 C  CA  A LYS A 33 ? 0.0900 0.0708 0.1254 0.0227  -0.0158 -0.0158 33  LYS A CA  
287 C  CA  B LYS A 33 ? 0.1171 0.0839 0.1004 -0.0172 0.0352  -0.0083 33  LYS A CA  
288 C  C   . LYS A 33 ? 0.1181 0.0763 0.0837 -0.0196 0.0244  0.0022  33  LYS A C   
289 O  O   . LYS A 33 ? 0.1896 0.0809 0.0977 -0.0325 0.0559  -0.0005 33  LYS A O   
290 C  CB  A LYS A 33 ? 0.1079 0.1174 0.0770 -0.0026 0.0061  -0.0077 33  LYS A CB  
291 C  CB  B LYS A 33 ? 0.1156 0.0731 0.1581 -0.0179 0.0131  0.0147  33  LYS A CB  
292 C  CG  A LYS A 33 ? 0.1323 0.1549 0.1283 -0.0424 0.0443  -0.0414 33  LYS A CG  
293 C  CG  B LYS A 33 ? 0.0967 0.1249 0.1631 0.0090  -0.0140 -0.0131 33  LYS A CG  
294 C  CD  A LYS A 33 ? 0.1167 0.1820 0.2910 -0.0341 0.0016  0.0318  33  LYS A CD  
295 C  CD  B LYS A 33 ? 0.0845 0.2397 0.2902 -0.0135 -0.0356 -0.0210 33  LYS A CD  
296 C  CE  A LYS A 33 ? 0.1669 0.2472 0.3557 -0.0616 -0.0626 0.0074  33  LYS A CE  
297 C  CE  B LYS A 33 ? 0.1729 0.2557 0.4068 -0.0830 -0.1147 0.0602  33  LYS A CE  
298 N  NZ  A LYS A 33 ? 0.2236 0.4535 0.6032 -0.2078 -0.0694 0.0952  33  LYS A NZ  
299 N  NZ  B LYS A 33 ? 0.1951 0.5884 0.6629 -0.1975 -0.0567 0.1638  33  LYS A NZ  
300 N  N   . THR A 34 ? 0.0922 0.0753 0.0794 0.0048  0.0255  -0.0021 34  THR A N   
301 C  CA  . THR A 34 ? 0.0815 0.0613 0.0638 -0.0005 0.0164  0.0028  34  THR A CA  
302 C  C   . THR A 34 ? 0.0512 0.0797 0.0679 -0.0039 0.0158  -0.0006 34  THR A C   
303 O  O   . THR A 34 ? 0.0771 0.0812 0.0623 -0.0122 0.0098  -0.0059 34  THR A O   
304 C  CB  . THR A 34 ? 0.0945 0.0912 0.1045 0.0104  0.0040  0.0177  34  THR A CB  
305 O  OG1 . THR A 34 ? 0.0860 0.1539 0.1389 0.0202  0.0359  0.0550  34  THR A OG1 
306 C  CG2 . THR A 34 ? 0.0914 0.1135 0.1030 0.0153  0.0110  0.0286  34  THR A CG2 
307 N  N   . CYS A 35 ? 0.0744 0.0595 0.0564 0.0030  0.0086  0.0092  35  CYS A N   
308 C  CA  . CYS A 35 ? 0.0631 0.0812 0.0450 -0.0026 -0.0004 0.0010  35  CYS A CA  
309 C  C   . CYS A 35 ? 0.0620 0.0756 0.0548 -0.0100 0.0010  -0.0039 35  CYS A C   
310 O  O   . CYS A 35 ? 0.0815 0.0835 0.0579 -0.0102 0.0038  -0.0034 35  CYS A O   
311 C  CB  . CYS A 35 ? 0.0567 0.0674 0.0648 -0.0039 -0.0037 -0.0033 35  CYS A CB  
312 S  SG  . CYS A 35 ? 0.0679 0.0701 0.0573 -0.0031 0.0038  -0.0005 35  CYS A SG  
313 N  N   . ALA A 36 ? 0.0536 0.0783 0.0666 -0.0085 0.0085  0.0087  36  ALA A N   
314 C  CA  . ALA A 36 ? 0.0763 0.0971 0.0645 -0.0028 0.0101  0.0020  36  ALA A CA  
315 C  C   . ALA A 36 ? 0.0685 0.1069 0.0771 -0.0077 0.0128  -0.0012 36  ALA A C   
316 O  O   . ALA A 36 ? 0.1119 0.1668 0.0670 -0.0540 0.0248  -0.0086 36  ALA A O   
317 C  CB  . ALA A 36 ? 0.0628 0.1856 0.0713 0.0040  0.0172  -0.0123 36  ALA A CB  
318 N  N   . ASN A 37 ? 0.0772 0.0969 0.0613 -0.0092 0.0149  -0.0106 37  ASN A N   
319 C  CA  . ASN A 37 ? 0.0815 0.1031 0.0826 -0.0028 0.0116  -0.0206 37  ASN A CA  
320 C  C   . ASN A 37 ? 0.0715 0.1019 0.0733 -0.0065 0.0159  -0.0185 37  ASN A C   
321 O  O   . ASN A 37 ? 0.0854 0.1282 0.0951 -0.0061 0.0011  -0.0405 37  ASN A O   
322 C  CB  . ASN A 37 ? 0.0854 0.1126 0.0917 0.0080  0.0204  -0.0182 37  ASN A CB  
323 C  CG  . ASN A 37 ? 0.0849 0.1070 0.1085 -0.0069 0.0269  -0.0192 37  ASN A CG  
324 O  OD1 . ASN A 37 ? 0.0857 0.0966 0.1061 0.0075  0.0215  -0.0115 37  ASN A OD1 
325 N  ND2 . ASN A 37 ? 0.1414 0.1044 0.1970 0.0001  0.0780  -0.0297 37  ASN A ND2 
326 N  N   . CYS A 38 ? 0.0697 0.0924 0.0531 -0.0062 0.0005  -0.0010 38  CYS A N   
327 C  CA  . CYS A 38 ? 0.0707 0.0810 0.0655 -0.0095 -0.0004 0.0008  38  CYS A CA  
328 C  C   . CYS A 38 ? 0.0986 0.0815 0.0599 -0.0146 -0.0048 0.0002  38  CYS A C   
329 O  O   . CYS A 38 ? 0.0912 0.0922 0.0707 -0.0215 -0.0038 0.0109  38  CYS A O   
330 C  CB  . CYS A 38 ? 0.0738 0.0873 0.0566 -0.0143 -0.0012 -0.0010 38  CYS A CB  
331 S  SG  . CYS A 38 ? 0.0765 0.0841 0.0611 -0.0071 0.0012  0.0025  38  CYS A SG  
332 N  N   . GLN A 39 ? 0.0982 0.0861 0.0562 -0.0087 -0.0003 0.0094  39  GLN A N   
333 C  CA  A GLN A 39 ? 0.0643 0.0877 0.0650 0.0042  0.0154  0.0153  39  GLN A CA  
334 C  CA  B GLN A 39 ? 0.1258 0.0828 0.0568 -0.0175 -0.0051 0.0076  39  GLN A CA  
335 C  C   . GLN A 39 ? 0.0827 0.0869 0.0468 -0.0143 -0.0137 0.0083  39  GLN A C   
336 O  O   . GLN A 39 ? 0.1111 0.0885 0.0601 -0.0054 0.0109  0.0091  39  GLN A O   
337 C  CB  A GLN A 39 ? 0.1439 0.1147 0.0659 -0.0229 -0.0344 -0.0078 39  GLN A CB  
338 C  CB  B GLN A 39 ? 0.1684 0.0764 0.0338 -0.0246 -0.0032 0.0013  39  GLN A CB  
339 C  CG  A GLN A 39 ? 0.0845 0.1276 0.0834 0.0259  -0.0060 0.0009  39  GLN A CG  
340 C  CG  B GLN A 39 ? 0.2935 0.1158 0.0537 -0.0764 0.0210  -0.0337 39  GLN A CG  
341 C  CD  A GLN A 39 ? 0.0974 0.0950 0.0771 0.0124  -0.0195 -0.0259 39  GLN A CD  
342 C  CD  B GLN A 39 ? 0.3225 0.2214 0.0846 -0.0666 -0.0023 -0.1056 39  GLN A CD  
343 O  OE1 A GLN A 39 ? 0.0770 0.1448 0.1224 0.0333  -0.0205 -0.0428 39  GLN A OE1 
344 O  OE1 B GLN A 39 ? 0.1983 0.3129 0.3130 -0.0411 -0.0634 -0.0920 39  GLN A OE1 
345 N  NE2 A GLN A 39 ? 0.1087 0.1161 0.1014 -0.0143 -0.0218 0.0446  39  GLN A NE2 
346 N  NE2 B GLN A 39 ? 0.3715 0.2420 0.0705 -0.2413 0.0446  -0.0338 39  GLN A NE2 
347 N  N   . LEU A 40 ? 0.0856 0.0752 0.0539 -0.0149 -0.0067 0.0081  40  LEU A N   
348 C  CA  . LEU A 40 ? 0.0863 0.0870 0.0562 -0.0086 -0.0037 -0.0009 40  LEU A CA  
349 C  C   . LEU A 40 ? 0.0803 0.0814 0.0578 -0.0101 -0.0012 0.0059  40  LEU A C   
350 O  O   . LEU A 40 ? 0.0881 0.0760 0.0623 -0.0033 -0.0061 0.0024  40  LEU A O   
351 C  CB  . LEU A 40 ? 0.0743 0.0759 0.0966 -0.0035 -0.0157 0.0022  40  LEU A CB  
352 C  CG  . LEU A 40 ? 0.0782 0.0846 0.1105 0.0064  -0.0320 0.0000  40  LEU A CG  
353 C  CD1 . LEU A 40 ? 0.0838 0.1703 0.1291 -0.0132 -0.0110 -0.0162 40  LEU A CD1 
354 C  CD2 . LEU A 40 ? 0.1047 0.2212 0.1196 0.0018  -0.0354 0.0489  40  LEU A CD2 
355 N  N   . TYR A 41 ? 0.0836 0.0659 0.0597 -0.0159 -0.0107 0.0077  41  TYR A N   
356 C  CA  . TYR A 41 ? 0.0859 0.0793 0.0589 -0.0105 -0.0141 0.0106  41  TYR A CA  
357 C  C   . TYR A 41 ? 0.0964 0.0705 0.0558 -0.0101 -0.0030 0.0015  41  TYR A C   
358 O  O   . TYR A 41 ? 0.1283 0.0957 0.0525 -0.0291 -0.0069 0.0053  41  TYR A O   
359 C  CB  . TYR A 41 ? 0.0941 0.0791 0.0503 -0.0007 0.0003  0.0017  41  TYR A CB  
360 C  CG  . TYR A 41 ? 0.0709 0.0695 0.0535 -0.0082 0.0067  0.0122  41  TYR A CG  
361 C  CD1 . TYR A 41 ? 0.0615 0.0722 0.0541 -0.0115 0.0082  0.0125  41  TYR A CD1 
362 C  CD2 . TYR A 41 ? 0.0796 0.0766 0.0580 -0.0150 0.0105  0.0073  41  TYR A CD2 
363 C  CE1 . TYR A 41 ? 0.0764 0.0897 0.0500 -0.0097 0.0125  0.0008  41  TYR A CE1 
364 C  CE2 . TYR A 41 ? 0.0642 0.0718 0.0635 -0.0082 0.0096  0.0093  41  TYR A CE2 
365 C  CZ  . TYR A 41 ? 0.0653 0.0888 0.0574 -0.0154 0.0083  0.0029  41  TYR A CZ  
366 O  OH  . TYR A 41 ? 0.0705 0.1173 0.0558 -0.0098 -0.0021 -0.0012 41  TYR A OH  
367 N  N   . VAL A 42 ? 0.0856 0.0727 0.0545 -0.0122 -0.0016 0.0018  42  VAL A N   
368 C  CA  . VAL A 42 ? 0.0974 0.0779 0.0680 -0.0266 -0.0023 0.0066  42  VAL A CA  
369 C  C   . VAL A 42 ? 0.0923 0.0792 0.0531 -0.0133 0.0089  0.0006  42  VAL A C   
370 O  O   . VAL A 42 ? 0.0896 0.1017 0.0630 -0.0114 0.0043  -0.0143 42  VAL A O   
371 C  CB  . VAL A 42 ? 0.1161 0.0687 0.1060 -0.0201 -0.0106 0.0156  42  VAL A CB  
372 C  CG1 . VAL A 42 ? 0.1594 0.1012 0.1092 -0.0353 -0.0167 0.0523  42  VAL A CG1 
373 C  CG2 . VAL A 42 ? 0.1424 0.0923 0.1888 -0.0135 -0.0492 0.0333  42  VAL A CG2 
374 N  N   . PRO A 43 ? 0.1023 0.0841 0.0587 -0.0218 0.0209  -0.0001 43  PRO A N   
375 C  CA  . PRO A 43 ? 0.0837 0.1081 0.0674 -0.0218 0.0222  -0.0094 43  PRO A CA  
376 C  C   . PRO A 43 ? 0.0765 0.0994 0.0715 -0.0132 0.0144  0.0012  43  PRO A C   
377 O  O   . PRO A 43 ? 0.1034 0.0933 0.0984 -0.0216 0.0002  0.0010  43  PRO A O   
378 C  CB  . PRO A 43 ? 0.1069 0.1189 0.0831 -0.0116 0.0306  -0.0124 43  PRO A CB  
379 C  CG  . PRO A 43 ? 0.1152 0.1725 0.1154 0.0036  0.0127  -0.0541 43  PRO A CG  
380 C  CD  . PRO A 43 ? 0.1298 0.1171 0.0615 -0.0189 0.0155  -0.0238 43  PRO A CD  
381 N  N   . ALA A 44 ? 0.0866 0.1098 0.0682 -0.0099 0.0111  -0.0081 44  ALA A N   
382 C  CA  . ALA A 44 ? 0.0722 0.1255 0.0945 -0.0055 0.0040  -0.0145 44  ALA A CA  
383 C  C   . ALA A 44 ? 0.1486 0.0940 0.0726 -0.0225 0.0074  -0.0053 44  ALA A C   
384 O  O   . ALA A 44 ? 0.1178 0.1137 0.0985 -0.0266 0.0385  -0.0048 44  ALA A O   
385 C  CB  . ALA A 44 ? 0.1037 0.1509 0.0799 -0.0348 0.0058  -0.0095 44  ALA A CB  
386 N  N   . GLU A 45 ? 0.1860 0.1047 0.1325 -0.0513 0.0268  -0.0159 45  GLU A N   
387 C  CA  . GLU A 45 ? 0.2381 0.1526 0.1086 -0.0916 0.0325  -0.0370 45  GLU A CA  
388 C  C   . GLU A 45 ? 0.1881 0.1737 0.1791 -0.0837 0.0701  -0.0413 45  GLU A C   
389 O  O   . GLU A 45 ? 0.2682 0.2640 0.3181 -0.0784 0.1941  -0.0330 45  GLU A O   
390 C  CB  . GLU A 45 ? 0.2806 0.1397 0.1718 -0.0944 0.0264  -0.0119 45  GLU A CB  
391 C  CG  . GLU A 45 ? 0.3232 0.1828 0.1301 -0.0654 0.0235  0.0339  45  GLU A CG  
392 C  CD  . GLU A 45 ? 0.3753 0.3957 0.1342 -0.1215 0.0141  -0.0158 45  GLU A CD  
393 O  OE1 . GLU A 45 ? 0.6103 0.8223 0.1338 -0.3397 0.0623  0.0579  45  GLU A OE1 
394 O  OE2 . GLU A 45 ? 0.5796 0.2432 0.2756 -0.1493 -0.1650 0.0475  45  GLU A OE2 
395 N  N   . SER A 46 ? 0.1424 0.2431 0.1245 -0.0769 0.0134  -0.0507 46  SER A N   
396 C  CA  . SER A 46 ? 0.1080 0.2745 0.2211 -0.0642 0.0329  -0.0428 46  SER A CA  
397 C  C   . SER A 46 ? 0.0783 0.2461 0.1201 -0.0425 0.0209  -0.0592 46  SER A C   
398 O  O   . SER A 46 ? 0.0677 0.2730 0.1282 -0.0108 0.0143  -0.0422 46  SER A O   
399 C  CB  A SER A 46 ? 0.1735 0.1986 0.2796 -0.0730 -0.0985 0.0529  46  SER A CB  
400 C  CB  B SER A 46 ? 0.0681 0.2012 0.3839 -0.0018 -0.0702 -0.0581 46  SER A CB  
401 O  OG  A SER A 46 ? 0.0813 0.1552 0.2336 -0.0130 0.0274  0.0814  46  SER A OG  
402 O  OG  B SER A 46 ? 0.0760 0.2025 0.2196 0.0090  -0.0350 0.0331  46  SER A OG  
403 N  N   . PRO A 47 ? 0.0762 0.2955 0.1058 -0.0025 0.0097  -0.0613 47  PRO A N   
404 C  CA  . PRO A 47 ? 0.1160 0.2285 0.1397 -0.0038 -0.0104 -0.0915 47  PRO A CA  
405 C  C   . PRO A 47 ? 0.0788 0.1533 0.1108 0.0034  -0.0219 -0.0309 47  PRO A C   
406 O  O   . PRO A 47 ? 0.1077 0.1399 0.1722 -0.0232 -0.0320 -0.0251 47  PRO A O   
407 C  CB  . PRO A 47 ? 0.1733 0.2745 0.2284 0.0391  0.0075  -0.1382 47  PRO A CB  
408 C  CG  . PRO A 47 ? 0.1087 0.3945 0.2329 0.0554  -0.0248 -0.1031 47  PRO A CG  
409 C  CD  . PRO A 47 ? 0.1002 0.3533 0.1386 0.0108  0.0261  -0.1289 47  PRO A CD  
410 N  N   . ASP A 48 ? 0.0646 0.1376 0.0967 0.0042  -0.0049 -0.0098 48  ASP A N   
411 C  CA  . ASP A 48 ? 0.0766 0.0896 0.1052 -0.0031 -0.0064 0.0012  48  ASP A CA  
412 C  C   . ASP A 48 ? 0.0609 0.1345 0.0909 -0.0023 -0.0021 -0.0051 48  ASP A C   
413 O  O   . ASP A 48 ? 0.0576 0.2189 0.1145 -0.0026 0.0033  -0.0527 48  ASP A O   
414 C  CB  . ASP A 48 ? 0.0627 0.1036 0.0928 0.0027  -0.0032 0.0065  48  ASP A CB  
415 C  CG  . ASP A 48 ? 0.0918 0.1080 0.0843 0.0107  -0.0150 -0.0006 48  ASP A CG  
416 O  OD1 . ASP A 48 ? 0.1151 0.1208 0.1681 0.0135  -0.0575 -0.0462 48  ASP A OD1 
417 O  OD2 . ASP A 48 ? 0.0696 0.1005 0.0938 -0.0081 -0.0111 0.0018  48  ASP A OD2 
418 N  N   . GLN A 49 ? 0.0526 0.1402 0.0979 0.0067  0.0050  0.0048  49  GLN A N   
419 C  CA  . GLN A 49 ? 0.0542 0.1097 0.1415 -0.0016 0.0049  -0.0240 49  GLN A CA  
420 C  C   . GLN A 49 ? 0.0573 0.1116 0.0745 -0.0027 0.0014  0.0049  49  GLN A C   
421 O  O   . GLN A 49 ? 0.0647 0.1295 0.0760 -0.0025 0.0066  -0.0016 49  GLN A O   
422 C  CB  A GLN A 49 ? 0.0055 0.1354 0.3281 -0.0106 -0.0228 0.0396  49  GLN A CB  
423 C  CB  B GLN A 49 ? 0.0989 0.1005 0.1698 0.0062  0.0084  -0.0174 49  GLN A CB  
424 C  CG  A GLN A 49 ? 0.0757 0.1195 0.1524 -0.0218 0.0420  -0.0703 49  GLN A CG  
425 C  CG  B GLN A 49 ? 0.1531 0.1348 0.2575 -0.0391 -0.0402 0.0390  49  GLN A CG  
426 C  CD  A GLN A 49 ? 0.1614 0.1654 0.1967 -0.0528 0.1032  -0.0306 49  GLN A CD  
427 C  CD  B GLN A 49 ? 0.2597 0.1453 0.2316 -0.0313 0.0508  0.0442  49  GLN A CD  
428 O  OE1 A GLN A 49 ? 0.4311 0.2932 0.3605 -0.2510 0.0525  0.0007  49  GLN A OE1 
429 O  OE1 B GLN A 49 ? 0.3587 0.3909 0.3263 -0.1778 0.1736  0.0170  49  GLN A OE1 
430 N  NE2 A GLN A 49 ? 0.2116 0.0883 0.2945 0.0772  0.0311  0.0157  49  GLN A NE2 
431 N  NE2 B GLN A 49 ? 0.4965 0.1557 0.4022 0.1055  -0.0560 -0.0044 49  GLN A NE2 
432 N  N   . CYS A 50 ? 0.0535 0.1225 0.0728 -0.0109 -0.0004 0.0000  50  CYS A N   
433 C  CA  . CYS A 50 ? 0.0512 0.1008 0.0615 -0.0093 0.0124  -0.0028 50  CYS A CA  
434 C  C   . CYS A 50 ? 0.0638 0.1025 0.0600 -0.0138 0.0041  0.0030  50  CYS A C   
435 O  O   . CYS A 50 ? 0.0853 0.1056 0.0666 -0.0227 0.0169  0.0047  50  CYS A O   
436 C  CB  . CYS A 50 ? 0.0627 0.1060 0.0572 -0.0093 0.0045  -0.0022 50  CYS A CB  
437 S  SG  . CYS A 50 ? 0.0643 0.1121 0.0633 -0.0173 0.0084  -0.0019 50  CYS A SG  
438 N  N   . GLY A 51 ? 0.0716 0.1033 0.0649 -0.0196 0.0145  0.0029  51  GLY A N   
439 C  CA  . GLY A 51 ? 0.0733 0.1075 0.0646 -0.0165 0.0072  -0.0100 51  GLY A CA  
440 C  C   . GLY A 51 ? 0.0707 0.0888 0.0637 -0.0213 0.0175  -0.0046 51  GLY A C   
441 O  O   . GLY A 51 ? 0.0780 0.0834 0.0594 -0.0166 0.0159  -0.0043 51  GLY A O   
442 N  N   . GLY A 52 ? 0.0697 0.1089 0.0617 -0.0225 0.0128  -0.0096 52  GLY A N   
443 C  CA  . GLY A 52 ? 0.0862 0.0815 0.0788 -0.0101 0.0010  0.0010  52  GLY A CA  
444 C  C   . GLY A 52 ? 0.0691 0.0812 0.0631 -0.0085 0.0048  0.0127  52  GLY A C   
445 O  O   . GLY A 52 ? 0.0722 0.0864 0.0798 -0.0049 -0.0074 -0.0009 52  GLY A O   
446 N  N   . CYS A 53 ? 0.0731 0.0743 0.0689 -0.0056 -0.0008 -0.0089 53  CYS A N   
447 C  CA  . CYS A 53 ? 0.0767 0.0706 0.0636 -0.0052 0.0010  -0.0028 53  CYS A CA  
448 C  C   . CYS A 53 ? 0.0800 0.0858 0.0647 -0.0144 0.0048  0.0025  53  CYS A C   
449 O  O   . CYS A 53 ? 0.1038 0.0785 0.0867 -0.0012 -0.0109 0.0034  53  CYS A O   
450 C  CB  . CYS A 53 ? 0.0778 0.0677 0.0688 -0.0130 -0.0093 0.0012  53  CYS A CB  
451 S  SG  . CYS A 53 ? 0.0747 0.0728 0.0750 -0.0054 -0.0082 0.0080  53  CYS A SG  
452 N  N   . GLN A 54 ? 0.0901 0.0796 0.0658 0.0060  -0.0054 0.0039  54  GLN A N   
453 C  CA  A GLN A 54 ? 0.0975 0.0705 0.0806 -0.0097 -0.0186 0.0160  54  GLN A CA  
454 C  CA  B GLN A 54 ? 0.1082 0.1051 0.0707 0.0138  -0.0007 0.0326  54  GLN A CA  
455 C  C   . GLN A 54 ? 0.0962 0.0795 0.0939 0.0064  -0.0256 0.0156  54  GLN A C   
456 O  O   . GLN A 54 ? 0.0953 0.1274 0.1458 0.0067  -0.0274 0.0563  54  GLN A O   
457 C  CB  A GLN A 54 ? 0.1555 0.1752 0.0549 0.0113  -0.0298 0.0206  54  GLN A CB  
458 C  CB  B GLN A 54 ? 0.1287 0.1454 0.0752 -0.0082 -0.0185 0.0353  54  GLN A CB  
459 C  CG  A GLN A 54 ? 0.1591 0.2000 0.1024 0.0591  0.0075  0.0250  54  GLN A CG  
460 C  CG  B GLN A 54 ? 0.1268 0.2555 0.0868 0.0348  0.0172  0.0433  54  GLN A CG  
461 C  CD  A GLN A 54 ? 0.3410 0.1818 0.0567 0.0581  0.0198  0.0257  54  GLN A CD  
462 C  CD  B GLN A 54 ? 0.1435 0.1937 0.0849 0.0305  0.0251  0.0076  54  GLN A CD  
463 O  OE1 A GLN A 54 ? 0.4105 0.2560 0.0607 0.0576  -0.0764 -0.0283 54  GLN A OE1 
464 O  OE1 B GLN A 54 ? 0.3746 0.2657 0.0776 -0.0860 0.0533  -0.0745 54  GLN A OE1 
465 N  NE2 A GLN A 54 ? 0.3836 0.3123 0.2603 -0.1493 0.1835  -0.1575 54  GLN A NE2 
466 N  NE2 B GLN A 54 ? 0.3172 0.4071 0.0699 -0.1587 0.0429  0.0123  54  GLN A NE2 
467 N  N   . LEU A 55 ? 0.0710 0.0904 0.0863 -0.0025 -0.0196 0.0094  55  LEU A N   
468 C  CA  . LEU A 55 ? 0.0768 0.0999 0.0954 -0.0196 -0.0296 0.0095  55  LEU A CA  
469 C  C   . LEU A 55 ? 0.0672 0.0943 0.1042 -0.0089 -0.0004 0.0046  55  LEU A C   
470 O  O   . LEU A 55 ? 0.1030 0.1589 0.2088 0.0447  -0.0114 -0.0282 55  LEU A O   
471 C  CB  . LEU A 55 ? 0.0868 0.1058 0.0944 -0.0182 -0.0186 0.0051  55  LEU A CB  
472 C  CG  . LEU A 55 ? 0.0785 0.1188 0.0786 -0.0277 -0.0073 0.0045  55  LEU A CG  
473 C  CD1 . LEU A 55 ? 0.0914 0.1496 0.1146 -0.0224 -0.0260 -0.0020 55  LEU A CD1 
474 C  CD2 . LEU A 55 ? 0.1201 0.1203 0.1307 -0.0437 -0.0155 0.0062  55  LEU A CD2 
475 N  N   . ILE A 56 ? 0.0784 0.0946 0.0843 -0.0077 -0.0003 0.0006  56  ILE A N   
476 C  CA  A ILE A 56 ? 0.0759 0.0756 0.0975 -0.0098 0.0166  -0.0048 56  ILE A CA  
477 C  CA  B ILE A 56 ? 0.1037 0.0921 0.0738 -0.0191 0.0163  0.0005  56  ILE A CA  
478 C  C   . ILE A 56 ? 0.0726 0.0894 0.0814 -0.0086 0.0114  -0.0070 56  ILE A C   
479 O  O   . ILE A 56 ? 0.0861 0.0906 0.1015 -0.0178 0.0250  -0.0115 56  ILE A O   
480 C  CB  A ILE A 56 ? 0.0625 0.1049 0.0865 -0.0120 -0.0028 0.0043  56  ILE A CB  
481 C  CB  B ILE A 56 ? 0.1004 0.0858 0.0935 -0.0175 -0.0167 0.0001  56  ILE A CB  
482 C  CG1 A ILE A 56 ? 0.0609 0.1040 0.0495 -0.0134 -0.0003 0.0023  56  ILE A CG1 
483 C  CG1 B ILE A 56 ? 0.0835 0.1062 0.1212 -0.0201 -0.0253 0.0148  56  ILE A CG1 
484 C  CG2 A ILE A 56 ? 0.0830 0.1616 0.1319 -0.0560 -0.0337 0.0769  56  ILE A CG2 
485 C  CG2 B ILE A 56 ? 0.0940 0.0696 0.0986 -0.0009 -0.0117 0.0110  56  ILE A CG2 
486 C  CD1 A ILE A 56 ? 0.0821 0.0754 0.0699 0.0058  0.0184  -0.0108 56  ILE A CD1 
487 C  CD1 B ILE A 56 ? 0.1235 0.0890 0.1654 0.0029  0.0560  0.0253  56  ILE A CD1 
488 N  N   . LYS A 57 ? 0.0616 0.0936 0.0861 -0.0102 0.0070  -0.0002 57  LYS A N   
489 C  CA  . LYS A 57 ? 0.0943 0.0770 0.0958 0.0006  0.0021  -0.0101 57  LYS A CA  
490 C  C   . LYS A 57 ? 0.0881 0.0672 0.0827 -0.0033 0.0026  -0.0126 57  LYS A C   
491 O  O   . LYS A 57 ? 0.0930 0.0973 0.0824 -0.0201 0.0074  -0.0002 57  LYS A O   
492 C  CB  . LYS A 57 ? 0.0993 0.0998 0.1247 0.0237  -0.0127 -0.0257 57  LYS A CB  
493 C  CG  . LYS A 57 ? 0.1320 0.1093 0.1292 0.0356  -0.0090 -0.0020 57  LYS A CG  
494 C  CD  . LYS A 57 ? 0.1615 0.2067 0.1473 -0.0036 -0.0007 0.0257  57  LYS A CD  
495 C  CE  . LYS A 57 ? 0.2776 0.1554 0.1551 0.0319  -0.0162 0.0330  57  LYS A CE  
496 N  NZ  . LYS A 57 ? 0.5864 0.2884 0.3070 -0.1758 -0.1030 0.1594  57  LYS A NZ  
497 N  N   . GLY A 58 ? 0.0811 0.0682 0.1218 -0.0017 0.0030  -0.0076 58  GLY A N   
498 C  CA  . GLY A 58 ? 0.0827 0.0826 0.1009 -0.0085 0.0008  -0.0133 58  GLY A CA  
499 C  C   . GLY A 58 ? 0.0755 0.0675 0.0861 -0.0086 0.0081  -0.0082 58  GLY A C   
500 O  O   . GLY A 58 ? 0.0792 0.0813 0.0884 -0.0020 0.0024  -0.0049 58  GLY A O   
501 N  N   . PRO A 59 ? 0.0706 0.0718 0.0828 -0.0115 0.0209  -0.0105 59  PRO A N   
502 C  CA  . PRO A 59 ? 0.0610 0.0740 0.0768 -0.0111 0.0105  -0.0049 59  PRO A CA  
503 C  C   . PRO A 59 ? 0.0551 0.0798 0.0569 -0.0087 0.0099  -0.0050 59  PRO A C   
504 O  O   . PRO A 59 ? 0.0637 0.0776 0.0693 -0.0078 0.0152  -0.0117 59  PRO A O   
505 C  CB  . PRO A 59 ? 0.0834 0.0889 0.0706 -0.0160 0.0110  -0.0157 59  PRO A CB  
506 C  CG  . PRO A 59 ? 0.0915 0.1133 0.0860 -0.0054 0.0212  -0.0109 59  PRO A CG  
507 C  CD  . PRO A 59 ? 0.0878 0.0955 0.0827 -0.0088 0.0186  -0.0166 59  PRO A CD  
508 N  N   . ILE A 60 ? 0.0582 0.0794 0.0570 -0.0202 0.0138  -0.0057 60  ILE A N   
509 C  CA  . ILE A 60 ? 0.0705 0.0746 0.0498 -0.0156 0.0208  -0.0020 60  ILE A CA  
510 C  C   . ILE A 60 ? 0.0659 0.0780 0.0505 -0.0215 0.0067  -0.0135 60  ILE A C   
511 O  O   . ILE A 60 ? 0.0667 0.0857 0.0596 -0.0047 0.0198  0.0034  60  ILE A O   
512 C  CB  . ILE A 60 ? 0.0726 0.0783 0.0451 -0.0154 0.0102  -0.0059 60  ILE A CB  
513 C  CG1 . ILE A 60 ? 0.0811 0.0763 0.0613 -0.0174 -0.0032 0.0005  60  ILE A CG1 
514 C  CG2 . ILE A 60 ? 0.0729 0.0862 0.0645 -0.0163 0.0102  -0.0059 60  ILE A CG2 
515 C  CD1 . ILE A 60 ? 0.0691 0.0878 0.0882 -0.0023 0.0056  0.0001  60  ILE A CD1 
516 N  N   . HIS A 61 ? 0.0580 0.0791 0.0649 -0.0167 0.0116  0.0044  61  HIS A N   
517 C  CA  . HIS A 61 ? 0.0607 0.0838 0.0575 -0.0104 0.0093  -0.0039 61  HIS A CA  
518 C  C   . HIS A 61 ? 0.0750 0.0773 0.0613 -0.0209 0.0107  -0.0065 61  HIS A C   
519 O  O   . HIS A 61 ? 0.0658 0.0714 0.0614 -0.0046 0.0033  -0.0014 61  HIS A O   
520 C  CB  . HIS A 61 ? 0.0959 0.0770 0.0572 -0.0163 0.0072  0.0055  61  HIS A CB  
521 C  CG  . HIS A 61 ? 0.0893 0.0983 0.0617 -0.0199 -0.0070 0.0113  61  HIS A CG  
522 N  ND1 . HIS A 61 ? 0.0893 0.1188 0.0724 0.0009  -0.0086 0.0040  61  HIS A ND1 
523 C  CD2 . HIS A 61 ? 0.1589 0.0933 0.1050 -0.0091 -0.0529 0.0054  61  HIS A CD2 
524 C  CE1 . HIS A 61 ? 0.1072 0.1224 0.0946 -0.0070 -0.0255 0.0212  61  HIS A CE1 
525 N  NE2 . HIS A 61 ? 0.1145 0.1219 0.1315 -0.0181 -0.0583 0.0137  61  HIS A NE2 
526 N  N   . PRO A 62 ? 0.0673 0.0836 0.0631 -0.0120 0.0120  -0.0070 62  PRO A N   
527 C  CA  . PRO A 62 ? 0.0684 0.0858 0.0577 -0.0070 0.0050  -0.0010 62  PRO A CA  
528 C  C   . PRO A 62 ? 0.0626 0.0782 0.0703 -0.0041 0.0020  -0.0016 62  PRO A C   
529 O  O   . PRO A 62 ? 0.0723 0.0845 0.0666 0.0007  0.0019  0.0009  62  PRO A O   
530 C  CB  . PRO A 62 ? 0.0603 0.0927 0.0699 -0.0050 0.0096  0.0082  62  PRO A CB  
531 C  CG  . PRO A 62 ? 0.0550 0.1065 0.0902 -0.0059 0.0119  -0.0016 62  PRO A CG  
532 C  CD  . PRO A 62 ? 0.0574 0.0911 0.0803 -0.0153 0.0037  -0.0111 62  PRO A CD  
533 N  N   . ASN A 63 ? 0.0610 0.0906 0.0636 -0.0080 -0.0004 0.0008  63  ASN A N   
534 C  CA  . ASN A 63 ? 0.0630 0.0859 0.0887 0.0074  0.0068  0.0079  63  ASN A CA  
535 C  C   . ASN A 63 ? 0.0596 0.0799 0.0754 0.0041  0.0075  0.0111  63  ASN A C   
536 O  O   . ASN A 63 ? 0.0664 0.0841 0.0874 0.0014  0.0025  0.0095  63  ASN A O   
537 C  CB  . ASN A 63 ? 0.0733 0.1162 0.1074 0.0118  -0.0027 0.0333  63  ASN A CB  
538 C  CG  . ASN A 63 ? 0.0895 0.1403 0.1260 0.0076  -0.0004 0.0260  63  ASN A CG  
539 O  OD1 . ASN A 63 ? 0.0872 0.2095 0.1440 0.0291  0.0309  0.0367  63  ASN A OD1 
540 N  ND2 . ASN A 63 ? 0.0797 0.2480 0.1837 0.0080  -0.0201 0.0139  63  ASN A ND2 
541 N  N   . GLY A 64 ? 0.0546 0.0851 0.0539 0.0016  0.0098  0.0083  64  GLY A N   
542 C  CA  . GLY A 64 ? 0.0535 0.0845 0.0709 0.0017  0.0108  -0.0003 64  GLY A CA  
543 C  C   . GLY A 64 ? 0.0642 0.0573 0.0616 -0.0028 0.0046  0.0134  64  GLY A C   
544 O  O   . GLY A 64 ? 0.0672 0.0738 0.0591 0.0068  0.0032  0.0033  64  GLY A O   
545 N  N   . TYR A 65 ? 0.0618 0.0647 0.0464 0.0017  -0.0047 -0.0009 65  TYR A N   
546 C  CA  . TYR A 65 ? 0.0653 0.0626 0.0614 0.0008  -0.0058 0.0027  65  TYR A CA  
547 C  C   . TYR A 65 ? 0.0621 0.0613 0.0635 -0.0107 0.0049  0.0033  65  TYR A C   
548 O  O   . TYR A 65 ? 0.0610 0.0804 0.0646 -0.0008 0.0017  -0.0010 65  TYR A O   
549 C  CB  . TYR A 65 ? 0.0736 0.0681 0.0700 -0.0046 0.0032  0.0051  65  TYR A CB  
550 C  CG  . TYR A 65 ? 0.0711 0.0517 0.0831 0.0020  -0.0041 0.0046  65  TYR A CG  
551 C  CD1 . TYR A 65 ? 0.0922 0.0675 0.0855 -0.0098 -0.0009 0.0016  65  TYR A CD1 
552 C  CD2 . TYR A 65 ? 0.0799 0.0699 0.0821 0.0002  -0.0035 0.0116  65  TYR A CD2 
553 C  CE1 . TYR A 65 ? 0.0976 0.0600 0.0806 -0.0007 -0.0114 -0.0006 65  TYR A CE1 
554 C  CE2 . TYR A 65 ? 0.0867 0.0875 0.1081 -0.0106 0.0031  0.0119  65  TYR A CE2 
555 C  CZ  . TYR A 65 ? 0.0864 0.0685 0.1046 -0.0174 -0.0204 0.0129  65  TYR A CZ  
556 O  OH  . TYR A 65 ? 0.0971 0.0791 0.1602 -0.0250 -0.0319 0.0027  65  TYR A OH  
557 N  N   . CYS A 66 ? 0.0566 0.0764 0.0534 -0.0046 0.0088  0.0020  66  CYS A N   
558 C  CA  . CYS A 66 ? 0.0641 0.0701 0.0547 -0.0038 -0.0029 0.0114  66  CYS A CA  
559 C  C   . CYS A 66 ? 0.0649 0.0526 0.0540 0.0002  -0.0009 0.0106  66  CYS A C   
560 O  O   . CYS A 66 ? 0.0664 0.0685 0.0646 0.0040  0.0023  0.0035  66  CYS A O   
561 C  CB  . CYS A 66 ? 0.0621 0.0714 0.0590 -0.0106 -0.0046 -0.0013 66  CYS A CB  
562 S  SG  . CYS A 66 ? 0.0633 0.0732 0.0685 -0.0023 -0.0026 0.0096  66  CYS A SG  
563 N  N   . THR A 67 ? 0.0658 0.0652 0.0718 -0.0016 -0.0025 -0.0026 67  THR A N   
564 C  CA  . THR A 67 ? 0.0622 0.0674 0.0787 -0.0085 -0.0046 -0.0013 67  THR A CA  
565 C  C   . THR A 67 ? 0.0695 0.0825 0.0775 -0.0094 -0.0198 -0.0043 67  THR A C   
566 O  O   . THR A 67 ? 0.0979 0.0980 0.0807 -0.0255 -0.0203 -0.0072 67  THR A O   
567 C  CB  . THR A 67 ? 0.0677 0.0837 0.0877 -0.0128 -0.0020 -0.0052 67  THR A CB  
568 O  OG1 . THR A 67 ? 0.0726 0.0810 0.0867 -0.0036 -0.0001 0.0018  67  THR A OG1 
569 C  CG2 . THR A 67 ? 0.0794 0.0840 0.0950 -0.0198 0.0000  0.0161  67  THR A CG2 
570 N  N   . SER A 68 ? 0.0717 0.0855 0.0673 -0.0028 -0.0138 0.0004  68  SER A N   
571 C  CA  . SER A 68 ? 0.0779 0.0751 0.0787 -0.0082 -0.0132 -0.0031 68  SER A CA  
572 C  C   . SER A 68 ? 0.0733 0.0999 0.0813 -0.0085 -0.0078 0.0084  68  SER A C   
573 O  O   . SER A 68 ? 0.0902 0.1447 0.0853 0.0110  0.0025  0.0245  68  SER A O   
574 C  CB  A SER A 68 ? 0.1555 0.0816 0.0683 0.0175  -0.0229 0.0001  68  SER A CB  
575 C  CB  B SER A 68 ? 0.0879 0.1011 0.1206 0.0244  -0.0330 0.0300  68  SER A CB  
576 O  OG  A SER A 68 ? 0.0745 0.1362 0.0957 0.0242  -0.0149 0.0162  68  SER A OG  
577 O  OG  B SER A 68 ? 0.1030 0.1034 0.0998 0.0198  -0.0139 -0.0057 68  SER A OG  
578 N  N   . TRP A 69 ? 0.0717 0.0798 0.0671 -0.0078 -0.0037 -0.0070 69  TRP A N   
579 C  CA  . TRP A 69 ? 0.0767 0.0847 0.0603 -0.0163 -0.0033 -0.0069 69  TRP A CA  
580 C  C   . TRP A 69 ? 0.0866 0.1023 0.0650 -0.0184 -0.0058 -0.0019 69  TRP A C   
581 O  O   . TRP A 69 ? 0.1276 0.1177 0.0653 -0.0469 -0.0069 -0.0159 69  TRP A O   
582 C  CB  . TRP A 69 ? 0.0738 0.0622 0.0733 -0.0169 0.0020  -0.0066 69  TRP A CB  
583 C  CG  . TRP A 69 ? 0.0800 0.0685 0.0667 -0.0137 0.0154  -0.0016 69  TRP A CG  
584 C  CD1 . TRP A 69 ? 0.0781 0.0610 0.0695 -0.0038 0.0170  0.0014  69  TRP A CD1 
585 C  CD2 . TRP A 69 ? 0.0959 0.0932 0.0958 -0.0192 0.0254  -0.0201 69  TRP A CD2 
586 N  NE1 . TRP A 69 ? 0.0753 0.0942 0.0812 -0.0053 0.0243  -0.0123 69  TRP A NE1 
587 C  CE2 . TRP A 69 ? 0.0908 0.0917 0.0896 -0.0089 0.0240  -0.0178 69  TRP A CE2 
588 C  CE3 . TRP A 69 ? 0.1079 0.1165 0.1243 -0.0226 0.0221  -0.0444 69  TRP A CE3 
589 C  CZ2 . TRP A 69 ? 0.0998 0.1399 0.1741 -0.0205 0.0442  -0.0754 69  TRP A CZ2 
590 C  CZ3 . TRP A 69 ? 0.1307 0.1493 0.1813 -0.0456 0.0430  -0.0941 69  TRP A CZ3 
591 C  CH2 . TRP A 69 ? 0.1252 0.1853 0.1910 -0.0353 0.0494  -0.1234 69  TRP A CH2 
592 N  N   . VAL A 70 ? 0.0969 0.1214 0.0561 -0.0141 -0.0004 -0.0061 70  VAL A N   
593 C  CA  . VAL A 70 ? 0.1036 0.1263 0.0700 -0.0138 -0.0005 0.0038  70  VAL A CA  
594 C  C   . VAL A 70 ? 0.1204 0.0928 0.0628 -0.0208 0.0071  0.0012  70  VAL A C   
595 O  O   . VAL A 70 ? 0.1102 0.0845 0.0760 -0.0134 0.0011  -0.0048 70  VAL A O   
596 C  CB  . VAL A 70 ? 0.1023 0.1276 0.0742 -0.0134 -0.0151 0.0078  70  VAL A CB  
597 C  CG1 . VAL A 70 ? 0.2031 0.1389 0.0818 -0.0186 -0.0180 0.0193  70  VAL A CG1 
598 C  CG2 . VAL A 70 ? 0.1089 0.1647 0.1215 0.0192  -0.0115 0.0343  70  VAL A CG2 
599 N  N   A GLN A 71 ? 0.1822 0.0817 0.0755 -0.0395 0.0497  0.0223  71  GLN A N   
600 N  N   B GLN A 71 ? 0.1070 0.1398 0.1281 -0.0515 0.0133  -0.0445 71  GLN A N   
601 C  CA  A GLN A 71 ? 0.1862 0.0958 0.0877 -0.0374 0.0484  -0.0315 71  GLN A CA  
602 C  CA  B GLN A 71 ? 0.1295 0.0930 0.0739 -0.0396 0.0080  -0.0152 71  GLN A CA  
603 C  C   A GLN A 71 ? 0.1343 0.0849 0.0953 -0.0259 0.0189  -0.0200 71  GLN A C   
604 C  C   B GLN A 71 ? 0.1026 0.0758 0.0871 -0.0118 -0.0172 0.0044  71  GLN A C   
605 O  O   A GLN A 71 ? 0.1261 0.0918 0.0962 -0.0282 0.0193  -0.0166 71  GLN A O   
606 O  O   B GLN A 71 ? 0.1284 0.0690 0.0996 0.0119  -0.0289 -0.0123 71  GLN A O   
607 C  CB  A GLN A 71 ? 0.2665 0.1009 0.1474 -0.0542 0.0958  -0.0294 71  GLN A CB  
608 C  CB  B GLN A 71 ? 0.1693 0.1081 0.1245 -0.0767 0.0210  -0.0169 71  GLN A CB  
609 C  CG  A GLN A 71 ? 0.3146 0.1079 0.1756 -0.1135 0.1202  -0.0818 71  GLN A CG  
610 C  CG  B GLN A 71 ? 0.2508 0.1115 0.2360 -0.0310 0.1425  -0.0673 71  GLN A CG  
611 C  CD  A GLN A 71 ? 0.2702 0.1030 0.3023 -0.1001 0.1161  -0.0655 71  GLN A CD  
612 C  CD  B GLN A 71 ? 0.2407 0.1245 0.2486 -0.0569 0.1606  -0.0492 71  GLN A CD  
613 O  OE1 A GLN A 71 ? 0.5859 0.1299 0.4070 -0.1545 0.3038  -0.0624 71  GLN A OE1 
614 O  OE1 B GLN A 71 ? 0.2613 0.1194 0.2509 -0.0383 0.1334  -0.0753 71  GLN A OE1 
615 N  NE2 A GLN A 71 ? 0.3114 0.1193 0.3213 -0.0289 0.0917  -0.0446 71  GLN A NE2 
616 N  NE2 B GLN A 71 ? 0.2162 0.0863 0.2486 -0.0683 0.1494  -0.0912 71  GLN A NE2 
617 N  N   A LYS A 72 ? 0.1230 0.1010 0.1050 0.0042  0.0177  0.0129  72  LYS A N   
618 N  N   B LYS A 72 ? 0.1090 0.0733 0.0976 0.0161  0.0042  0.0184  72  LYS A N   
619 C  CA  A LYS A 72 ? 0.1531 0.0838 0.1103 -0.0193 0.0334  -0.0016 72  LYS A CA  
620 C  CA  B LYS A 72 ? 0.1347 0.1009 0.1013 -0.0023 0.0211  0.0007  72  LYS A CA  
621 C  C   A LYS A 72 ? 0.2005 0.0948 0.1355 -0.0345 0.0505  -0.0218 72  LYS A C   
622 C  C   B LYS A 72 ? 0.1667 0.0931 0.1081 -0.0052 0.0116  -0.0007 72  LYS A C   
623 O  O   A LYS A 72 ? 0.3364 0.1354 0.1297 -0.0427 0.0920  -0.0273 72  LYS A O   
624 O  O   B LYS A 72 ? 0.2312 0.0942 0.1399 0.0054  0.0300  0.0045  72  LYS A O   
625 C  CB  A LYS A 72 ? 0.1626 0.1305 0.0958 -0.0416 0.0519  -0.0208 72  LYS A CB  
626 C  CB  B LYS A 72 ? 0.1502 0.0841 0.1159 -0.0151 0.0232  0.0067  72  LYS A CB  
627 C  CG  A LYS A 72 ? 0.1715 0.0790 0.0881 -0.0241 -0.0112 0.0340  72  LYS A CG  
628 C  CG  B LYS A 72 ? 0.1318 0.1900 0.1822 -0.0234 0.0116  -0.0699 72  LYS A CG  
629 C  CD  A LYS A 72 ? 0.1703 0.0826 0.1360 -0.0070 -0.0267 0.0239  72  LYS A CD  
630 C  CD  B LYS A 72 ? 0.0991 0.1922 0.2382 -0.0074 -0.0152 -0.0683 72  LYS A CD  
631 C  CE  A LYS A 72 ? 0.1002 0.0992 0.1348 -0.0061 0.0273  -0.0015 72  LYS A CE  
632 C  CE  B LYS A 72 ? 0.0986 0.1663 0.2029 -0.0131 0.0512  0.0058  72  LYS A CE  
633 N  NZ  A LYS A 72 ? 0.0693 0.0822 0.1388 -0.0013 0.0385  -0.0092 72  LYS A NZ  
634 N  NZ  B LYS A 72 ? 0.1413 0.3384 0.2781 -0.1144 -0.0565 0.0363  72  LYS A NZ  
635 N  NZ  C LYS A 72 ? 0.0013 0.0818 0.1750 0.0109  0.0102  -0.0022 72  LYS A NZ  
636 N  N   A ALA A 73 ? 0.1830 0.0891 0.1673 -0.0105 0.0700  -0.0281 73  ALA A N   
637 N  N   B ALA A 73 ? 0.1585 0.1134 0.1309 0.0239  -0.0335 0.0039  73  ALA A N   
638 C  CA  A ALA A 73 ? 0.1513 0.1075 0.2144 0.0051  0.0449  -0.0446 73  ALA A CA  
639 C  CA  B ALA A 73 ? 0.1335 0.1641 0.1209 -0.0287 -0.0035 -0.0098 73  ALA A CA  
640 C  C   A ALA A 73 ? 0.1830 0.1777 0.1647 0.0244  0.0572  -0.0648 73  ALA A C   
641 C  C   B ALA A 73 ? 0.1737 0.1577 0.2118 0.0348  -0.0485 -0.0611 73  ALA A C   
642 O  O   A ALA A 73 ? 0.1939 0.1946 0.1371 -0.0481 0.0286  -0.0332 73  ALA A O   
643 O  O   B ALA A 73 ? 0.1303 0.1428 0.2263 0.0005  0.0425  -0.0385 73  ALA A O   
644 C  CB  A ALA A 73 ? 0.1932 0.0845 0.1808 -0.0024 0.0435  -0.0605 73  ALA A CB  
645 C  CB  B ALA A 73 ? 0.1927 0.2175 0.1215 0.0825  0.0289  -0.0060 73  ALA A CB  
646 N  N   A THR A 74 ? 0.3101 0.4360 0.1658 0.0905  0.0975  -0.0452 74  THR A N   
647 N  N   B THR A 74 ? 0.2878 0.2428 0.3547 0.0498  -0.0810 -0.1776 74  THR A N   
648 C  CA  A THR A 74 ? 0.5776 0.4318 0.2126 0.0632  0.0531  -0.1604 74  THR A CA  
649 C  CA  B THR A 74 ? 0.4754 0.2729 0.4265 0.1265  0.0437  -0.1597 74  THR A CA  
650 C  C   A THR A 74 ? 0.4293 0.4463 0.3094 0.0818  0.0925  -0.1331 74  THR A C   
651 C  C   B THR A 74 ? 0.6109 0.3113 0.3744 0.1855  0.0554  -0.1133 74  THR A C   
652 O  O   A THR A 74 ? 0.2185 0.4798 0.4497 -0.0347 0.0751  -0.0412 74  THR A O   
653 O  O   B THR A 74 ? 0.8792 0.3056 0.3947 0.2322  0.0281  -0.1152 74  THR A O   
654 C  CB  A THR A 74 ? 0.5867 0.3717 0.1944 0.0766  0.0515  -0.1117 74  THR A CB  
655 C  CB  B THR A 74 ? 0.3931 0.5167 0.4969 0.2002  0.1409  -0.0368 74  THR A CB  
656 O  OG1 A THR A 74 ? 0.5730 0.5330 0.6158 -0.0666 0.1076  -0.0737 74  THR A OG1 
657 O  OG1 B THR A 74 ? 0.6999 0.5650 0.4735 -0.0246 0.1947  -0.0725 74  THR A OG1 
658 C  CG2 A THR A 74 ? 0.5914 0.6102 0.1926 0.0046  0.0388  -0.0921 74  THR A CG2 
659 C  CG2 B THR A 74 ? 0.5487 0.7601 0.7012 0.2019  -0.0131 0.1397  74  THR A CG2 
660 O  OXT A THR A 74 ? 0.4115 0.4937 0.4972 0.0536  0.0076  0.1426  74  THR A OXT 
661 FE FE1 . SF4 B .  ? 0.0662 0.0686 0.0649 -0.0048 -0.0016 0.0075  75  SF4 A FE1 
662 FE FE2 . SF4 B .  ? 0.0630 0.0685 0.0581 -0.0037 -0.0009 0.0040  75  SF4 A FE2 
663 FE FE3 . SF4 B .  ? 0.0640 0.0697 0.0605 -0.0088 0.0019  0.0067  75  SF4 A FE3 
664 FE FE4 . SF4 B .  ? 0.0700 0.0768 0.0543 -0.0079 0.0009  0.0042  75  SF4 A FE4 
665 S  S1  . SF4 B .  ? 0.0727 0.0713 0.0567 -0.0088 0.0001  0.0038  75  SF4 A S1  
666 S  S2  . SF4 B .  ? 0.0722 0.0814 0.0606 -0.0091 -0.0077 0.0066  75  SF4 A S2  
667 S  S3  . SF4 B .  ? 0.0676 0.0759 0.0622 -0.0080 0.0024  0.0066  75  SF4 A S3  
668 S  S4  . SF4 B .  ? 0.0681 0.0697 0.0650 -0.0078 0.0019  0.0041  75  SF4 A S4  
669 O  O   . HOH C .  ? 0.7303 0.2505 0.4663 0.1294  -0.0024 0.0875  76  HOH A O   
670 O  O   . HOH C .  ? 0.3844 0.6909 0.1892 -0.0797 0.0988  0.0553  77  HOH A O   
671 O  O   . HOH C .  ? 0.2694 0.5470 0.5128 -0.0616 0.0346  -0.3213 78  HOH A O   
672 O  O   . HOH C .  ? 0.1528 0.1900 0.2036 0.0170  -0.0321 0.0862  79  HOH A O   
673 O  O   . HOH C .  ? 0.3372 0.2843 0.6549 0.0213  0.0819  0.3072  80  HOH A O   
674 O  O   . HOH C .  ? 0.5187 0.3095 0.3863 -0.0548 -0.1362 0.0863  81  HOH A O   
675 O  O   . HOH C .  ? 0.5100 0.6155 0.5721 0.1576  0.1416  -0.1793 82  HOH A O   
676 O  O   . HOH C .  ? 0.2459 0.5815 0.2782 0.2593  0.0899  0.0764  83  HOH A O   
677 O  O   . HOH C .  ? 0.2507 0.3535 0.1561 0.0919  -0.0746 0.0421  84  HOH A O   
678 O  O   . HOH C .  ? 0.5795 0.3007 0.5892 -0.1588 -0.0976 -0.1768 85  HOH A O   
679 O  O   . HOH C .  ? 0.5839 0.7953 0.5131 0.0857  0.0462  0.3297  86  HOH A O   
680 O  O   . HOH C .  ? 0.1537 0.0731 0.0970 -0.0097 0.0300  -0.0052 87  HOH A O   
681 O  O   . HOH C .  ? 0.1688 0.2305 0.1540 0.0094  -0.0059 0.0405  88  HOH A O   
682 O  O   . HOH C .  ? 0.1374 0.2131 0.1864 -0.0191 0.0174  0.0764  89  HOH A O   
683 O  O   . HOH C .  ? 0.2091 0.1705 0.4331 -0.0195 -0.0416 -0.0918 90  HOH A O   
684 O  O   . HOH C .  ? 0.3740 0.3913 0.2546 -0.2356 0.1718  -0.2325 91  HOH A O   
685 O  O   . HOH C .  ? 0.2562 0.2898 0.2060 -0.0662 -0.0525 0.1199  92  HOH A O   
686 O  O   . HOH C .  ? 0.2603 0.2147 0.3027 0.0322  0.0289  -0.0034 93  HOH A O   
687 O  O   . HOH C .  ? 0.1981 0.2197 0.2815 0.0551  0.0886  0.0088  94  HOH A O   
688 O  O   . HOH C .  ? 0.2145 0.2108 0.3358 -0.0486 0.0955  -0.0559 95  HOH A O   
689 O  O   . HOH C .  ? 0.3828 0.0948 0.2260 -0.0543 0.0235  -0.0157 96  HOH A O   
690 O  O   . HOH C .  ? 0.1460 0.1313 0.6711 0.0186  0.0593  0.0012  97  HOH A O   
691 O  O   . HOH C .  ? 0.2251 0.3222 0.3385 -0.0969 0.0919  -0.1977 98  HOH A O   
692 O  O   . HOH C .  ? 0.0881 0.0905 0.5260 -0.0189 -0.1246 -0.1162 99  HOH A O   
693 O  O   . HOH C .  ? 0.5217 0.4468 0.2287 0.2633  0.0021  -0.0467 100 HOH A O   
694 O  O   . HOH C .  ? 0.5394 0.3661 0.5440 -0.1941 0.1090  0.1013  101 HOH A O   
695 O  O   . HOH C .  ? 0.4069 0.5325 0.2716 0.0171  0.0318  0.1754  102 HOH A O   
696 O  O   . HOH C .  ? 0.4441 0.4287 0.4337 -0.0354 0.0892  0.0557  103 HOH A O   
697 O  O   . HOH C .  ? 0.5922 0.3654 0.3931 -0.2645 -0.0279 0.1189  104 HOH A O   
698 O  O   . HOH C .  ? 0.2697 0.6019 0.7870 0.0326  0.0714  0.0536  105 HOH A O   
699 O  O   . HOH C .  ? 0.5350 0.4200 0.5967 -0.0012 -0.0333 0.1396  106 HOH A O   
700 O  O   . HOH C .  ? 0.3944 0.3112 0.3379 -0.0916 0.1204  -0.1994 107 HOH A O   
701 O  O   . HOH C .  ? 0.2947 0.7552 0.4372 0.2280  0.1874  0.2018  108 HOH A O   
702 O  O   . HOH C .  ? 0.6150 0.3319 0.4461 -0.2742 -0.0169 -0.0275 109 HOH A O   
703 O  O   . HOH C .  ? 0.6102 0.5756 0.7315 -0.1628 -0.1538 -0.1290 110 HOH A O   
704 O  O   . HOH C .  ? 0.1928 0.1717 0.5383 -0.0009 -0.1071 -0.0363 111 HOH A O   
705 O  O   . HOH C .  ? 0.1561 0.5852 0.5347 -0.0488 0.0264  -0.1071 112 HOH A O   
706 O  O   . HOH C .  ? 0.1643 0.4927 0.4398 0.0935  0.0704  -0.1008 113 HOH A O   
707 O  O   . HOH C .  ? 0.0924 0.1629 0.2258 -0.0889 0.0625  -0.0902 114 HOH A O   
708 O  O   . HOH C .  ? 0.3872 0.2201 0.1848 -0.1078 0.0429  0.0037  115 HOH A O   
709 O  O   . HOH C .  ? 0.0751 0.3180 0.6077 -0.0514 -0.0665 -0.1873 116 HOH A O   
710 O  O   . HOH C .  ? 0.2300 0.3196 0.2814 0.0720  0.0279  0.0084  117 HOH A O   
711 O  O   . HOH C .  ? 0.7488 0.2273 0.4235 -0.0594 0.0138  -0.1162 118 HOH A O   
712 O  O   . HOH C .  ? 0.5430 0.2946 0.1653 0.0230  0.0675  -0.0407 119 HOH A O   
713 O  O   . HOH C .  ? 0.6268 0.1941 0.5232 -0.2171 0.0320  0.0750  120 HOH A O   
714 O  O   . HOH C .  ? 0.1516 0.1719 0.1249 -0.0317 0.0150  0.0243  121 HOH A O   
715 O  O   . HOH C .  ? 0.1668 0.2496 0.2876 -0.0693 0.0096  -0.0440 122 HOH A O   
716 O  O   . HOH C .  ? 0.3122 0.4395 0.3231 -0.1184 -0.2350 0.1846  123 HOH A O   
717 O  O   . HOH C .  ? 0.2408 0.3160 0.5299 0.0093  0.0253  0.1132  124 HOH A O   
718 O  O   . HOH C .  ? 0.4326 0.1295 0.2629 0.0632  0.0337  -0.0302 125 HOH A O   
719 O  O   . HOH C .  ? 0.1668 0.3139 0.2390 0.0351  -0.0109 0.0379  126 HOH A O   
720 O  O   . HOH C .  ? 0.1644 0.3084 0.3976 -0.0446 0.1225  0.0279  127 HOH A O   
721 O  O   . HOH C .  ? 0.3265 0.3136 0.2330 0.1490  -0.0401 -0.0979 128 HOH A O   
722 O  O   . HOH C .  ? 0.3385 0.2179 0.2838 0.1226  0.0453  0.0331  129 HOH A O   
723 O  O   . HOH C .  ? 0.2276 0.4959 0.2446 -0.0790 0.0740  -0.2143 130 HOH A O   
724 O  O   . HOH C .  ? 0.5230 0.2400 0.2164 -0.0225 -0.0379 0.0991  131 HOH A O   
725 O  O   . HOH C .  ? 0.4094 0.4885 0.4846 -0.0480 -0.2982 0.1517  132 HOH A O   
726 O  O   . HOH C .  ? 0.2495 0.2784 0.3127 -0.0630 0.1103  -0.0403 133 HOH A O   
727 O  O   . HOH C .  ? 0.1490 0.3381 0.3798 -0.0258 -0.0594 -0.1740 134 HOH A O   
728 O  O   . HOH C .  ? 0.3219 0.5870 0.3024 0.1079  0.1215  -0.0810 135 HOH A O   
729 O  O   . HOH C .  ? 0.2350 0.5101 0.4914 -0.0550 -0.0647 -0.0162 136 HOH A O   
730 O  O   . HOH C .  ? 0.4552 0.2865 0.3922 -0.1066 -0.0859 -0.0845 137 HOH A O   
731 O  O   . HOH C .  ? 0.5899 0.3772 0.2736 0.1158  -0.1144 0.0201  138 HOH A O   
732 O  O   . HOH C .  ? 0.2923 0.2651 0.3361 -0.0335 -0.0579 -0.0765 139 HOH A O   
733 O  O   . HOH C .  ? 0.4818 0.4539 0.7145 -0.0699 -0.0184 0.0562  140 HOH A O   
734 O  O   . HOH C .  ? 0.0670 0.0816 0.0962 -0.0129 0.0082  -0.0098 141 HOH A O   
735 O  O   . HOH C .  ? 0.0737 0.1339 0.0760 -0.0152 0.0046  -0.0027 142 HOH A O   
736 O  O   . HOH C .  ? 0.1387 0.1198 0.1147 -0.0013 -0.0186 0.0210  143 HOH A O   
737 O  O   . HOH C .  ? 0.1031 0.1168 0.1463 0.0151  -0.0112 0.0048  144 HOH A O   
738 O  O   . HOH C .  ? 0.1283 0.1062 0.1283 -0.0201 -0.0045 0.0355  145 HOH A O   
739 O  O   . HOH C .  ? 0.1707 0.1415 0.1193 0.0017  -0.0578 -0.0132 146 HOH A O   
740 O  O   . HOH C .  ? 0.1052 0.1729 0.1481 -0.0065 -0.0289 -0.0440 147 HOH A O   
741 O  O   . HOH C .  ? 0.2099 0.2005 0.1811 -0.0732 0.0543  -0.0777 148 HOH A O   
742 O  O   . HOH C .  ? 0.1455 0.1080 0.1532 -0.0286 -0.0428 -0.0299 149 HOH A O   
743 O  O   . HOH C .  ? 0.2020 0.1206 0.1137 -0.0529 0.0457  -0.0276 150 HOH A O   
744 O  O   . HOH C .  ? 0.1199 0.2039 0.1487 0.0338  0.0389  0.0061  151 HOH A O   
745 O  O   . HOH C .  ? 0.1097 0.1582 0.0838 0.0134  0.0206  -0.0059 152 HOH A O   
746 O  O   . HOH C .  ? 0.1538 0.1277 0.1751 0.0246  0.0646  0.0156  153 HOH A O   
747 O  O   . HOH C .  ? 0.1363 0.2142 0.1719 -0.0213 -0.0260 -0.0019 154 HOH A O   
748 O  O   . HOH C .  ? 0.1335 0.1596 0.1958 -0.0079 0.0391  -0.0686 155 HOH A O   
749 O  O   . HOH C .  ? 0.0947 0.1850 0.1552 -0.0179 0.0024  -0.0555 156 HOH A O   
750 O  O   . HOH C .  ? 0.1411 0.1894 0.1364 0.0522  -0.0072 0.0064  157 HOH A O   
751 O  O   . HOH C .  ? 0.2135 0.2370 0.1077 0.1097  -0.0545 -0.0347 158 HOH A O   
752 O  O   . HOH C .  ? 0.3493 0.1562 0.1738 0.0040  -0.0380 0.0087  159 HOH A O   
753 O  O   . HOH C .  ? 0.2095 0.1267 0.1156 0.0416  0.0185  -0.0056 160 HOH A O   
754 O  O   . HOH C .  ? 0.1502 0.1442 0.1241 0.0192  0.0390  0.0345  161 HOH A O   
755 O  O   . HOH C .  ? 0.2530 0.1430 0.1662 -0.0565 0.0440  -0.0025 162 HOH A O   
756 O  O   . HOH C .  ? 0.2274 0.2414 0.1749 -0.1310 -0.0062 -0.0337 163 HOH A O   
757 O  O   . HOH C .  ? 0.1511 0.1976 0.1841 -0.0522 0.0396  -0.0372 164 HOH A O   
758 O  O   . HOH C .  ? 0.1149 0.1523 0.1424 -0.0214 0.0038  -0.0060 165 HOH A O   
759 O  O   . HOH C .  ? 0.1162 0.1609 0.1397 0.0065  -0.0001 -0.0059 166 HOH A O   
760 O  O   . HOH C .  ? 0.2027 0.1951 0.1681 -0.0721 -0.0850 0.0607  167 HOH A O   
761 O  O   . HOH C .  ? 0.5967 0.1445 0.0954 -0.0792 0.0099  0.0258  168 HOH A O   
762 O  O   . HOH C .  ? 0.2803 0.1802 0.1152 -0.0516 0.0965  -0.0238 169 HOH A O   
763 O  O   . HOH C .  ? 0.1087 0.1471 0.2766 0.0262  -0.0209 0.0213  170 HOH A O   
764 O  O   . HOH C .  ? 0.1823 0.1906 0.1579 0.0189  0.0716  0.0112  171 HOH A O   
765 O  O   . HOH C .  ? 0.3099 0.2587 0.1818 0.0485  0.0041  -0.0650 172 HOH A O   
766 O  O   . HOH C .  ? 0.2712 0.3179 0.2376 -0.1159 -0.0465 0.0205  173 HOH A O   
767 O  O   . HOH C .  ? 0.3140 0.1992 0.2346 -0.0796 -0.0653 0.0197  174 HOH A O   
768 O  O   . HOH C .  ? 0.2215 0.2035 0.2224 0.0018  0.0586  0.0057  175 HOH A O   
769 O  O   . HOH C .  ? 0.1803 0.1568 0.3922 0.0204  0.1222  0.1280  176 HOH A O   
770 O  O   . HOH C .  ? 0.2351 0.2419 0.3298 0.0936  -0.1233 -0.0979 177 HOH A O   
771 O  O   . HOH C .  ? 0.1183 0.1896 0.3708 -0.0469 -0.0653 0.1688  178 HOH A O   
772 O  O   . HOH C .  ? 0.1026 0.2849 0.2144 0.0823  0.0006  -0.0097 179 HOH A O   
773 O  O   . HOH C .  ? 0.3610 0.2588 0.3773 0.0746  -0.0606 -0.2196 180 HOH A O   
774 O  O   . HOH C .  ? 0.2052 0.3845 0.2757 -0.0984 0.0391  -0.1060 181 HOH A O   
775 O  O   . HOH C .  ? 0.4408 0.2178 0.3266 -0.1463 -0.0485 0.0690  182 HOH A O   
776 O  O   . HOH C .  ? 0.2924 0.2931 0.1333 -0.0917 0.0406  0.0182  183 HOH A O   
777 O  O   . HOH C .  ? 0.1263 0.1725 0.2121 -0.0035 0.0308  0.0071  184 HOH A O   
778 O  O   . HOH C .  ? 0.2144 0.4580 0.1634 0.1107  0.0656  0.0715  185 HOH A O   
779 O  O   . HOH C .  ? 0.2775 0.1854 0.1402 -0.0316 0.0395  -0.0205 186 HOH A O   
780 O  O   . HOH C .  ? 0.1368 0.4703 0.2548 -0.0752 -0.1001 0.1287  187 HOH A O   
781 O  O   . HOH C .  ? 0.1178 0.0852 0.4007 -0.0635 -0.1961 0.0738  188 HOH A O   
782 O  O   . HOH C .  ? 0.3315 0.2683 0.6258 -0.0331 -0.1331 0.1549  189 HOH A O   
783 O  O   . HOH C .  ? 0.4777 0.6364 0.1439 -0.1124 -0.0379 -0.0412 190 HOH A O   
784 O  O   . HOH C .  ? 0.5249 0.3226 0.2253 0.1733  0.1444  0.1052  191 HOH A O   
785 O  O   . HOH C .  ? 0.2361 0.4026 0.1495 -0.1051 0.0436  -0.0667 192 HOH A O   
786 O  O   . HOH C .  ? 0.2827 0.3437 0.2075 -0.0726 0.0089  0.1179  193 HOH A O   
787 O  O   . HOH C .  ? 0.2207 0.2289 0.2966 -0.0755 0.0009  -0.0569 194 HOH A O   
788 O  O   . HOH C .  ? 0.5894 0.1683 0.1983 -0.0192 0.1103  0.0055  195 HOH A O   
789 O  O   . HOH C .  ? 0.1192 0.2605 0.1823 0.0002  0.0024  0.0321  196 HOH A O   
790 O  O   . HOH C .  ? 0.2452 0.1695 0.2880 0.0350  -0.0284 0.0335  197 HOH A O   
791 O  O   . HOH C .  ? 0.0773 0.2662 0.4609 0.0745  -0.1501 -0.1347 198 HOH A O   
792 O  O   . HOH C .  ? 0.3364 0.3498 0.2525 0.1104  0.0941  0.0876  199 HOH A O   
793 O  O   . HOH C .  ? 0.3633 0.2025 0.2177 -0.1022 -0.0236 0.0218  200 HOH A O   
794 O  O   . HOH C .  ? 0.2599 0.2881 0.2539 0.0600  0.0384  0.0518  201 HOH A O   
795 O  O   . HOH C .  ? 0.3713 0.5099 0.2628 -0.1460 0.0603  0.1582  202 HOH A O   
796 O  O   . HOH C .  ? 0.2932 0.4469 0.4462 -0.0455 -0.0178 -0.1394 203 HOH A O   
797 O  O   . HOH C .  ? 0.1882 0.2782 0.2049 0.0732  -0.0220 0.0148  204 HOH A O   
798 O  O   . HOH C .  ? 0.8214 0.4317 0.1303 0.3370  -0.0213 0.0073  205 HOH A O   
799 O  O   . HOH C .  ? 0.2587 0.3083 0.5343 0.0426  0.0545  0.1161  206 HOH A O   
800 O  O   . HOH C .  ? 0.1497 0.3814 0.1261 0.1036  0.0155  -0.1274 207 HOH A O   
801 O  O   . HOH C .  ? 0.3941 0.2858 0.2553 0.1622  0.0001  -0.0027 208 HOH A O   
802 O  O   . HOH C .  ? 0.3317 0.2597 0.5147 0.0100  -0.0417 0.1326  209 HOH A O   
803 O  O   . HOH C .  ? 0.3823 0.3529 0.2087 -0.0479 0.0766  -0.1120 210 HOH A O   
804 O  O   . HOH C .  ? 0.1651 0.2353 0.5621 0.0567  0.1587  0.1033  211 HOH A O   
805 O  O   . HOH C .  ? 0.5444 0.2139 0.2543 0.0191  0.1165  0.0217  212 HOH A O   
806 O  O   . HOH C .  ? 0.3564 0.5734 0.1616 -0.0007 0.1023  0.0867  213 HOH A O   
807 O  O   . HOH C .  ? 0.3165 0.3509 0.2323 0.0805  0.0533  0.0286  214 HOH A O   
808 O  O   . HOH C .  ? 0.3127 0.3073 0.3393 0.0906  0.1739  0.1629  215 HOH A O   
# 
